data_2RDP
# 
_entry.id   2RDP 
# 
_audit_conform.dict_name       mmcif_pdbx.dic 
_audit_conform.dict_version    5.403 
_audit_conform.dict_location   http://mmcif.pdb.org/dictionaries/ascii/mmcif_pdbx.dic 
# 
loop_
_database_2.database_id 
_database_2.database_code 
_database_2.pdbx_database_accession 
_database_2.pdbx_DOI 
PDB   2RDP         pdb_00002rdp 10.2210/pdb2rdp/pdb 
RCSB  RCSB044736   ?            ?                   
WWPDB D_1000044736 ?            ?                   
# 
loop_
_pdbx_audit_revision_history.ordinal 
_pdbx_audit_revision_history.data_content_type 
_pdbx_audit_revision_history.major_revision 
_pdbx_audit_revision_history.minor_revision 
_pdbx_audit_revision_history.revision_date 
_pdbx_audit_revision_history.part_number 
1 'Structure model' 1 0 2007-11-13 ? 
2 'Structure model' 1 1 2011-07-13 ? 
3 'Structure model' 1 2 2017-10-25 ? 
4 'Structure model' 1 3 2025-03-26 ? 
# 
_pdbx_audit_revision_details.ordinal             1 
_pdbx_audit_revision_details.revision_ordinal    1 
_pdbx_audit_revision_details.data_content_type   'Structure model' 
_pdbx_audit_revision_details.provider            repository 
_pdbx_audit_revision_details.type                'Initial release' 
_pdbx_audit_revision_details.description         ? 
_pdbx_audit_revision_details.details             ? 
# 
loop_
_pdbx_audit_revision_group.ordinal 
_pdbx_audit_revision_group.revision_ordinal 
_pdbx_audit_revision_group.data_content_type 
_pdbx_audit_revision_group.group 
1 2 'Structure model' Advisory                    
2 2 'Structure model' 'Version format compliance' 
3 3 'Structure model' 'Refinement description'    
4 4 'Structure model' 'Data collection'           
5 4 'Structure model' 'Database references'       
6 4 'Structure model' 'Derived calculations'      
7 4 'Structure model' 'Structure summary'         
# 
loop_
_pdbx_audit_revision_category.ordinal 
_pdbx_audit_revision_category.revision_ordinal 
_pdbx_audit_revision_category.data_content_type 
_pdbx_audit_revision_category.category 
1 3 'Structure model' software                  
2 4 'Structure model' chem_comp_atom            
3 4 'Structure model' chem_comp_bond            
4 4 'Structure model' database_2                
5 4 'Structure model' pdbx_entry_details        
6 4 'Structure model' pdbx_modification_feature 
7 4 'Structure model' struct_conn               
8 4 'Structure model' struct_conn_type          
9 4 'Structure model' struct_site               
# 
loop_
_pdbx_audit_revision_item.ordinal 
_pdbx_audit_revision_item.revision_ordinal 
_pdbx_audit_revision_item.data_content_type 
_pdbx_audit_revision_item.item 
1  4 'Structure model' '_database_2.pdbx_DOI'                
2  4 'Structure model' '_database_2.pdbx_database_accession' 
3  4 'Structure model' '_struct_conn.conn_type_id'           
4  4 'Structure model' '_struct_conn.id'                     
5  4 'Structure model' '_struct_conn.pdbx_dist_value'        
6  4 'Structure model' '_struct_conn.pdbx_leaving_atom_flag' 
7  4 'Structure model' '_struct_conn.ptnr1_auth_comp_id'     
8  4 'Structure model' '_struct_conn.ptnr1_auth_seq_id'      
9  4 'Structure model' '_struct_conn.ptnr1_label_atom_id'    
10 4 'Structure model' '_struct_conn.ptnr1_label_comp_id'    
11 4 'Structure model' '_struct_conn.ptnr1_label_seq_id'     
12 4 'Structure model' '_struct_conn.ptnr2_auth_comp_id'     
13 4 'Structure model' '_struct_conn.ptnr2_auth_seq_id'      
14 4 'Structure model' '_struct_conn.ptnr2_label_asym_id'    
15 4 'Structure model' '_struct_conn.ptnr2_label_atom_id'    
16 4 'Structure model' '_struct_conn.ptnr2_label_comp_id'    
17 4 'Structure model' '_struct_conn.ptnr2_label_seq_id'     
18 4 'Structure model' '_struct_conn_type.id'                
19 4 'Structure model' '_struct_site.pdbx_auth_asym_id'      
20 4 'Structure model' '_struct_site.pdbx_auth_comp_id'      
21 4 'Structure model' '_struct_site.pdbx_auth_seq_id'       
# 
_pdbx_database_status.entry_id                        2RDP 
_pdbx_database_status.deposit_site                    RCSB 
_pdbx_database_status.process_site                    RCSB 
_pdbx_database_status.recvd_initial_deposition_date   2007-09-24 
_pdbx_database_status.status_code                     REL 
_pdbx_database_status.status_code_sf                  REL 
_pdbx_database_status.status_code_mr                  ? 
_pdbx_database_status.SG_entry                        Y 
_pdbx_database_status.pdb_format_compatible           Y 
_pdbx_database_status.status_code_cs                  ? 
_pdbx_database_status.methods_development_category    ? 
_pdbx_database_status.status_code_nmr_data            ? 
# 
_pdbx_database_related.db_name        TargetDB 
_pdbx_database_related.db_id          APC35941 
_pdbx_database_related.details        . 
_pdbx_database_related.content_type   unspecified 
# 
loop_
_audit_author.name 
_audit_author.pdbx_ordinal 
'Cuff, M.E.'                                    1 
'Duggan, E.'                                    2 
'Dementieva, I.'                                3 
'Moy, S.'                                       4 
'Joachimiak, A.'                                5 
'Midwest Center for Structural Genomics (MCSG)' 6 
# 
_citation.id                        primary 
_citation.title                     'The structure of a MarR family protein from Bacillus stearothermophilus.' 
_citation.journal_abbrev            'TO BE PUBLISHED' 
_citation.journal_volume            ? 
_citation.page_first                ? 
_citation.page_last                 ? 
_citation.year                      ? 
_citation.journal_id_ASTM           ? 
_citation.country                   ? 
_citation.journal_id_ISSN           ? 
_citation.journal_id_CSD            0353 
_citation.book_publisher            ? 
_citation.pdbx_database_id_PubMed   ? 
_citation.pdbx_database_id_DOI      ? 
# 
loop_
_citation_author.citation_id 
_citation_author.name 
_citation_author.ordinal 
_citation_author.identifier_ORCID 
primary 'Cuff, M.E.'     1 ? 
primary 'Duggan, E.'     2 ? 
primary 'Dementieva, I.' 3 ? 
primary 'Moy, S.'        4 ? 
primary 'Joachimiak, A.' 5 ? 
# 
loop_
_entity.id 
_entity.type 
_entity.src_method 
_entity.pdbx_description 
_entity.formula_weight 
_entity.pdbx_number_of_molecules 
_entity.pdbx_ec 
_entity.pdbx_mutation 
_entity.pdbx_fragment 
_entity.details 
1 polymer     man 'putative transcriptional regulator MarR' 17801.662 1  ? ? ? ? 
2 non-polymer syn 'SODIUM ION'                              22.990    1  ? ? ? ? 
3 non-polymer syn 'PHOSPHATE ION'                           94.971    2  ? ? ? ? 
4 non-polymer syn BETA-MERCAPTOETHANOL                      78.133    2  ? ? ? ? 
5 water       nat water                                     18.015    78 ? ? ? ? 
# 
_entity_poly.entity_id                      1 
_entity_poly.type                           'polypeptide(L)' 
_entity_poly.nstd_linkage                   no 
_entity_poly.nstd_monomer                   yes 
_entity_poly.pdbx_seq_one_letter_code       
;SNA(MSE)PSA(MSE)NERTVAELEKLLRYIAANLKQRGREILTNYPITPPQFVALQWLLEEGDLTVGELSNK(MSE)YL
ACSTTTDLVDR(MSE)ERNGLVARVRDEHDRRVVRIRLLEKGERIIEEVIEKRQRDLANVLESFSDEEIVVFERCLRKLH
QE(MSE)TKE
;
_entity_poly.pdbx_seq_one_letter_code_can   
;SNAMPSAMNERTVAELEKLLRYIAANLKQRGREILTNYPITPPQFVALQWLLEEGDLTVGELSNKMYLACSTTTDLVDRM
ERNGLVARVRDEHDRRVVRIRLLEKGERIIEEVIEKRQRDLANVLESFSDEEIVVFERCLRKLHQEMTKE
;
_entity_poly.pdbx_strand_id                 A 
_entity_poly.pdbx_target_identifier         APC35941 
# 
loop_
_pdbx_entity_nonpoly.entity_id 
_pdbx_entity_nonpoly.name 
_pdbx_entity_nonpoly.comp_id 
2 'SODIUM ION'         NA  
3 'PHOSPHATE ION'      PO4 
4 BETA-MERCAPTOETHANOL BME 
5 water                HOH 
# 
loop_
_entity_poly_seq.entity_id 
_entity_poly_seq.num 
_entity_poly_seq.mon_id 
_entity_poly_seq.hetero 
1 1   SER n 
1 2   ASN n 
1 3   ALA n 
1 4   MSE n 
1 5   PRO n 
1 6   SER n 
1 7   ALA n 
1 8   MSE n 
1 9   ASN n 
1 10  GLU n 
1 11  ARG n 
1 12  THR n 
1 13  VAL n 
1 14  ALA n 
1 15  GLU n 
1 16  LEU n 
1 17  GLU n 
1 18  LYS n 
1 19  LEU n 
1 20  LEU n 
1 21  ARG n 
1 22  TYR n 
1 23  ILE n 
1 24  ALA n 
1 25  ALA n 
1 26  ASN n 
1 27  LEU n 
1 28  LYS n 
1 29  GLN n 
1 30  ARG n 
1 31  GLY n 
1 32  ARG n 
1 33  GLU n 
1 34  ILE n 
1 35  LEU n 
1 36  THR n 
1 37  ASN n 
1 38  TYR n 
1 39  PRO n 
1 40  ILE n 
1 41  THR n 
1 42  PRO n 
1 43  PRO n 
1 44  GLN n 
1 45  PHE n 
1 46  VAL n 
1 47  ALA n 
1 48  LEU n 
1 49  GLN n 
1 50  TRP n 
1 51  LEU n 
1 52  LEU n 
1 53  GLU n 
1 54  GLU n 
1 55  GLY n 
1 56  ASP n 
1 57  LEU n 
1 58  THR n 
1 59  VAL n 
1 60  GLY n 
1 61  GLU n 
1 62  LEU n 
1 63  SER n 
1 64  ASN n 
1 65  LYS n 
1 66  MSE n 
1 67  TYR n 
1 68  LEU n 
1 69  ALA n 
1 70  CYS n 
1 71  SER n 
1 72  THR n 
1 73  THR n 
1 74  THR n 
1 75  ASP n 
1 76  LEU n 
1 77  VAL n 
1 78  ASP n 
1 79  ARG n 
1 80  MSE n 
1 81  GLU n 
1 82  ARG n 
1 83  ASN n 
1 84  GLY n 
1 85  LEU n 
1 86  VAL n 
1 87  ALA n 
1 88  ARG n 
1 89  VAL n 
1 90  ARG n 
1 91  ASP n 
1 92  GLU n 
1 93  HIS n 
1 94  ASP n 
1 95  ARG n 
1 96  ARG n 
1 97  VAL n 
1 98  VAL n 
1 99  ARG n 
1 100 ILE n 
1 101 ARG n 
1 102 LEU n 
1 103 LEU n 
1 104 GLU n 
1 105 LYS n 
1 106 GLY n 
1 107 GLU n 
1 108 ARG n 
1 109 ILE n 
1 110 ILE n 
1 111 GLU n 
1 112 GLU n 
1 113 VAL n 
1 114 ILE n 
1 115 GLU n 
1 116 LYS n 
1 117 ARG n 
1 118 GLN n 
1 119 ARG n 
1 120 ASP n 
1 121 LEU n 
1 122 ALA n 
1 123 ASN n 
1 124 VAL n 
1 125 LEU n 
1 126 GLU n 
1 127 SER n 
1 128 PHE n 
1 129 SER n 
1 130 ASP n 
1 131 GLU n 
1 132 GLU n 
1 133 ILE n 
1 134 VAL n 
1 135 VAL n 
1 136 PHE n 
1 137 GLU n 
1 138 ARG n 
1 139 CYS n 
1 140 LEU n 
1 141 ARG n 
1 142 LYS n 
1 143 LEU n 
1 144 HIS n 
1 145 GLN n 
1 146 GLU n 
1 147 MSE n 
1 148 THR n 
1 149 LYS n 
1 150 GLU n 
# 
_entity_src_gen.entity_id                          1 
_entity_src_gen.pdbx_src_id                        1 
_entity_src_gen.pdbx_alt_source_flag               sample 
_entity_src_gen.pdbx_seq_type                      ? 
_entity_src_gen.pdbx_beg_seq_num                   ? 
_entity_src_gen.pdbx_end_seq_num                   ? 
_entity_src_gen.gene_src_common_name               ? 
_entity_src_gen.gene_src_genus                     Geobacillus 
_entity_src_gen.pdbx_gene_src_gene                 RBSTP1228 
_entity_src_gen.gene_src_species                   ? 
_entity_src_gen.gene_src_strain                    ? 
_entity_src_gen.gene_src_tissue                    ? 
_entity_src_gen.gene_src_tissue_fraction           ? 
_entity_src_gen.gene_src_details                   ? 
_entity_src_gen.pdbx_gene_src_fragment             ? 
_entity_src_gen.pdbx_gene_src_scientific_name      'Geobacillus stearothermophilus' 
_entity_src_gen.pdbx_gene_src_ncbi_taxonomy_id     1422 
_entity_src_gen.pdbx_gene_src_variant              ? 
_entity_src_gen.pdbx_gene_src_cell_line            ? 
_entity_src_gen.pdbx_gene_src_atcc                 ? 
_entity_src_gen.pdbx_gene_src_organ                ? 
_entity_src_gen.pdbx_gene_src_organelle            ? 
_entity_src_gen.pdbx_gene_src_cell                 ? 
_entity_src_gen.pdbx_gene_src_cellular_location    ? 
_entity_src_gen.host_org_common_name               ? 
_entity_src_gen.pdbx_host_org_scientific_name      'Escherichia coli BL21(DE3)' 
_entity_src_gen.pdbx_host_org_ncbi_taxonomy_id     469008 
_entity_src_gen.host_org_genus                     Escherichia 
_entity_src_gen.pdbx_host_org_gene                 ? 
_entity_src_gen.pdbx_host_org_organ                ? 
_entity_src_gen.host_org_species                   'Escherichia coli' 
_entity_src_gen.pdbx_host_org_tissue               ? 
_entity_src_gen.pdbx_host_org_tissue_fraction      ? 
_entity_src_gen.pdbx_host_org_strain               'BL21(DE3)' 
_entity_src_gen.pdbx_host_org_variant              ? 
_entity_src_gen.pdbx_host_org_cell_line            ? 
_entity_src_gen.pdbx_host_org_atcc                 ? 
_entity_src_gen.pdbx_host_org_culture_collection   ? 
_entity_src_gen.pdbx_host_org_cell                 ? 
_entity_src_gen.pdbx_host_org_organelle            ? 
_entity_src_gen.pdbx_host_org_cellular_location    ? 
_entity_src_gen.pdbx_host_org_vector_type          Plasmid 
_entity_src_gen.pdbx_host_org_vector               ? 
_entity_src_gen.host_org_details                   ? 
_entity_src_gen.expression_system_id               ? 
_entity_src_gen.plasmid_name                       pMCSG7 
_entity_src_gen.plasmid_details                    ? 
_entity_src_gen.pdbx_description                   ? 
# 
loop_
_chem_comp.id 
_chem_comp.type 
_chem_comp.mon_nstd_flag 
_chem_comp.name 
_chem_comp.pdbx_synonyms 
_chem_comp.formula 
_chem_comp.formula_weight 
ALA 'L-peptide linking' y ALANINE              ? 'C3 H7 N O2'     89.093  
ARG 'L-peptide linking' y ARGININE             ? 'C6 H15 N4 O2 1' 175.209 
ASN 'L-peptide linking' y ASPARAGINE           ? 'C4 H8 N2 O3'    132.118 
ASP 'L-peptide linking' y 'ASPARTIC ACID'      ? 'C4 H7 N O4'     133.103 
BME non-polymer         . BETA-MERCAPTOETHANOL ? 'C2 H6 O S'      78.133  
CYS 'L-peptide linking' y CYSTEINE             ? 'C3 H7 N O2 S'   121.158 
GLN 'L-peptide linking' y GLUTAMINE            ? 'C5 H10 N2 O3'   146.144 
GLU 'L-peptide linking' y 'GLUTAMIC ACID'      ? 'C5 H9 N O4'     147.129 
GLY 'peptide linking'   y GLYCINE              ? 'C2 H5 N O2'     75.067  
HIS 'L-peptide linking' y HISTIDINE            ? 'C6 H10 N3 O2 1' 156.162 
HOH non-polymer         . WATER                ? 'H2 O'           18.015  
ILE 'L-peptide linking' y ISOLEUCINE           ? 'C6 H13 N O2'    131.173 
LEU 'L-peptide linking' y LEUCINE              ? 'C6 H13 N O2'    131.173 
LYS 'L-peptide linking' y LYSINE               ? 'C6 H15 N2 O2 1' 147.195 
MSE 'L-peptide linking' n SELENOMETHIONINE     ? 'C5 H11 N O2 Se' 196.106 
NA  non-polymer         . 'SODIUM ION'         ? 'Na 1'           22.990  
PHE 'L-peptide linking' y PHENYLALANINE        ? 'C9 H11 N O2'    165.189 
PO4 non-polymer         . 'PHOSPHATE ION'      ? 'O4 P -3'        94.971  
PRO 'L-peptide linking' y PROLINE              ? 'C5 H9 N O2'     115.130 
SER 'L-peptide linking' y SERINE               ? 'C3 H7 N O3'     105.093 
THR 'L-peptide linking' y THREONINE            ? 'C4 H9 N O3'     119.119 
TRP 'L-peptide linking' y TRYPTOPHAN           ? 'C11 H12 N2 O2'  204.225 
TYR 'L-peptide linking' y TYROSINE             ? 'C9 H11 N O3'    181.189 
VAL 'L-peptide linking' y VALINE               ? 'C5 H11 N O2'    117.146 
# 
loop_
_pdbx_poly_seq_scheme.asym_id 
_pdbx_poly_seq_scheme.entity_id 
_pdbx_poly_seq_scheme.seq_id 
_pdbx_poly_seq_scheme.mon_id 
_pdbx_poly_seq_scheme.ndb_seq_num 
_pdbx_poly_seq_scheme.pdb_seq_num 
_pdbx_poly_seq_scheme.auth_seq_num 
_pdbx_poly_seq_scheme.pdb_mon_id 
_pdbx_poly_seq_scheme.auth_mon_id 
_pdbx_poly_seq_scheme.pdb_strand_id 
_pdbx_poly_seq_scheme.pdb_ins_code 
_pdbx_poly_seq_scheme.hetero 
A 1 1   SER 1   -2  ?   ?   ?   A . n 
A 1 2   ASN 2   -1  ?   ?   ?   A . n 
A 1 3   ALA 3   0   ?   ?   ?   A . n 
A 1 4   MSE 4   1   ?   ?   ?   A . n 
A 1 5   PRO 5   2   ?   ?   ?   A . n 
A 1 6   SER 6   3   ?   ?   ?   A . n 
A 1 7   ALA 7   4   4   ALA ALA A . n 
A 1 8   MSE 8   5   5   MSE MSE A . n 
A 1 9   ASN 9   6   6   ASN ASN A . n 
A 1 10  GLU 10  7   7   GLU GLU A . n 
A 1 11  ARG 11  8   8   ARG ARG A . n 
A 1 12  THR 12  9   9   THR THR A . n 
A 1 13  VAL 13  10  10  VAL VAL A . n 
A 1 14  ALA 14  11  11  ALA ALA A . n 
A 1 15  GLU 15  12  12  GLU GLU A . n 
A 1 16  LEU 16  13  13  LEU LEU A . n 
A 1 17  GLU 17  14  14  GLU GLU A . n 
A 1 18  LYS 18  15  15  LYS LYS A . n 
A 1 19  LEU 19  16  16  LEU LEU A . n 
A 1 20  LEU 20  17  17  LEU LEU A . n 
A 1 21  ARG 21  18  18  ARG ARG A . n 
A 1 22  TYR 22  19  19  TYR TYR A . n 
A 1 23  ILE 23  20  20  ILE ILE A . n 
A 1 24  ALA 24  21  21  ALA ALA A . n 
A 1 25  ALA 25  22  22  ALA ALA A . n 
A 1 26  ASN 26  23  23  ASN ASN A . n 
A 1 27  LEU 27  24  24  LEU LEU A . n 
A 1 28  LYS 28  25  25  LYS LYS A . n 
A 1 29  GLN 29  26  26  GLN GLN A . n 
A 1 30  ARG 30  27  27  ARG ARG A . n 
A 1 31  GLY 31  28  28  GLY GLY A . n 
A 1 32  ARG 32  29  29  ARG ARG A . n 
A 1 33  GLU 33  30  30  GLU GLU A . n 
A 1 34  ILE 34  31  31  ILE ILE A . n 
A 1 35  LEU 35  32  32  LEU LEU A . n 
A 1 36  THR 36  33  33  THR THR A . n 
A 1 37  ASN 37  34  34  ASN ASN A . n 
A 1 38  TYR 38  35  35  TYR TYR A . n 
A 1 39  PRO 39  36  36  PRO PRO A . n 
A 1 40  ILE 40  37  37  ILE ILE A . n 
A 1 41  THR 41  38  38  THR THR A . n 
A 1 42  PRO 42  39  39  PRO PRO A . n 
A 1 43  PRO 43  40  40  PRO PRO A . n 
A 1 44  GLN 44  41  41  GLN GLN A . n 
A 1 45  PHE 45  42  42  PHE PHE A . n 
A 1 46  VAL 46  43  43  VAL VAL A . n 
A 1 47  ALA 47  44  44  ALA ALA A . n 
A 1 48  LEU 48  45  45  LEU LEU A . n 
A 1 49  GLN 49  46  46  GLN GLN A . n 
A 1 50  TRP 50  47  47  TRP TRP A . n 
A 1 51  LEU 51  48  48  LEU LEU A . n 
A 1 52  LEU 52  49  49  LEU LEU A . n 
A 1 53  GLU 53  50  50  GLU GLU A . n 
A 1 54  GLU 54  51  51  GLU GLU A . n 
A 1 55  GLY 55  52  52  GLY GLY A . n 
A 1 56  ASP 56  53  53  ASP ASP A . n 
A 1 57  LEU 57  54  54  LEU LEU A . n 
A 1 58  THR 58  55  55  THR THR A . n 
A 1 59  VAL 59  56  56  VAL VAL A . n 
A 1 60  GLY 60  57  57  GLY GLY A . n 
A 1 61  GLU 61  58  58  GLU GLU A . n 
A 1 62  LEU 62  59  59  LEU LEU A . n 
A 1 63  SER 63  60  60  SER SER A . n 
A 1 64  ASN 64  61  61  ASN ASN A . n 
A 1 65  LYS 65  62  62  LYS LYS A . n 
A 1 66  MSE 66  63  63  MSE MSE A . n 
A 1 67  TYR 67  64  64  TYR TYR A . n 
A 1 68  LEU 68  65  65  LEU LEU A . n 
A 1 69  ALA 69  66  66  ALA ALA A . n 
A 1 70  CYS 70  67  67  CYS CYS A . n 
A 1 71  SER 71  68  68  SER SER A . n 
A 1 72  THR 72  69  69  THR THR A . n 
A 1 73  THR 73  70  70  THR THR A . n 
A 1 74  THR 74  71  71  THR THR A . n 
A 1 75  ASP 75  72  72  ASP ASP A . n 
A 1 76  LEU 76  73  73  LEU LEU A . n 
A 1 77  VAL 77  74  74  VAL VAL A . n 
A 1 78  ASP 78  75  75  ASP ASP A . n 
A 1 79  ARG 79  76  76  ARG ARG A . n 
A 1 80  MSE 80  77  77  MSE MSE A . n 
A 1 81  GLU 81  78  78  GLU GLU A . n 
A 1 82  ARG 82  79  79  ARG ARG A . n 
A 1 83  ASN 83  80  80  ASN ASN A . n 
A 1 84  GLY 84  81  81  GLY GLY A . n 
A 1 85  LEU 85  82  82  LEU LEU A . n 
A 1 86  VAL 86  83  83  VAL VAL A . n 
A 1 87  ALA 87  84  84  ALA ALA A . n 
A 1 88  ARG 88  85  85  ARG ARG A . n 
A 1 89  VAL 89  86  86  VAL VAL A . n 
A 1 90  ARG 90  87  87  ARG ARG A . n 
A 1 91  ASP 91  88  88  ASP ASP A . n 
A 1 92  GLU 92  89  89  GLU GLU A . n 
A 1 93  HIS 93  90  90  HIS HIS A . n 
A 1 94  ASP 94  91  ?   ?   ?   A . n 
A 1 95  ARG 95  92  ?   ?   ?   A . n 
A 1 96  ARG 96  93  ?   ?   ?   A . n 
A 1 97  VAL 97  94  94  VAL VAL A . n 
A 1 98  VAL 98  95  95  VAL VAL A . n 
A 1 99  ARG 99  96  96  ARG ARG A . n 
A 1 100 ILE 100 97  97  ILE ILE A . n 
A 1 101 ARG 101 98  98  ARG ARG A . n 
A 1 102 LEU 102 99  99  LEU LEU A . n 
A 1 103 LEU 103 100 100 LEU LEU A . n 
A 1 104 GLU 104 101 101 GLU GLU A . n 
A 1 105 LYS 105 102 102 LYS LYS A . n 
A 1 106 GLY 106 103 103 GLY GLY A . n 
A 1 107 GLU 107 104 104 GLU GLU A . n 
A 1 108 ARG 108 105 105 ARG ARG A . n 
A 1 109 ILE 109 106 106 ILE ILE A . n 
A 1 110 ILE 110 107 107 ILE ILE A . n 
A 1 111 GLU 111 108 108 GLU GLU A . n 
A 1 112 GLU 112 109 109 GLU GLU A . n 
A 1 113 VAL 113 110 110 VAL VAL A . n 
A 1 114 ILE 114 111 111 ILE ILE A . n 
A 1 115 GLU 115 112 112 GLU GLU A . n 
A 1 116 LYS 116 113 113 LYS LYS A . n 
A 1 117 ARG 117 114 114 ARG ARG A . n 
A 1 118 GLN 118 115 115 GLN GLN A . n 
A 1 119 ARG 119 116 116 ARG ARG A . n 
A 1 120 ASP 120 117 117 ASP ASP A . n 
A 1 121 LEU 121 118 118 LEU LEU A . n 
A 1 122 ALA 122 119 119 ALA ALA A . n 
A 1 123 ASN 123 120 120 ASN ASN A . n 
A 1 124 VAL 124 121 121 VAL VAL A . n 
A 1 125 LEU 125 122 122 LEU LEU A . n 
A 1 126 GLU 126 123 123 GLU GLU A . n 
A 1 127 SER 127 124 124 SER SER A . n 
A 1 128 PHE 128 125 125 PHE PHE A . n 
A 1 129 SER 129 126 126 SER SER A . n 
A 1 130 ASP 130 127 127 ASP ASP A . n 
A 1 131 GLU 131 128 128 GLU GLU A . n 
A 1 132 GLU 132 129 129 GLU GLU A . n 
A 1 133 ILE 133 130 130 ILE ILE A . n 
A 1 134 VAL 134 131 131 VAL VAL A . n 
A 1 135 VAL 135 132 132 VAL VAL A . n 
A 1 136 PHE 136 133 133 PHE PHE A . n 
A 1 137 GLU 137 134 134 GLU GLU A . n 
A 1 138 ARG 138 135 135 ARG ARG A . n 
A 1 139 CYS 139 136 136 CYS CYS A . n 
A 1 140 LEU 140 137 137 LEU LEU A . n 
A 1 141 ARG 141 138 138 ARG ARG A . n 
A 1 142 LYS 142 139 139 LYS LYS A . n 
A 1 143 LEU 143 140 140 LEU LEU A . n 
A 1 144 HIS 144 141 141 HIS HIS A . n 
A 1 145 GLN 145 142 142 GLN GLN A . n 
A 1 146 GLU 146 143 143 GLU GLU A . n 
A 1 147 MSE 147 144 144 MSE MSE A . n 
A 1 148 THR 148 145 145 THR THR A . n 
A 1 149 LYS 149 146 146 LYS LYS A . n 
A 1 150 GLU 150 147 ?   ?   ?   A . n 
# 
loop_
_pdbx_nonpoly_scheme.asym_id 
_pdbx_nonpoly_scheme.entity_id 
_pdbx_nonpoly_scheme.mon_id 
_pdbx_nonpoly_scheme.ndb_seq_num 
_pdbx_nonpoly_scheme.pdb_seq_num 
_pdbx_nonpoly_scheme.auth_seq_num 
_pdbx_nonpoly_scheme.pdb_mon_id 
_pdbx_nonpoly_scheme.auth_mon_id 
_pdbx_nonpoly_scheme.pdb_strand_id 
_pdbx_nonpoly_scheme.pdb_ins_code 
B 2 NA  1  148 1  NA  NA  A . 
C 3 PO4 1  149 1  PO4 PO4 A . 
D 3 PO4 1  150 2  PO4 PO4 A . 
E 4 BME 1  151 1  BME BME A . 
F 4 BME 1  152 2  BME BME A . 
G 5 HOH 1  153 1  HOH HOH A . 
G 5 HOH 2  154 2  HOH HOH A . 
G 5 HOH 3  155 3  HOH HOH A . 
G 5 HOH 4  156 4  HOH HOH A . 
G 5 HOH 5  157 5  HOH HOH A . 
G 5 HOH 6  158 6  HOH HOH A . 
G 5 HOH 7  159 7  HOH HOH A . 
G 5 HOH 8  160 8  HOH HOH A . 
G 5 HOH 9  161 9  HOH HOH A . 
G 5 HOH 10 162 10 HOH HOH A . 
G 5 HOH 11 163 11 HOH HOH A . 
G 5 HOH 12 164 12 HOH HOH A . 
G 5 HOH 13 165 13 HOH HOH A . 
G 5 HOH 14 166 14 HOH HOH A . 
G 5 HOH 15 167 15 HOH HOH A . 
G 5 HOH 16 168 16 HOH HOH A . 
G 5 HOH 17 169 17 HOH HOH A . 
G 5 HOH 18 170 18 HOH HOH A . 
G 5 HOH 19 171 19 HOH HOH A . 
G 5 HOH 20 172 20 HOH HOH A . 
G 5 HOH 21 173 21 HOH HOH A . 
G 5 HOH 22 174 22 HOH HOH A . 
G 5 HOH 23 175 23 HOH HOH A . 
G 5 HOH 24 176 24 HOH HOH A . 
G 5 HOH 25 177 25 HOH HOH A . 
G 5 HOH 26 178 26 HOH HOH A . 
G 5 HOH 27 179 27 HOH HOH A . 
G 5 HOH 28 180 28 HOH HOH A . 
G 5 HOH 29 181 29 HOH HOH A . 
G 5 HOH 30 182 30 HOH HOH A . 
G 5 HOH 31 183 31 HOH HOH A . 
G 5 HOH 32 184 32 HOH HOH A . 
G 5 HOH 33 185 33 HOH HOH A . 
G 5 HOH 34 186 34 HOH HOH A . 
G 5 HOH 35 187 35 HOH HOH A . 
G 5 HOH 36 188 36 HOH HOH A . 
G 5 HOH 37 189 37 HOH HOH A . 
G 5 HOH 38 190 38 HOH HOH A . 
G 5 HOH 39 191 39 HOH HOH A . 
G 5 HOH 40 192 40 HOH HOH A . 
G 5 HOH 41 193 41 HOH HOH A . 
G 5 HOH 42 194 42 HOH HOH A . 
G 5 HOH 43 195 43 HOH HOH A . 
G 5 HOH 44 196 44 HOH HOH A . 
G 5 HOH 45 197 45 HOH HOH A . 
G 5 HOH 46 198 46 HOH HOH A . 
G 5 HOH 47 199 47 HOH HOH A . 
G 5 HOH 48 200 48 HOH HOH A . 
G 5 HOH 49 201 49 HOH HOH A . 
G 5 HOH 50 202 50 HOH HOH A . 
G 5 HOH 51 203 51 HOH HOH A . 
G 5 HOH 52 204 52 HOH HOH A . 
G 5 HOH 53 205 53 HOH HOH A . 
G 5 HOH 54 206 54 HOH HOH A . 
G 5 HOH 55 207 55 HOH HOH A . 
G 5 HOH 56 208 56 HOH HOH A . 
G 5 HOH 57 209 57 HOH HOH A . 
G 5 HOH 58 210 58 HOH HOH A . 
G 5 HOH 59 211 59 HOH HOH A . 
G 5 HOH 60 212 60 HOH HOH A . 
G 5 HOH 61 213 61 HOH HOH A . 
G 5 HOH 62 214 62 HOH HOH A . 
G 5 HOH 63 215 63 HOH HOH A . 
G 5 HOH 64 216 64 HOH HOH A . 
G 5 HOH 65 217 65 HOH HOH A . 
G 5 HOH 66 218 66 HOH HOH A . 
G 5 HOH 67 219 67 HOH HOH A . 
G 5 HOH 68 220 68 HOH HOH A . 
G 5 HOH 69 221 69 HOH HOH A . 
G 5 HOH 70 222 70 HOH HOH A . 
G 5 HOH 71 223 71 HOH HOH A . 
G 5 HOH 72 224 72 HOH HOH A . 
G 5 HOH 73 225 73 HOH HOH A . 
G 5 HOH 74 226 74 HOH HOH A . 
G 5 HOH 75 227 75 HOH HOH A . 
G 5 HOH 76 228 76 HOH HOH A . 
G 5 HOH 77 229 77 HOH HOH A . 
G 5 HOH 78 230 78 HOH HOH A . 
# 
loop_
_software.name 
_software.version 
_software.date 
_software.type 
_software.contact_author 
_software.contact_author_email 
_software.classification 
_software.location 
_software.language 
_software.citation_id 
_software.pdbx_ordinal 
DENZO       .     ?              package 'Zbyszek Otwinowski'       zbyszek@mix.swmed.edu                   'data reduction'  
http://www.lnls.br/infra/linhasluz/denzo-hkl.htm ?          ? 1  
SCALEPACK   .     ?              package 'Zbyszek Otwinowski'       zbyszek@mix.swmed.edu                   'data scaling'    
http://www.lnls.br/infra/linhasluz/denzo-hkl.htm ?          ? 2  
MLPHARE     .     ?              other   'Z.Otwinowski or E.Dodson' 'ccp4@dl.ac.uk, ccp4@yorvic.york.ac.uk' phasing           
http://www.ccp4.ac.uk/main.html                  Fortran_77 ? 3  
DM          5.0   ?              program 'K. Cowtan'                ccp4@dl.ac.uk                           phasing           
http://www.ccp4.ac.uk/main.html                  Fortran_77 ? 4  
REFMAC      .     ?              program 'Murshudov, G.N.'          ccp4@dl.ac.uk                           refinement        
http://www.ccp4.ac.uk/main.html                  Fortran_77 ? 5  
PDB_EXTRACT 3.000 'July 2, 2007' package PDB                        sw-help@rcsb.rutgers.edu                'data extraction' 
http://pdb.rutgers.edu/software/                 C++        ? 6  
SBC-Collect .     ?              ?       ?                          ?                                       'data collection' ? ? 
? 7  
HKL-3000    .     ?              ?       ?                          ?                                       'data reduction'  ? ? 
? 8  
HKL-3000    .     ?              ?       ?                          ?                                       'data scaling'    ? ? 
? 9  
HKL-3000    .     ?              ?       ?                          ?                                       phasing           ? ? 
? 10 
SHELXD      .     ?              ?       ?                          ?                                       phasing           ? ? 
? 11 
SHELXE      .     ?              ?       ?                          ?                                       'model building'  ? ? 
? 12 
SOLVE       .     ?              ?       ?                          ?                                       phasing           ? ? 
? 13 
RESOLVE     .     ?              ?       ?                          ?                                       phasing           ? ? 
? 14 
ARP/wARP    .     ?              ?       ?                          ?                                       'model building'  ? ? 
? 15 
CCP4        .     ?              ?       ?                          ?                                       phasing           ? ? 
? 16 
O           .     ?              ?       ?                          ?                                       'model building'  ? ? 
? 17 
Coot        .     ?              ?       ?                          ?                                       'model building'  ? ? 
? 18 
# 
_cell.length_a           73.643 
_cell.length_b           73.643 
_cell.length_c           90.432 
_cell.angle_alpha        90.000 
_cell.angle_beta         90.000 
_cell.angle_gamma        90.000 
_cell.entry_id           2RDP 
_cell.pdbx_unique_axis   ? 
_cell.Z_PDB              8 
_cell.length_a_esd       ? 
_cell.length_b_esd       ? 
_cell.length_c_esd       ? 
_cell.angle_alpha_esd    ? 
_cell.angle_beta_esd     ? 
_cell.angle_gamma_esd    ? 
# 
_symmetry.space_group_name_H-M             'P 43 21 2' 
_symmetry.entry_id                         2RDP 
_symmetry.Int_Tables_number                96 
_symmetry.pdbx_full_space_group_name_H-M   ? 
_symmetry.cell_setting                     ? 
_symmetry.space_group_name_Hall            ? 
# 
_exptl.crystals_number   1 
_exptl.entry_id          2RDP 
_exptl.method            'X-RAY DIFFRACTION' 
# 
_exptl_crystal.id                    1 
_exptl_crystal.density_Matthews      3.44 
_exptl_crystal.density_meas          ? 
_exptl_crystal.density_percent_sol   64.28 
_exptl_crystal.description           ? 
_exptl_crystal.F_000                 ? 
_exptl_crystal.preparation           ? 
# 
_exptl_crystal_grow.crystal_id      1 
_exptl_crystal_grow.method          'VAPOR DIFFUSION, SITTING DROP' 
_exptl_crystal_grow.pH              8.2 
_exptl_crystal_grow.temp            291 
_exptl_crystal_grow.temp_details    ? 
_exptl_crystal_grow.pdbx_details    '0.056M NaH2PO4, 1.344M K2HPO4, pH 8.2, VAPOR DIFFUSION, SITTING DROP, temperature 291K' 
_exptl_crystal_grow.pdbx_pH_range   . 
# 
_diffrn.id                     1 
_diffrn.ambient_temp           100 
_diffrn.ambient_temp_details   ? 
_diffrn.crystal_id             1 
# 
_diffrn_detector.diffrn_id              1 
_diffrn_detector.detector               CCD 
_diffrn_detector.type                   CUSTOM-MADE 
_diffrn_detector.pdbx_collection_date   2006-07-01 
_diffrn_detector.details                ? 
# 
_diffrn_radiation.diffrn_id                        1 
_diffrn_radiation.wavelength_id                    1 
_diffrn_radiation.pdbx_diffrn_protocol             'SINGLE WAVELENGTH' 
_diffrn_radiation.monochromator                    'SAGITALLY FOCUSED Si(111)' 
_diffrn_radiation.pdbx_monochromatic_or_laue_m_l   M 
_diffrn_radiation.pdbx_scattering_type             x-ray 
# 
_diffrn_radiation_wavelength.id           1 
_diffrn_radiation_wavelength.wavelength   0.97906 
_diffrn_radiation_wavelength.wt           1.0 
# 
_diffrn_source.diffrn_id                   1 
_diffrn_source.source                      SYNCHROTRON 
_diffrn_source.type                        'APS BEAMLINE 19-BM' 
_diffrn_source.pdbx_wavelength             ? 
_diffrn_source.pdbx_wavelength_list        0.97906 
_diffrn_source.pdbx_synchrotron_site       APS 
_diffrn_source.pdbx_synchrotron_beamline   19-BM 
# 
_reflns.entry_id                     2RDP 
_reflns.d_resolution_high            2.300 
_reflns.d_resolution_low             50.000 
_reflns.number_obs                   11316 
_reflns.pdbx_Rmerge_I_obs            0.084 
_reflns.pdbx_netI_over_sigmaI        9.200 
_reflns.pdbx_chi_squared             2.025 
_reflns.pdbx_redundancy              6.700 
_reflns.percent_possible_obs         97.300 
_reflns.observed_criterion_sigma_F   ? 
_reflns.observed_criterion_sigma_I   -3 
_reflns.number_all                   11316 
_reflns.pdbx_Rsym_value              ? 
_reflns.B_iso_Wilson_estimate        61.2 
_reflns.R_free_details               ? 
_reflns.limit_h_max                  ? 
_reflns.limit_h_min                  ? 
_reflns.limit_k_max                  ? 
_reflns.limit_k_min                  ? 
_reflns.limit_l_max                  ? 
_reflns.limit_l_min                  ? 
_reflns.observed_criterion_F_max     ? 
_reflns.observed_criterion_F_min     ? 
_reflns.pdbx_scaling_rejects         ? 
_reflns.pdbx_ordinal                 1 
_reflns.pdbx_diffrn_id               1 
# 
_reflns_shell.d_res_high             2.30 
_reflns_shell.d_res_low              2.38 
_reflns_shell.number_measured_obs    ? 
_reflns_shell.number_measured_all    ? 
_reflns_shell.number_unique_obs      ? 
_reflns_shell.Rmerge_I_obs           0.587 
_reflns_shell.meanI_over_sigI_obs    2.3 
_reflns_shell.pdbx_Rsym_value        ? 
_reflns_shell.pdbx_chi_squared       1.022 
_reflns_shell.pdbx_redundancy        4.70 
_reflns_shell.percent_possible_obs   ? 
_reflns_shell.number_unique_all      1025 
_reflns_shell.percent_possible_all   89.80 
_reflns_shell.pdbx_ordinal           1 
_reflns_shell.pdbx_diffrn_id         1 
# 
_refine.entry_id                                 2RDP 
_refine.ls_d_res_high                            2.300 
_refine.ls_d_res_low                             34.100 
_refine.pdbx_ls_sigma_F                          0.00 
_refine.ls_percent_reflns_obs                    97.040 
_refine.ls_number_reflns_obs                     11228 
_refine.pdbx_ls_cross_valid_method               THROUGHOUT 
_refine.pdbx_R_Free_selection_details            RANDOM 
_refine.details                                  'HYDROGENS HAVE BEEN ADDED IN THE RIDING POSITIONS' 
_refine.ls_R_factor_obs                          0.213 
_refine.ls_R_factor_R_work                       0.211 
_refine.ls_R_factor_R_free                       0.253 
_refine.ls_percent_reflns_R_free                 4.800 
_refine.ls_number_reflns_R_free                  544 
_refine.B_iso_mean                               58.148 
_refine.aniso_B[1][1]                            -1.840 
_refine.aniso_B[2][2]                            -1.840 
_refine.aniso_B[3][3]                            3.690 
_refine.aniso_B[1][2]                            0.000 
_refine.aniso_B[1][3]                            0.000 
_refine.aniso_B[2][3]                            0.000 
_refine.correlation_coeff_Fo_to_Fc               0.948 
_refine.correlation_coeff_Fo_to_Fc_free          0.936 
_refine.pdbx_overall_ESU_R                       0.240 
_refine.pdbx_overall_ESU_R_Free                  0.207 
_refine.overall_SU_ML                            0.172 
_refine.overall_SU_B                             13.957 
_refine.solvent_model_details                    MASK 
_refine.pdbx_solvent_vdw_probe_radii             1.200 
_refine.pdbx_solvent_ion_probe_radii             0.800 
_refine.pdbx_solvent_shrinkage_radii             0.800 
_refine.pdbx_method_to_determine_struct          SAD 
_refine.pdbx_stereochemistry_target_values       'MAXIMUM LIKELIHOOD WITH PHASES' 
_refine.pdbx_ls_sigma_I                          ? 
_refine.ls_number_reflns_all                     11228 
_refine.ls_R_factor_all                          0.213 
_refine.ls_redundancy_reflns_obs                 ? 
_refine.pdbx_data_cutoff_high_absF               ? 
_refine.pdbx_data_cutoff_low_absF                ? 
_refine.ls_number_parameters                     ? 
_refine.ls_number_restraints                     ? 
_refine.ls_R_factor_R_free_error                 ? 
_refine.ls_R_factor_R_free_error_details         ? 
_refine.pdbx_starting_model                      ? 
_refine.pdbx_stereochem_target_val_spec_case     ? 
_refine.solvent_model_param_bsol                 ? 
_refine.solvent_model_param_ksol                 ? 
_refine.occupancy_max                            ? 
_refine.occupancy_min                            ? 
_refine.pdbx_isotropic_thermal_model             ? 
_refine.B_iso_min                                ? 
_refine.B_iso_max                                ? 
_refine.overall_SU_R_Cruickshank_DPI             ? 
_refine.overall_SU_R_free                        ? 
_refine.pdbx_data_cutoff_high_rms_absF           ? 
_refine.ls_wR_factor_R_free                      ? 
_refine.ls_wR_factor_R_work                      ? 
_refine.overall_FOM_free_R_set                   ? 
_refine.overall_FOM_work_R_set                   ? 
_refine.pdbx_refine_id                           'X-RAY DIFFRACTION' 
_refine.pdbx_TLS_residual_ADP_flag               'LIKELY RESIDUAL' 
_refine.pdbx_diffrn_id                           1 
_refine.pdbx_overall_phase_error                 ? 
_refine.pdbx_overall_SU_R_free_Cruickshank_DPI   ? 
_refine.pdbx_overall_SU_R_Blow_DPI               ? 
_refine.pdbx_overall_SU_R_free_Blow_DPI          ? 
# 
_refine_hist.pdbx_refine_id                   'X-RAY DIFFRACTION' 
_refine_hist.cycle_id                         LAST 
_refine_hist.pdbx_number_atoms_protein        1148 
_refine_hist.pdbx_number_atoms_nucleic_acid   0 
_refine_hist.pdbx_number_atoms_ligand         19 
_refine_hist.number_atoms_solvent             78 
_refine_hist.number_atoms_total               1245 
_refine_hist.d_res_high                       2.300 
_refine_hist.d_res_low                        34.100 
# 
loop_
_refine_ls_restr.type 
_refine_ls_restr.number 
_refine_ls_restr.dev_ideal 
_refine_ls_restr.dev_ideal_target 
_refine_ls_restr.weight 
_refine_ls_restr.pdbx_refine_id 
_refine_ls_restr.pdbx_restraint_function 
r_bond_refined_d         1217 0.016  0.022  ? 'X-RAY DIFFRACTION' ? 
r_angle_refined_deg      1637 1.583  1.994  ? 'X-RAY DIFFRACTION' ? 
r_dihedral_angle_1_deg   146  5.156  5.000  ? 'X-RAY DIFFRACTION' ? 
r_dihedral_angle_2_deg   63   33.210 23.333 ? 'X-RAY DIFFRACTION' ? 
r_dihedral_angle_3_deg   244  17.378 15.000 ? 'X-RAY DIFFRACTION' ? 
r_dihedral_angle_4_deg   16   21.654 15.000 ? 'X-RAY DIFFRACTION' ? 
r_chiral_restr           186  0.097  0.200  ? 'X-RAY DIFFRACTION' ? 
r_gen_planes_refined     895  0.006  0.020  ? 'X-RAY DIFFRACTION' ? 
r_nbd_refined            504  0.206  0.200  ? 'X-RAY DIFFRACTION' ? 
r_nbtor_refined          837  0.302  0.200  ? 'X-RAY DIFFRACTION' ? 
r_xyhbond_nbd_refined    46   0.154  0.200  ? 'X-RAY DIFFRACTION' ? 
r_symmetry_vdw_refined   51   0.209  0.200  ? 'X-RAY DIFFRACTION' ? 
r_symmetry_hbond_refined 11   0.132  0.200  ? 'X-RAY DIFFRACTION' ? 
r_mcbond_it              717  0.792  1.500  ? 'X-RAY DIFFRACTION' ? 
r_mcangle_it             1167 1.648  2.000  ? 'X-RAY DIFFRACTION' ? 
r_scbond_it              509  2.887  3.000  ? 'X-RAY DIFFRACTION' ? 
r_scangle_it             469  4.635  4.500  ? 'X-RAY DIFFRACTION' ? 
# 
_refine_ls_shell.d_res_high                       2.300 
_refine_ls_shell.d_res_low                        2.360 
_refine_ls_shell.pdbx_total_number_of_bins_used   20 
_refine_ls_shell.percent_reflns_obs               90.280 
_refine_ls_shell.number_reflns_R_work             706 
_refine_ls_shell.R_factor_all                     ? 
_refine_ls_shell.R_factor_R_work                  0.283 
_refine_ls_shell.R_factor_R_free                  0.301 
_refine_ls_shell.percent_reflns_R_free            ? 
_refine_ls_shell.number_reflns_R_free             37 
_refine_ls_shell.R_factor_R_free_error            ? 
_refine_ls_shell.number_reflns_all                743 
_refine_ls_shell.number_reflns_obs                ? 
_refine_ls_shell.redundancy_reflns_obs            ? 
_refine_ls_shell.pdbx_refine_id                   'X-RAY DIFFRACTION' 
# 
_struct.entry_id                  2RDP 
_struct.title                     'The structure of a MarR family protein from Bacillus stearothermophilus' 
_struct.pdbx_model_details        ? 
_struct.pdbx_CASP_flag            ? 
_struct.pdbx_model_type_details   ? 
# 
_struct_keywords.entry_id        2RDP 
_struct_keywords.pdbx_keywords   TRANSCRIPTION 
_struct_keywords.text            
;MarR, transcriptional regulator, pfam PF01047, winged-helix DNA binding motif, Structural Genomics, PSI-2, Protein Structure Initiative, Midwest Center for Structural Genomics, MCSG, TRANSCRIPTION
;
# 
loop_
_struct_asym.id 
_struct_asym.pdbx_blank_PDB_chainid_flag 
_struct_asym.pdbx_modified 
_struct_asym.entity_id 
_struct_asym.details 
A N N 1 ? 
B N N 2 ? 
C N N 3 ? 
D N N 3 ? 
E N N 4 ? 
F N N 4 ? 
G N N 5 ? 
# 
_struct_ref.id                         1 
_struct_ref.entity_id                  1 
_struct_ref.db_name                    PDB 
_struct_ref.db_code                    2RDP 
_struct_ref.pdbx_db_accession          2RDP 
_struct_ref.pdbx_db_isoform            ? 
_struct_ref.pdbx_seq_one_letter_code   ? 
_struct_ref.pdbx_align_begin           ? 
# 
_struct_ref_seq.align_id                      1 
_struct_ref_seq.ref_id                        1 
_struct_ref_seq.pdbx_PDB_id_code              2RDP 
_struct_ref_seq.pdbx_strand_id                A 
_struct_ref_seq.seq_align_beg                 1 
_struct_ref_seq.pdbx_seq_align_beg_ins_code   ? 
_struct_ref_seq.seq_align_end                 150 
_struct_ref_seq.pdbx_seq_align_end_ins_code   ? 
_struct_ref_seq.pdbx_db_accession             2RDP 
_struct_ref_seq.db_align_beg                  -2 
_struct_ref_seq.pdbx_db_align_beg_ins_code    ? 
_struct_ref_seq.db_align_end                  147 
_struct_ref_seq.pdbx_db_align_end_ins_code    ? 
_struct_ref_seq.pdbx_auth_seq_align_beg       -2 
_struct_ref_seq.pdbx_auth_seq_align_end       147 
# 
_pdbx_struct_assembly.id                   1 
_pdbx_struct_assembly.details              software_defined_assembly 
_pdbx_struct_assembly.method_details       PISA 
_pdbx_struct_assembly.oligomeric_details   dimeric 
_pdbx_struct_assembly.oligomeric_count     2 
# 
_pdbx_struct_assembly_prop.biol_id   1 
_pdbx_struct_assembly_prop.type      'ABSA (A^2)' 
_pdbx_struct_assembly_prop.value     5130 
_pdbx_struct_assembly_prop.details   ? 
# 
_pdbx_struct_assembly_gen.assembly_id       1 
_pdbx_struct_assembly_gen.oper_expression   1,2 
_pdbx_struct_assembly_gen.asym_id_list      A,B,C,D,E,F,G 
# 
loop_
_pdbx_struct_oper_list.id 
_pdbx_struct_oper_list.type 
_pdbx_struct_oper_list.name 
_pdbx_struct_oper_list.symmetry_operation 
_pdbx_struct_oper_list.matrix[1][1] 
_pdbx_struct_oper_list.matrix[1][2] 
_pdbx_struct_oper_list.matrix[1][3] 
_pdbx_struct_oper_list.vector[1] 
_pdbx_struct_oper_list.matrix[2][1] 
_pdbx_struct_oper_list.matrix[2][2] 
_pdbx_struct_oper_list.matrix[2][3] 
_pdbx_struct_oper_list.vector[2] 
_pdbx_struct_oper_list.matrix[3][1] 
_pdbx_struct_oper_list.matrix[3][2] 
_pdbx_struct_oper_list.matrix[3][3] 
_pdbx_struct_oper_list.vector[3] 
1 'identity operation'         1_555 x,y,z    1.0000000000  0.0000000000 0.0000000000 0.0000000000  0.0000000000 1.0000000000  0.0000000000 0.0000000000   0.0000000000 0.0000000000 1.0000000000 0.0000000000 
2 'crystal symmetry operation' 7_556 y,x,-z+1 -0.9752653360 0.0360010577 0.2180858738 -6.4661988947 0.0360010577 -0.9476008185 0.3174218214 -17.3264574737 0.2180858738 0.3174218214 0.9228661544 3.5935846654 
# 
_struct_biol.id        1 
_struct_biol.details   ? 
# 
loop_
_struct_conf.conf_type_id 
_struct_conf.id 
_struct_conf.pdbx_PDB_helix_id 
_struct_conf.beg_label_comp_id 
_struct_conf.beg_label_asym_id 
_struct_conf.beg_label_seq_id 
_struct_conf.pdbx_beg_PDB_ins_code 
_struct_conf.end_label_comp_id 
_struct_conf.end_label_asym_id 
_struct_conf.end_label_seq_id 
_struct_conf.pdbx_end_PDB_ins_code 
_struct_conf.beg_auth_comp_id 
_struct_conf.beg_auth_asym_id 
_struct_conf.beg_auth_seq_id 
_struct_conf.end_auth_comp_id 
_struct_conf.end_auth_asym_id 
_struct_conf.end_auth_seq_id 
_struct_conf.pdbx_PDB_helix_class 
_struct_conf.details 
_struct_conf.pdbx_PDB_helix_length 
HELX_P HELX_P1 1 ASN A 9   ? THR A 36  ? ASN A 6   THR A 33  1 ? 28 
HELX_P HELX_P2 2 THR A 41  ? GLY A 55  ? THR A 38  GLY A 52  1 ? 15 
HELX_P HELX_P3 3 THR A 58  ? TYR A 67  ? THR A 55  TYR A 64  1 ? 10 
HELX_P HELX_P4 4 ALA A 69  ? ASN A 83  ? ALA A 66  ASN A 80  1 ? 15 
HELX_P HELX_P5 5 LEU A 103 ? LEU A 125 ? LEU A 100 LEU A 122 1 ? 23 
HELX_P HELX_P6 6 GLU A 126 ? PHE A 128 ? GLU A 123 PHE A 125 5 ? 3  
HELX_P HELX_P7 7 SER A 129 ? THR A 148 ? SER A 126 THR A 145 1 ? 20 
# 
_struct_conf_type.id          HELX_P 
_struct_conf_type.criteria    ? 
_struct_conf_type.reference   ? 
# 
loop_
_struct_conn.id 
_struct_conn.conn_type_id 
_struct_conn.pdbx_leaving_atom_flag 
_struct_conn.pdbx_PDB_id 
_struct_conn.ptnr1_label_asym_id 
_struct_conn.ptnr1_label_comp_id 
_struct_conn.ptnr1_label_seq_id 
_struct_conn.ptnr1_label_atom_id 
_struct_conn.pdbx_ptnr1_label_alt_id 
_struct_conn.pdbx_ptnr1_PDB_ins_code 
_struct_conn.pdbx_ptnr1_standard_comp_id 
_struct_conn.ptnr1_symmetry 
_struct_conn.ptnr2_label_asym_id 
_struct_conn.ptnr2_label_comp_id 
_struct_conn.ptnr2_label_seq_id 
_struct_conn.ptnr2_label_atom_id 
_struct_conn.pdbx_ptnr2_label_alt_id 
_struct_conn.pdbx_ptnr2_PDB_ins_code 
_struct_conn.ptnr1_auth_asym_id 
_struct_conn.ptnr1_auth_comp_id 
_struct_conn.ptnr1_auth_seq_id 
_struct_conn.ptnr2_auth_asym_id 
_struct_conn.ptnr2_auth_comp_id 
_struct_conn.ptnr2_auth_seq_id 
_struct_conn.ptnr2_symmetry 
_struct_conn.pdbx_ptnr3_label_atom_id 
_struct_conn.pdbx_ptnr3_label_seq_id 
_struct_conn.pdbx_ptnr3_label_comp_id 
_struct_conn.pdbx_ptnr3_label_asym_id 
_struct_conn.pdbx_ptnr3_label_alt_id 
_struct_conn.pdbx_ptnr3_PDB_ins_code 
_struct_conn.details 
_struct_conn.pdbx_dist_value 
_struct_conn.pdbx_value_order 
_struct_conn.pdbx_role 
covale1 covale both ? A ALA 7   C ? ? ? 1_555 A MSE 8   N  ? ? A ALA 4   A MSE 5   1_555 ? ? ? ? ? ? ? 1.332 ? ? 
covale2 covale both ? A MSE 8   C ? ? ? 1_555 A ASN 9   N  ? ? A MSE 5   A ASN 6   1_555 ? ? ? ? ? ? ? 1.320 ? ? 
covale3 covale both ? A LYS 65  C ? ? ? 1_555 A MSE 66  N  ? ? A LYS 62  A MSE 63  1_555 ? ? ? ? ? ? ? 1.325 ? ? 
covale4 covale both ? A MSE 66  C ? ? ? 1_555 A TYR 67  N  ? ? A MSE 63  A TYR 64  1_555 ? ? ? ? ? ? ? 1.343 ? ? 
covale5 covale both ? A ARG 79  C ? ? ? 1_555 A MSE 80  N  ? ? A ARG 76  A MSE 77  1_555 ? ? ? ? ? ? ? 1.333 ? ? 
covale6 covale both ? A MSE 80  C ? ? ? 1_555 A GLU 81  N  ? ? A MSE 77  A GLU 78  1_555 ? ? ? ? ? ? ? 1.323 ? ? 
covale7 covale both ? A GLU 146 C ? ? ? 1_555 A MSE 147 N  ? ? A GLU 143 A MSE 144 1_555 ? ? ? ? ? ? ? 1.326 ? ? 
covale8 covale both ? A MSE 147 C ? ? ? 1_555 A THR 148 N  ? ? A MSE 144 A THR 145 1_555 ? ? ? ? ? ? ? 1.331 ? ? 
metalc1 metalc ?    ? A LEU 35  O ? ? ? 1_555 B NA  .   NA ? ? A LEU 32  A NA  148 1_555 ? ? ? ? ? ? ? 2.557 ? ? 
metalc2 metalc ?    ? A TYR 38  O ? ? ? 1_555 B NA  .   NA ? ? A TYR 35  A NA  148 1_555 ? ? ? ? ? ? ? 2.558 ? ? 
metalc3 metalc ?    ? A ILE 40  O ? ? ? 1_555 B NA  .   NA ? ? A ILE 37  A NA  148 1_555 ? ? ? ? ? ? ? 2.709 ? ? 
# 
loop_
_struct_conn_type.id 
_struct_conn_type.criteria 
_struct_conn_type.reference 
covale ? ? 
metalc ? ? 
# 
loop_
_pdbx_struct_conn_angle.id 
_pdbx_struct_conn_angle.ptnr1_label_atom_id 
_pdbx_struct_conn_angle.ptnr1_label_alt_id 
_pdbx_struct_conn_angle.ptnr1_label_asym_id 
_pdbx_struct_conn_angle.ptnr1_label_comp_id 
_pdbx_struct_conn_angle.ptnr1_label_seq_id 
_pdbx_struct_conn_angle.ptnr1_auth_atom_id 
_pdbx_struct_conn_angle.ptnr1_auth_asym_id 
_pdbx_struct_conn_angle.ptnr1_auth_comp_id 
_pdbx_struct_conn_angle.ptnr1_auth_seq_id 
_pdbx_struct_conn_angle.ptnr1_PDB_ins_code 
_pdbx_struct_conn_angle.ptnr1_symmetry 
_pdbx_struct_conn_angle.ptnr2_label_atom_id 
_pdbx_struct_conn_angle.ptnr2_label_alt_id 
_pdbx_struct_conn_angle.ptnr2_label_asym_id 
_pdbx_struct_conn_angle.ptnr2_label_comp_id 
_pdbx_struct_conn_angle.ptnr2_label_seq_id 
_pdbx_struct_conn_angle.ptnr2_auth_atom_id 
_pdbx_struct_conn_angle.ptnr2_auth_asym_id 
_pdbx_struct_conn_angle.ptnr2_auth_comp_id 
_pdbx_struct_conn_angle.ptnr2_auth_seq_id 
_pdbx_struct_conn_angle.ptnr2_PDB_ins_code 
_pdbx_struct_conn_angle.ptnr2_symmetry 
_pdbx_struct_conn_angle.ptnr3_label_atom_id 
_pdbx_struct_conn_angle.ptnr3_label_alt_id 
_pdbx_struct_conn_angle.ptnr3_label_asym_id 
_pdbx_struct_conn_angle.ptnr3_label_comp_id 
_pdbx_struct_conn_angle.ptnr3_label_seq_id 
_pdbx_struct_conn_angle.ptnr3_auth_atom_id 
_pdbx_struct_conn_angle.ptnr3_auth_asym_id 
_pdbx_struct_conn_angle.ptnr3_auth_comp_id 
_pdbx_struct_conn_angle.ptnr3_auth_seq_id 
_pdbx_struct_conn_angle.ptnr3_PDB_ins_code 
_pdbx_struct_conn_angle.ptnr3_symmetry 
_pdbx_struct_conn_angle.value 
_pdbx_struct_conn_angle.value_esd 
1 O ? A LEU 35 ? A LEU 32 ? 1_555 NA ? B NA . ? A NA 148 ? 1_555 O ? A TYR 38 ? A TYR 35 ? 1_555 75.3  ? 
2 O ? A LEU 35 ? A LEU 32 ? 1_555 NA ? B NA . ? A NA 148 ? 1_555 O ? A ILE 40 ? A ILE 37 ? 1_555 102.8 ? 
3 O ? A TYR 38 ? A TYR 35 ? 1_555 NA ? B NA . ? A NA 148 ? 1_555 O ? A ILE 40 ? A ILE 37 ? 1_555 82.3  ? 
# 
loop_
_pdbx_modification_feature.ordinal 
_pdbx_modification_feature.label_comp_id 
_pdbx_modification_feature.label_asym_id 
_pdbx_modification_feature.label_seq_id 
_pdbx_modification_feature.label_alt_id 
_pdbx_modification_feature.modified_residue_label_comp_id 
_pdbx_modification_feature.modified_residue_label_asym_id 
_pdbx_modification_feature.modified_residue_label_seq_id 
_pdbx_modification_feature.modified_residue_label_alt_id 
_pdbx_modification_feature.auth_comp_id 
_pdbx_modification_feature.auth_asym_id 
_pdbx_modification_feature.auth_seq_id 
_pdbx_modification_feature.PDB_ins_code 
_pdbx_modification_feature.symmetry 
_pdbx_modification_feature.modified_residue_auth_comp_id 
_pdbx_modification_feature.modified_residue_auth_asym_id 
_pdbx_modification_feature.modified_residue_auth_seq_id 
_pdbx_modification_feature.modified_residue_PDB_ins_code 
_pdbx_modification_feature.modified_residue_symmetry 
_pdbx_modification_feature.comp_id_linking_atom 
_pdbx_modification_feature.modified_residue_id_linking_atom 
_pdbx_modification_feature.modified_residue_id 
_pdbx_modification_feature.ref_pcm_id 
_pdbx_modification_feature.ref_comp_id 
_pdbx_modification_feature.type 
_pdbx_modification_feature.category 
1 MSE A 8   ? . . . . MSE A 5   ? 1_555 . . . . . . . MET 1 MSE Selenomethionine 'Named protein modification' 
2 MSE A 66  ? . . . . MSE A 63  ? 1_555 . . . . . . . MET 1 MSE Selenomethionine 'Named protein modification' 
3 MSE A 80  ? . . . . MSE A 77  ? 1_555 . . . . . . . MET 1 MSE Selenomethionine 'Named protein modification' 
4 MSE A 147 ? . . . . MSE A 144 ? 1_555 . . . . . . . MET 1 MSE Selenomethionine 'Named protein modification' 
# 
_struct_sheet.id               A 
_struct_sheet.type             ? 
_struct_sheet.number_strands   2 
_struct_sheet.details          ? 
# 
_struct_sheet_order.sheet_id     A 
_struct_sheet_order.range_id_1   1 
_struct_sheet_order.range_id_2   2 
_struct_sheet_order.offset       ? 
_struct_sheet_order.sense        anti-parallel 
# 
loop_
_struct_sheet_range.sheet_id 
_struct_sheet_range.id 
_struct_sheet_range.beg_label_comp_id 
_struct_sheet_range.beg_label_asym_id 
_struct_sheet_range.beg_label_seq_id 
_struct_sheet_range.pdbx_beg_PDB_ins_code 
_struct_sheet_range.end_label_comp_id 
_struct_sheet_range.end_label_asym_id 
_struct_sheet_range.end_label_seq_id 
_struct_sheet_range.pdbx_end_PDB_ins_code 
_struct_sheet_range.beg_auth_comp_id 
_struct_sheet_range.beg_auth_asym_id 
_struct_sheet_range.beg_auth_seq_id 
_struct_sheet_range.end_auth_comp_id 
_struct_sheet_range.end_auth_asym_id 
_struct_sheet_range.end_auth_seq_id 
A 1 VAL A 86 ? ARG A 90  ? VAL A 83 ARG A 87 
A 2 VAL A 98 ? LEU A 102 ? VAL A 95 LEU A 99 
# 
_pdbx_struct_sheet_hbond.sheet_id                A 
_pdbx_struct_sheet_hbond.range_id_1              1 
_pdbx_struct_sheet_hbond.range_id_2              2 
_pdbx_struct_sheet_hbond.range_1_label_atom_id   N 
_pdbx_struct_sheet_hbond.range_1_label_comp_id   VAL 
_pdbx_struct_sheet_hbond.range_1_label_asym_id   A 
_pdbx_struct_sheet_hbond.range_1_label_seq_id    89 
_pdbx_struct_sheet_hbond.range_1_PDB_ins_code    ? 
_pdbx_struct_sheet_hbond.range_1_auth_atom_id    N 
_pdbx_struct_sheet_hbond.range_1_auth_comp_id    VAL 
_pdbx_struct_sheet_hbond.range_1_auth_asym_id    A 
_pdbx_struct_sheet_hbond.range_1_auth_seq_id     86 
_pdbx_struct_sheet_hbond.range_2_label_atom_id   O 
_pdbx_struct_sheet_hbond.range_2_label_comp_id   ARG 
_pdbx_struct_sheet_hbond.range_2_label_asym_id   A 
_pdbx_struct_sheet_hbond.range_2_label_seq_id    99 
_pdbx_struct_sheet_hbond.range_2_PDB_ins_code    ? 
_pdbx_struct_sheet_hbond.range_2_auth_atom_id    O 
_pdbx_struct_sheet_hbond.range_2_auth_comp_id    ARG 
_pdbx_struct_sheet_hbond.range_2_auth_asym_id    A 
_pdbx_struct_sheet_hbond.range_2_auth_seq_id     96 
# 
loop_
_struct_site.id 
_struct_site.pdbx_evidence_code 
_struct_site.pdbx_auth_asym_id 
_struct_site.pdbx_auth_comp_id 
_struct_site.pdbx_auth_seq_id 
_struct_site.pdbx_auth_ins_code 
_struct_site.pdbx_num_residues 
_struct_site.details 
AC1 Software A NA  148 ? 3 'BINDING SITE FOR RESIDUE NA A 148'  
AC2 Software A PO4 149 ? 5 'BINDING SITE FOR RESIDUE PO4 A 149' 
AC3 Software A PO4 150 ? 6 'BINDING SITE FOR RESIDUE PO4 A 150' 
AC4 Software A BME 151 ? 3 'BINDING SITE FOR RESIDUE BME A 151' 
AC5 Software A BME 152 ? 4 'BINDING SITE FOR RESIDUE BME A 152' 
# 
loop_
_struct_site_gen.id 
_struct_site_gen.site_id 
_struct_site_gen.pdbx_num_res 
_struct_site_gen.label_comp_id 
_struct_site_gen.label_asym_id 
_struct_site_gen.label_seq_id 
_struct_site_gen.pdbx_auth_ins_code 
_struct_site_gen.auth_comp_id 
_struct_site_gen.auth_asym_id 
_struct_site_gen.auth_seq_id 
_struct_site_gen.label_atom_id 
_struct_site_gen.label_alt_id 
_struct_site_gen.symmetry 
_struct_site_gen.details 
1  AC1 3 LEU A 35  ? LEU A 32  . ? 1_555 ? 
2  AC1 3 TYR A 38  ? TYR A 35  . ? 1_555 ? 
3  AC1 3 ILE A 40  ? ILE A 37  . ? 1_555 ? 
4  AC2 5 MSE A 8   ? MSE A 5   . ? 1_555 ? 
5  AC2 5 GLU A 10  ? GLU A 7   . ? 1_555 ? 
6  AC2 5 VAL A 13  ? VAL A 10  . ? 1_555 ? 
7  AC2 5 ALA A 122 ? ALA A 119 . ? 7_556 ? 
8  AC2 5 HOH G .   ? HOH A 206 . ? 1_555 ? 
9  AC3 6 GLU A 17  ? GLU A 14  . ? 7_556 ? 
10 AC3 6 LEU A 27  ? LEU A 24  . ? 1_555 ? 
11 AC3 6 ILE A 34  ? ILE A 31  . ? 1_555 ? 
12 AC3 6 ARG A 117 ? ARG A 114 . ? 1_555 ? 
13 AC3 6 ASP A 120 ? ASP A 117 . ? 1_555 ? 
14 AC3 6 HOH G .   ? HOH A 216 . ? 7_556 ? 
15 AC4 3 GLU A 132 ? GLU A 129 . ? 7_556 ? 
16 AC4 3 ARG A 138 ? ARG A 135 . ? 1_555 ? 
17 AC4 3 CYS A 139 ? CYS A 136 . ? 1_555 ? 
18 AC5 4 MSE A 8   ? MSE A 5   . ? 3_544 ? 
19 AC5 4 ASN A 9   ? ASN A 6   . ? 3_544 ? 
20 AC5 4 CYS A 70  ? CYS A 67  . ? 1_555 ? 
21 AC5 4 ASP A 130 ? ASP A 127 . ? 5_545 ? 
# 
_pdbx_entry_details.entry_id                   2RDP 
_pdbx_entry_details.compound_details           ? 
_pdbx_entry_details.source_details             ? 
_pdbx_entry_details.nonpolymer_details         ? 
_pdbx_entry_details.sequence_details           ? 
_pdbx_entry_details.has_ligand_of_interest     ? 
_pdbx_entry_details.has_protein_modification   Y 
# 
_pdbx_validate_close_contact.id               1 
_pdbx_validate_close_contact.PDB_model_num    1 
_pdbx_validate_close_contact.auth_atom_id_1   SG 
_pdbx_validate_close_contact.auth_asym_id_1   A 
_pdbx_validate_close_contact.auth_comp_id_1   CYS 
_pdbx_validate_close_contact.auth_seq_id_1    136 
_pdbx_validate_close_contact.PDB_ins_code_1   ? 
_pdbx_validate_close_contact.label_alt_id_1   ? 
_pdbx_validate_close_contact.auth_atom_id_2   S2 
_pdbx_validate_close_contact.auth_asym_id_2   A 
_pdbx_validate_close_contact.auth_comp_id_2   BME 
_pdbx_validate_close_contact.auth_seq_id_2    151 
_pdbx_validate_close_contact.PDB_ins_code_2   ? 
_pdbx_validate_close_contact.label_alt_id_2   ? 
_pdbx_validate_close_contact.dist             2.12 
# 
_pdbx_validate_torsion.id              1 
_pdbx_validate_torsion.PDB_model_num   1 
_pdbx_validate_torsion.auth_comp_id    PRO 
_pdbx_validate_torsion.auth_asym_id    A 
_pdbx_validate_torsion.auth_seq_id     36 
_pdbx_validate_torsion.PDB_ins_code    ? 
_pdbx_validate_torsion.label_alt_id    ? 
_pdbx_validate_torsion.phi             -79.41 
_pdbx_validate_torsion.psi             25.95 
# 
_pdbx_SG_project.id                    1 
_pdbx_SG_project.project_name          'PSI, Protein Structure Initiative' 
_pdbx_SG_project.full_name_of_center   'Midwest Center for Structural Genomics' 
_pdbx_SG_project.initial_of_center     MCSG 
# 
loop_
_pdbx_struct_mod_residue.id 
_pdbx_struct_mod_residue.label_asym_id 
_pdbx_struct_mod_residue.label_comp_id 
_pdbx_struct_mod_residue.label_seq_id 
_pdbx_struct_mod_residue.auth_asym_id 
_pdbx_struct_mod_residue.auth_comp_id 
_pdbx_struct_mod_residue.auth_seq_id 
_pdbx_struct_mod_residue.PDB_ins_code 
_pdbx_struct_mod_residue.parent_comp_id 
_pdbx_struct_mod_residue.details 
1 A MSE 8   A MSE 5   ? MET SELENOMETHIONINE 
2 A MSE 66  A MSE 63  ? MET SELENOMETHIONINE 
3 A MSE 80  A MSE 77  ? MET SELENOMETHIONINE 
4 A MSE 147 A MSE 144 ? MET SELENOMETHIONINE 
# 
_diffrn_reflns.diffrn_id                   1 
_diffrn_reflns.pdbx_d_res_high             2.300 
_diffrn_reflns.pdbx_d_res_low              50.000 
_diffrn_reflns.pdbx_number_obs             11316 
_diffrn_reflns.pdbx_Rmerge_I_obs           0.084 
_diffrn_reflns.pdbx_Rsym_value             ? 
_diffrn_reflns.pdbx_chi_squared            2.03 
_diffrn_reflns.av_sigmaI_over_netI         9.20 
_diffrn_reflns.pdbx_redundancy             6.70 
_diffrn_reflns.pdbx_percent_possible_obs   97.30 
_diffrn_reflns.number                      76259 
_diffrn_reflns.pdbx_observed_criterion     ? 
_diffrn_reflns.limit_h_max                 ? 
_diffrn_reflns.limit_h_min                 ? 
_diffrn_reflns.limit_k_max                 ? 
_diffrn_reflns.limit_k_min                 ? 
_diffrn_reflns.limit_l_max                 ? 
_diffrn_reflns.limit_l_min                 ? 
# 
loop_
_pdbx_diffrn_reflns_shell.diffrn_id 
_pdbx_diffrn_reflns_shell.d_res_high 
_pdbx_diffrn_reflns_shell.d_res_low 
_pdbx_diffrn_reflns_shell.number_obs 
_pdbx_diffrn_reflns_shell.rejects 
_pdbx_diffrn_reflns_shell.Rmerge_I_obs 
_pdbx_diffrn_reflns_shell.Rsym_value 
_pdbx_diffrn_reflns_shell.chi_squared 
_pdbx_diffrn_reflns_shell.redundancy 
_pdbx_diffrn_reflns_shell.percent_possible_obs 
1 4.95 50.00 ? ? 0.067 ? 7.189 6.10 94.50 
1 3.93 4.95  ? ? 0.057 ? 2.934 6.90 98.70 
1 3.44 3.93  ? ? 0.063 ? 2.069 7.20 99.30 
1 3.12 3.44  ? ? 0.086 ? 1.476 7.30 99.10 
1 2.90 3.12  ? ? 0.139 ? 1.324 7.50 99.00 
1 2.73 2.90  ? ? 0.228 ? 1.109 7.50 99.10 
1 2.59 2.73  ? ? 0.329 ? 1.009 7.40 98.40 
1 2.48 2.59  ? ? 0.465 ? 1.076 6.90 98.40 
1 2.38 2.48  ? ? 0.511 ? 0.974 5.80 97.20 
1 2.30 2.38  ? ? 0.587 ? 1.022 4.70 89.80 
# 
_pdbx_refine_tls.id               1 
_pdbx_refine_tls.details          ? 
_pdbx_refine_tls.method           refined 
_pdbx_refine_tls.origin_x         0.1304 
_pdbx_refine_tls.origin_y         0.0141 
_pdbx_refine_tls.origin_z         -0.2243 
_pdbx_refine_tls.T[1][1]          -0.2373 
_pdbx_refine_tls.T[2][2]          -0.1835 
_pdbx_refine_tls.T[3][3]          -0.1630 
_pdbx_refine_tls.T[1][2]          -0.0514 
_pdbx_refine_tls.T[1][3]          0.0402 
_pdbx_refine_tls.T[2][3]          0.0040 
_pdbx_refine_tls.L[1][1]          1.0022 
_pdbx_refine_tls.L[2][2]          3.1462 
_pdbx_refine_tls.L[3][3]          3.6301 
_pdbx_refine_tls.L[1][2]          0.4175 
_pdbx_refine_tls.L[1][3]          -0.5910 
_pdbx_refine_tls.L[2][3]          1.2391 
_pdbx_refine_tls.S[1][1]          0.0792 
_pdbx_refine_tls.S[2][2]          0.1400 
_pdbx_refine_tls.S[3][3]          -0.2192 
_pdbx_refine_tls.S[1][2]          -0.0936 
_pdbx_refine_tls.S[1][3]          0.2245 
_pdbx_refine_tls.S[2][3]          -0.0874 
_pdbx_refine_tls.S[2][1]          -0.1936 
_pdbx_refine_tls.S[3][1]          -0.3945 
_pdbx_refine_tls.S[3][2]          0.2213 
_pdbx_refine_tls.pdbx_refine_id   'X-RAY DIFFRACTION' 
# 
_pdbx_refine_tls_group.id                  1 
_pdbx_refine_tls_group.refine_tls_id       1 
_pdbx_refine_tls_group.beg_label_asym_id   A 
_pdbx_refine_tls_group.beg_label_seq_id    7 
_pdbx_refine_tls_group.end_label_asym_id   A 
_pdbx_refine_tls_group.end_label_seq_id    149 
_pdbx_refine_tls_group.selection           ? 
_pdbx_refine_tls_group.beg_auth_asym_id    A 
_pdbx_refine_tls_group.beg_auth_seq_id     4 
_pdbx_refine_tls_group.end_auth_asym_id    A 
_pdbx_refine_tls_group.end_auth_seq_id     146 
_pdbx_refine_tls_group.pdbx_refine_id      'X-RAY DIFFRACTION' 
_pdbx_refine_tls_group.selection_details   ? 
# 
_pdbx_phasing_MAD_set.id                  1 
_pdbx_phasing_MAD_set.d_res_high          2.30 
_pdbx_phasing_MAD_set.d_res_low           50.00 
_pdbx_phasing_MAD_set.reflns_acentric     9376 
_pdbx_phasing_MAD_set.loc_acentric        0.100 
_pdbx_phasing_MAD_set.power_acentric      0.000 
_pdbx_phasing_MAD_set.R_cullis_acentric   1.950 
_pdbx_phasing_MAD_set.reflns_centric      1855 
_pdbx_phasing_MAD_set.loc_centric         0.100 
_pdbx_phasing_MAD_set.power_centric       0.000 
_pdbx_phasing_MAD_set.R_cullis_centric    1.000 
# 
loop_
_pdbx_phasing_MAD_set_shell.id 
_pdbx_phasing_MAD_set_shell.d_res_high 
_pdbx_phasing_MAD_set_shell.d_res_low 
_pdbx_phasing_MAD_set_shell.reflns_acentric 
_pdbx_phasing_MAD_set_shell.loc_acentric 
_pdbx_phasing_MAD_set_shell.power_acentric 
_pdbx_phasing_MAD_set_shell.R_cullis_acentric 
_pdbx_phasing_MAD_set_shell.reflns_centric 
_pdbx_phasing_MAD_set_shell.loc_centric 
_pdbx_phasing_MAD_set_shell.power_centric 
_pdbx_phasing_MAD_set_shell.R_cullis_centric 
1 13.92 50.00 24   0.500 0.000 1.150 32  0.300 0.000 1.000 
1 8.08  13.92 134  0.500 0.000 1.130 87  0.400 0.000 1.000 
1 5.70  8.08  366  0.500 0.000 2.710 150 0.200 0.000 1.000 
1 4.40  5.70  706  0.300 0.000 1.750 214 0.200 0.000 1.000 
1 3.58  4.40  1140 0.100 0.000 1.230 270 0.100 0.000 1.000 
1 3.02  3.58  1684 0.100 0.000 2.620 330 0.000 0.000 1.000 
1 2.61  3.02  2319 0.100 0.000 5.920 375 0.000 0.000 1.000 
1 2.30  2.61  3003 0.000 0.000 2.010 397 0.000 0.000 1.000 
# 
loop_
_pdbx_phasing_MAD_set_site.id 
_pdbx_phasing_MAD_set_site.atom_type_symbol 
_pdbx_phasing_MAD_set_site.fract_x 
_pdbx_phasing_MAD_set_site.fract_y 
_pdbx_phasing_MAD_set_site.fract_z 
_pdbx_phasing_MAD_set_site.b_iso 
_pdbx_phasing_MAD_set_site.occupancy 
1 Se -0.062 -0.253 -0.126 51.98842  0.000 
2 Se -0.156 -0.220 -0.127 38.92291  0.000 
3 Se -0.385 -0.299 -0.064 71.36843  0.000 
4 Se -0.558 -0.206 0.019  87.78764  0.000 
5 Se -0.568 -0.269 -0.026 113.40615 0.000 
# 
loop_
_pdbx_phasing_MAD_shell.d_res_high 
_pdbx_phasing_MAD_shell.d_res_low 
_pdbx_phasing_MAD_shell.reflns 
_pdbx_phasing_MAD_shell.fom 
_pdbx_phasing_MAD_shell.reflns_centric 
_pdbx_phasing_MAD_shell.fom_centric 
_pdbx_phasing_MAD_shell.reflns_acentric 
_pdbx_phasing_MAD_shell.fom_acentric 
13.92 50.00 56   0.226 32  0.000 24   0.526 
8.08  13.92 221  0.338 87  0.000 134  0.557 
5.70  8.08  516  0.388 150 0.000 366  0.547 
4.40  5.70  920  0.393 214 0.000 706  0.512 
3.58  4.40  1410 0.344 270 0.000 1140 0.426 
3.02  3.58  2014 0.255 330 0.000 1684 0.305 
2.61  3.02  2694 0.141 375 0.000 2319 0.164 
2.30  2.61  3400 0.051 397 0.000 3003 0.058 
# 
_pdbx_phasing_dm.entry_id   2RDP 
_pdbx_phasing_dm.method     'Solvent flattening  and Histogram matching' 
_pdbx_phasing_dm.reflns     11231 
# 
loop_
_pdbx_phasing_dm_shell.d_res_high 
_pdbx_phasing_dm_shell.d_res_low 
_pdbx_phasing_dm_shell.delta_phi_final 
_pdbx_phasing_dm_shell.delta_phi_initial 
_pdbx_phasing_dm_shell.fom_acentric 
_pdbx_phasing_dm_shell.fom_centric 
_pdbx_phasing_dm_shell.fom 
_pdbx_phasing_dm_shell.reflns_acentric 
_pdbx_phasing_dm_shell.reflns_centric 
_pdbx_phasing_dm_shell.reflns 
6.660 100.000 65.000 ? ? ? 0.587 ? ? 502 
5.260 6.660   64.200 ? ? ? 0.851 ? ? 506 
4.580 5.260   62.800 ? ? ? 0.883 ? ? 507 
4.150 4.580   62.100 ? ? ? 0.877 ? ? 510 
3.840 4.150   60.700 ? ? ? 0.886 ? ? 504 
3.610 3.840   63.300 ? ? ? 0.849 ? ? 508 
3.430 3.610   61.700 ? ? ? 0.845 ? ? 501 
3.280 3.430   63.000 ? ? ? 0.843 ? ? 506 
3.150 3.280   64.000 ? ? ? 0.819 ? ? 505 
3.040 3.150   68.500 ? ? ? 0.814 ? ? 501 
2.940 3.040   63.000 ? ? ? 0.807 ? ? 503 
2.850 2.940   70.000 ? ? ? 0.802 ? ? 505 
2.780 2.850   72.300 ? ? ? 0.735 ? ? 508 
2.710 2.780   74.300 ? ? ? 0.790 ? ? 505 
2.640 2.710   74.200 ? ? ? 0.753 ? ? 505 
2.580 2.640   78.800 ? ? ? 0.733 ? ? 511 
2.530 2.580   79.600 ? ? ? 0.749 ? ? 505 
2.480 2.530   81.400 ? ? ? 0.724 ? ? 524 
2.430 2.480   81.500 ? ? ? 0.757 ? ? 530 
2.390 2.430   81.700 ? ? ? 0.737 ? ? 521 
2.340 2.390   81.500 ? ? ? 0.709 ? ? 518 
2.300 2.340   87.300 ? ? ? 0.627 ? ? 546 
# 
_phasing.method   SAD 
# 
_phasing_MAD.entry_id               2RDP 
_phasing_MAD.pdbx_d_res_high        2.30 
_phasing_MAD.pdbx_d_res_low         50.00 
_phasing_MAD.pdbx_reflns            11231 
_phasing_MAD.pdbx_fom               0.196 
_phasing_MAD.pdbx_reflns_centric    1855 
_phasing_MAD.pdbx_fom_centric       0.000 
_phasing_MAD.pdbx_reflns_acentric   9376 
_phasing_MAD.pdbx_fom_acentric      0.235 
# 
_pdbx_database_remark.id     999 
_pdbx_database_remark.text   
;SEQUENCE  
THE SEQUENCE OF THIS PROTEIN WAS NOT AVAILABLE AT  
THE UNIPROT DATABASE AT THE TIME OF DEPOSITION.  

;
# 
loop_
_pdbx_unobs_or_zero_occ_residues.id 
_pdbx_unobs_or_zero_occ_residues.PDB_model_num 
_pdbx_unobs_or_zero_occ_residues.polymer_flag 
_pdbx_unobs_or_zero_occ_residues.occupancy_flag 
_pdbx_unobs_or_zero_occ_residues.auth_asym_id 
_pdbx_unobs_or_zero_occ_residues.auth_comp_id 
_pdbx_unobs_or_zero_occ_residues.auth_seq_id 
_pdbx_unobs_or_zero_occ_residues.PDB_ins_code 
_pdbx_unobs_or_zero_occ_residues.label_asym_id 
_pdbx_unobs_or_zero_occ_residues.label_comp_id 
_pdbx_unobs_or_zero_occ_residues.label_seq_id 
1  1 Y 1 A SER -2  ? A SER 1   
2  1 Y 1 A ASN -1  ? A ASN 2   
3  1 Y 1 A ALA 0   ? A ALA 3   
4  1 Y 1 A MSE 1   ? A MSE 4   
5  1 Y 1 A PRO 2   ? A PRO 5   
6  1 Y 1 A SER 3   ? A SER 6   
7  1 Y 1 A ASP 91  ? A ASP 94  
8  1 Y 1 A ARG 92  ? A ARG 95  
9  1 Y 1 A ARG 93  ? A ARG 96  
10 1 Y 1 A GLU 147 ? A GLU 150 
# 
loop_
_chem_comp_atom.comp_id 
_chem_comp_atom.atom_id 
_chem_comp_atom.type_symbol 
_chem_comp_atom.pdbx_aromatic_flag 
_chem_comp_atom.pdbx_stereo_config 
_chem_comp_atom.pdbx_ordinal 
ALA N    N  N N 1   
ALA CA   C  N S 2   
ALA C    C  N N 3   
ALA O    O  N N 4   
ALA CB   C  N N 5   
ALA OXT  O  N N 6   
ALA H    H  N N 7   
ALA H2   H  N N 8   
ALA HA   H  N N 9   
ALA HB1  H  N N 10  
ALA HB2  H  N N 11  
ALA HB3  H  N N 12  
ALA HXT  H  N N 13  
ARG N    N  N N 14  
ARG CA   C  N S 15  
ARG C    C  N N 16  
ARG O    O  N N 17  
ARG CB   C  N N 18  
ARG CG   C  N N 19  
ARG CD   C  N N 20  
ARG NE   N  N N 21  
ARG CZ   C  N N 22  
ARG NH1  N  N N 23  
ARG NH2  N  N N 24  
ARG OXT  O  N N 25  
ARG H    H  N N 26  
ARG H2   H  N N 27  
ARG HA   H  N N 28  
ARG HB2  H  N N 29  
ARG HB3  H  N N 30  
ARG HG2  H  N N 31  
ARG HG3  H  N N 32  
ARG HD2  H  N N 33  
ARG HD3  H  N N 34  
ARG HE   H  N N 35  
ARG HH11 H  N N 36  
ARG HH12 H  N N 37  
ARG HH21 H  N N 38  
ARG HH22 H  N N 39  
ARG HXT  H  N N 40  
ASN N    N  N N 41  
ASN CA   C  N S 42  
ASN C    C  N N 43  
ASN O    O  N N 44  
ASN CB   C  N N 45  
ASN CG   C  N N 46  
ASN OD1  O  N N 47  
ASN ND2  N  N N 48  
ASN OXT  O  N N 49  
ASN H    H  N N 50  
ASN H2   H  N N 51  
ASN HA   H  N N 52  
ASN HB2  H  N N 53  
ASN HB3  H  N N 54  
ASN HD21 H  N N 55  
ASN HD22 H  N N 56  
ASN HXT  H  N N 57  
ASP N    N  N N 58  
ASP CA   C  N S 59  
ASP C    C  N N 60  
ASP O    O  N N 61  
ASP CB   C  N N 62  
ASP CG   C  N N 63  
ASP OD1  O  N N 64  
ASP OD2  O  N N 65  
ASP OXT  O  N N 66  
ASP H    H  N N 67  
ASP H2   H  N N 68  
ASP HA   H  N N 69  
ASP HB2  H  N N 70  
ASP HB3  H  N N 71  
ASP HD2  H  N N 72  
ASP HXT  H  N N 73  
BME C1   C  N N 74  
BME C2   C  N N 75  
BME O1   O  N N 76  
BME S2   S  N N 77  
BME H11  H  N N 78  
BME H12  H  N N 79  
BME H21  H  N N 80  
BME H22  H  N N 81  
BME HO1  H  N N 82  
BME HS2  H  N N 83  
CYS N    N  N N 84  
CYS CA   C  N R 85  
CYS C    C  N N 86  
CYS O    O  N N 87  
CYS CB   C  N N 88  
CYS SG   S  N N 89  
CYS OXT  O  N N 90  
CYS H    H  N N 91  
CYS H2   H  N N 92  
CYS HA   H  N N 93  
CYS HB2  H  N N 94  
CYS HB3  H  N N 95  
CYS HG   H  N N 96  
CYS HXT  H  N N 97  
GLN N    N  N N 98  
GLN CA   C  N S 99  
GLN C    C  N N 100 
GLN O    O  N N 101 
GLN CB   C  N N 102 
GLN CG   C  N N 103 
GLN CD   C  N N 104 
GLN OE1  O  N N 105 
GLN NE2  N  N N 106 
GLN OXT  O  N N 107 
GLN H    H  N N 108 
GLN H2   H  N N 109 
GLN HA   H  N N 110 
GLN HB2  H  N N 111 
GLN HB3  H  N N 112 
GLN HG2  H  N N 113 
GLN HG3  H  N N 114 
GLN HE21 H  N N 115 
GLN HE22 H  N N 116 
GLN HXT  H  N N 117 
GLU N    N  N N 118 
GLU CA   C  N S 119 
GLU C    C  N N 120 
GLU O    O  N N 121 
GLU CB   C  N N 122 
GLU CG   C  N N 123 
GLU CD   C  N N 124 
GLU OE1  O  N N 125 
GLU OE2  O  N N 126 
GLU OXT  O  N N 127 
GLU H    H  N N 128 
GLU H2   H  N N 129 
GLU HA   H  N N 130 
GLU HB2  H  N N 131 
GLU HB3  H  N N 132 
GLU HG2  H  N N 133 
GLU HG3  H  N N 134 
GLU HE2  H  N N 135 
GLU HXT  H  N N 136 
GLY N    N  N N 137 
GLY CA   C  N N 138 
GLY C    C  N N 139 
GLY O    O  N N 140 
GLY OXT  O  N N 141 
GLY H    H  N N 142 
GLY H2   H  N N 143 
GLY HA2  H  N N 144 
GLY HA3  H  N N 145 
GLY HXT  H  N N 146 
HIS N    N  N N 147 
HIS CA   C  N S 148 
HIS C    C  N N 149 
HIS O    O  N N 150 
HIS CB   C  N N 151 
HIS CG   C  Y N 152 
HIS ND1  N  Y N 153 
HIS CD2  C  Y N 154 
HIS CE1  C  Y N 155 
HIS NE2  N  Y N 156 
HIS OXT  O  N N 157 
HIS H    H  N N 158 
HIS H2   H  N N 159 
HIS HA   H  N N 160 
HIS HB2  H  N N 161 
HIS HB3  H  N N 162 
HIS HD1  H  N N 163 
HIS HD2  H  N N 164 
HIS HE1  H  N N 165 
HIS HE2  H  N N 166 
HIS HXT  H  N N 167 
HOH O    O  N N 168 
HOH H1   H  N N 169 
HOH H2   H  N N 170 
ILE N    N  N N 171 
ILE CA   C  N S 172 
ILE C    C  N N 173 
ILE O    O  N N 174 
ILE CB   C  N S 175 
ILE CG1  C  N N 176 
ILE CG2  C  N N 177 
ILE CD1  C  N N 178 
ILE OXT  O  N N 179 
ILE H    H  N N 180 
ILE H2   H  N N 181 
ILE HA   H  N N 182 
ILE HB   H  N N 183 
ILE HG12 H  N N 184 
ILE HG13 H  N N 185 
ILE HG21 H  N N 186 
ILE HG22 H  N N 187 
ILE HG23 H  N N 188 
ILE HD11 H  N N 189 
ILE HD12 H  N N 190 
ILE HD13 H  N N 191 
ILE HXT  H  N N 192 
LEU N    N  N N 193 
LEU CA   C  N S 194 
LEU C    C  N N 195 
LEU O    O  N N 196 
LEU CB   C  N N 197 
LEU CG   C  N N 198 
LEU CD1  C  N N 199 
LEU CD2  C  N N 200 
LEU OXT  O  N N 201 
LEU H    H  N N 202 
LEU H2   H  N N 203 
LEU HA   H  N N 204 
LEU HB2  H  N N 205 
LEU HB3  H  N N 206 
LEU HG   H  N N 207 
LEU HD11 H  N N 208 
LEU HD12 H  N N 209 
LEU HD13 H  N N 210 
LEU HD21 H  N N 211 
LEU HD22 H  N N 212 
LEU HD23 H  N N 213 
LEU HXT  H  N N 214 
LYS N    N  N N 215 
LYS CA   C  N S 216 
LYS C    C  N N 217 
LYS O    O  N N 218 
LYS CB   C  N N 219 
LYS CG   C  N N 220 
LYS CD   C  N N 221 
LYS CE   C  N N 222 
LYS NZ   N  N N 223 
LYS OXT  O  N N 224 
LYS H    H  N N 225 
LYS H2   H  N N 226 
LYS HA   H  N N 227 
LYS HB2  H  N N 228 
LYS HB3  H  N N 229 
LYS HG2  H  N N 230 
LYS HG3  H  N N 231 
LYS HD2  H  N N 232 
LYS HD3  H  N N 233 
LYS HE2  H  N N 234 
LYS HE3  H  N N 235 
LYS HZ1  H  N N 236 
LYS HZ2  H  N N 237 
LYS HZ3  H  N N 238 
LYS HXT  H  N N 239 
MSE N    N  N N 240 
MSE CA   C  N S 241 
MSE C    C  N N 242 
MSE O    O  N N 243 
MSE OXT  O  N N 244 
MSE CB   C  N N 245 
MSE CG   C  N N 246 
MSE SE   SE N N 247 
MSE CE   C  N N 248 
MSE H    H  N N 249 
MSE H2   H  N N 250 
MSE HA   H  N N 251 
MSE HXT  H  N N 252 
MSE HB2  H  N N 253 
MSE HB3  H  N N 254 
MSE HG2  H  N N 255 
MSE HG3  H  N N 256 
MSE HE1  H  N N 257 
MSE HE2  H  N N 258 
MSE HE3  H  N N 259 
NA  NA   NA N N 260 
PHE N    N  N N 261 
PHE CA   C  N S 262 
PHE C    C  N N 263 
PHE O    O  N N 264 
PHE CB   C  N N 265 
PHE CG   C  Y N 266 
PHE CD1  C  Y N 267 
PHE CD2  C  Y N 268 
PHE CE1  C  Y N 269 
PHE CE2  C  Y N 270 
PHE CZ   C  Y N 271 
PHE OXT  O  N N 272 
PHE H    H  N N 273 
PHE H2   H  N N 274 
PHE HA   H  N N 275 
PHE HB2  H  N N 276 
PHE HB3  H  N N 277 
PHE HD1  H  N N 278 
PHE HD2  H  N N 279 
PHE HE1  H  N N 280 
PHE HE2  H  N N 281 
PHE HZ   H  N N 282 
PHE HXT  H  N N 283 
PO4 P    P  N N 284 
PO4 O1   O  N N 285 
PO4 O2   O  N N 286 
PO4 O3   O  N N 287 
PO4 O4   O  N N 288 
PRO N    N  N N 289 
PRO CA   C  N S 290 
PRO C    C  N N 291 
PRO O    O  N N 292 
PRO CB   C  N N 293 
PRO CG   C  N N 294 
PRO CD   C  N N 295 
PRO OXT  O  N N 296 
PRO H    H  N N 297 
PRO HA   H  N N 298 
PRO HB2  H  N N 299 
PRO HB3  H  N N 300 
PRO HG2  H  N N 301 
PRO HG3  H  N N 302 
PRO HD2  H  N N 303 
PRO HD3  H  N N 304 
PRO HXT  H  N N 305 
SER N    N  N N 306 
SER CA   C  N S 307 
SER C    C  N N 308 
SER O    O  N N 309 
SER CB   C  N N 310 
SER OG   O  N N 311 
SER OXT  O  N N 312 
SER H    H  N N 313 
SER H2   H  N N 314 
SER HA   H  N N 315 
SER HB2  H  N N 316 
SER HB3  H  N N 317 
SER HG   H  N N 318 
SER HXT  H  N N 319 
THR N    N  N N 320 
THR CA   C  N S 321 
THR C    C  N N 322 
THR O    O  N N 323 
THR CB   C  N R 324 
THR OG1  O  N N 325 
THR CG2  C  N N 326 
THR OXT  O  N N 327 
THR H    H  N N 328 
THR H2   H  N N 329 
THR HA   H  N N 330 
THR HB   H  N N 331 
THR HG1  H  N N 332 
THR HG21 H  N N 333 
THR HG22 H  N N 334 
THR HG23 H  N N 335 
THR HXT  H  N N 336 
TRP N    N  N N 337 
TRP CA   C  N S 338 
TRP C    C  N N 339 
TRP O    O  N N 340 
TRP CB   C  N N 341 
TRP CG   C  Y N 342 
TRP CD1  C  Y N 343 
TRP CD2  C  Y N 344 
TRP NE1  N  Y N 345 
TRP CE2  C  Y N 346 
TRP CE3  C  Y N 347 
TRP CZ2  C  Y N 348 
TRP CZ3  C  Y N 349 
TRP CH2  C  Y N 350 
TRP OXT  O  N N 351 
TRP H    H  N N 352 
TRP H2   H  N N 353 
TRP HA   H  N N 354 
TRP HB2  H  N N 355 
TRP HB3  H  N N 356 
TRP HD1  H  N N 357 
TRP HE1  H  N N 358 
TRP HE3  H  N N 359 
TRP HZ2  H  N N 360 
TRP HZ3  H  N N 361 
TRP HH2  H  N N 362 
TRP HXT  H  N N 363 
TYR N    N  N N 364 
TYR CA   C  N S 365 
TYR C    C  N N 366 
TYR O    O  N N 367 
TYR CB   C  N N 368 
TYR CG   C  Y N 369 
TYR CD1  C  Y N 370 
TYR CD2  C  Y N 371 
TYR CE1  C  Y N 372 
TYR CE2  C  Y N 373 
TYR CZ   C  Y N 374 
TYR OH   O  N N 375 
TYR OXT  O  N N 376 
TYR H    H  N N 377 
TYR H2   H  N N 378 
TYR HA   H  N N 379 
TYR HB2  H  N N 380 
TYR HB3  H  N N 381 
TYR HD1  H  N N 382 
TYR HD2  H  N N 383 
TYR HE1  H  N N 384 
TYR HE2  H  N N 385 
TYR HH   H  N N 386 
TYR HXT  H  N N 387 
VAL N    N  N N 388 
VAL CA   C  N S 389 
VAL C    C  N N 390 
VAL O    O  N N 391 
VAL CB   C  N N 392 
VAL CG1  C  N N 393 
VAL CG2  C  N N 394 
VAL OXT  O  N N 395 
VAL H    H  N N 396 
VAL H2   H  N N 397 
VAL HA   H  N N 398 
VAL HB   H  N N 399 
VAL HG11 H  N N 400 
VAL HG12 H  N N 401 
VAL HG13 H  N N 402 
VAL HG21 H  N N 403 
VAL HG22 H  N N 404 
VAL HG23 H  N N 405 
VAL HXT  H  N N 406 
# 
loop_
_chem_comp_bond.comp_id 
_chem_comp_bond.atom_id_1 
_chem_comp_bond.atom_id_2 
_chem_comp_bond.value_order 
_chem_comp_bond.pdbx_aromatic_flag 
_chem_comp_bond.pdbx_stereo_config 
_chem_comp_bond.pdbx_ordinal 
ALA N   CA   sing N N 1   
ALA N   H    sing N N 2   
ALA N   H2   sing N N 3   
ALA CA  C    sing N N 4   
ALA CA  CB   sing N N 5   
ALA CA  HA   sing N N 6   
ALA C   O    doub N N 7   
ALA C   OXT  sing N N 8   
ALA CB  HB1  sing N N 9   
ALA CB  HB2  sing N N 10  
ALA CB  HB3  sing N N 11  
ALA OXT HXT  sing N N 12  
ARG N   CA   sing N N 13  
ARG N   H    sing N N 14  
ARG N   H2   sing N N 15  
ARG CA  C    sing N N 16  
ARG CA  CB   sing N N 17  
ARG CA  HA   sing N N 18  
ARG C   O    doub N N 19  
ARG C   OXT  sing N N 20  
ARG CB  CG   sing N N 21  
ARG CB  HB2  sing N N 22  
ARG CB  HB3  sing N N 23  
ARG CG  CD   sing N N 24  
ARG CG  HG2  sing N N 25  
ARG CG  HG3  sing N N 26  
ARG CD  NE   sing N N 27  
ARG CD  HD2  sing N N 28  
ARG CD  HD3  sing N N 29  
ARG NE  CZ   sing N N 30  
ARG NE  HE   sing N N 31  
ARG CZ  NH1  sing N N 32  
ARG CZ  NH2  doub N N 33  
ARG NH1 HH11 sing N N 34  
ARG NH1 HH12 sing N N 35  
ARG NH2 HH21 sing N N 36  
ARG NH2 HH22 sing N N 37  
ARG OXT HXT  sing N N 38  
ASN N   CA   sing N N 39  
ASN N   H    sing N N 40  
ASN N   H2   sing N N 41  
ASN CA  C    sing N N 42  
ASN CA  CB   sing N N 43  
ASN CA  HA   sing N N 44  
ASN C   O    doub N N 45  
ASN C   OXT  sing N N 46  
ASN CB  CG   sing N N 47  
ASN CB  HB2  sing N N 48  
ASN CB  HB3  sing N N 49  
ASN CG  OD1  doub N N 50  
ASN CG  ND2  sing N N 51  
ASN ND2 HD21 sing N N 52  
ASN ND2 HD22 sing N N 53  
ASN OXT HXT  sing N N 54  
ASP N   CA   sing N N 55  
ASP N   H    sing N N 56  
ASP N   H2   sing N N 57  
ASP CA  C    sing N N 58  
ASP CA  CB   sing N N 59  
ASP CA  HA   sing N N 60  
ASP C   O    doub N N 61  
ASP C   OXT  sing N N 62  
ASP CB  CG   sing N N 63  
ASP CB  HB2  sing N N 64  
ASP CB  HB3  sing N N 65  
ASP CG  OD1  doub N N 66  
ASP CG  OD2  sing N N 67  
ASP OD2 HD2  sing N N 68  
ASP OXT HXT  sing N N 69  
BME C1  C2   sing N N 70  
BME C1  O1   sing N N 71  
BME C1  H11  sing N N 72  
BME C1  H12  sing N N 73  
BME C2  S2   sing N N 74  
BME C2  H21  sing N N 75  
BME C2  H22  sing N N 76  
BME O1  HO1  sing N N 77  
BME S2  HS2  sing N N 78  
CYS N   CA   sing N N 79  
CYS N   H    sing N N 80  
CYS N   H2   sing N N 81  
CYS CA  C    sing N N 82  
CYS CA  CB   sing N N 83  
CYS CA  HA   sing N N 84  
CYS C   O    doub N N 85  
CYS C   OXT  sing N N 86  
CYS CB  SG   sing N N 87  
CYS CB  HB2  sing N N 88  
CYS CB  HB3  sing N N 89  
CYS SG  HG   sing N N 90  
CYS OXT HXT  sing N N 91  
GLN N   CA   sing N N 92  
GLN N   H    sing N N 93  
GLN N   H2   sing N N 94  
GLN CA  C    sing N N 95  
GLN CA  CB   sing N N 96  
GLN CA  HA   sing N N 97  
GLN C   O    doub N N 98  
GLN C   OXT  sing N N 99  
GLN CB  CG   sing N N 100 
GLN CB  HB2  sing N N 101 
GLN CB  HB3  sing N N 102 
GLN CG  CD   sing N N 103 
GLN CG  HG2  sing N N 104 
GLN CG  HG3  sing N N 105 
GLN CD  OE1  doub N N 106 
GLN CD  NE2  sing N N 107 
GLN NE2 HE21 sing N N 108 
GLN NE2 HE22 sing N N 109 
GLN OXT HXT  sing N N 110 
GLU N   CA   sing N N 111 
GLU N   H    sing N N 112 
GLU N   H2   sing N N 113 
GLU CA  C    sing N N 114 
GLU CA  CB   sing N N 115 
GLU CA  HA   sing N N 116 
GLU C   O    doub N N 117 
GLU C   OXT  sing N N 118 
GLU CB  CG   sing N N 119 
GLU CB  HB2  sing N N 120 
GLU CB  HB3  sing N N 121 
GLU CG  CD   sing N N 122 
GLU CG  HG2  sing N N 123 
GLU CG  HG3  sing N N 124 
GLU CD  OE1  doub N N 125 
GLU CD  OE2  sing N N 126 
GLU OE2 HE2  sing N N 127 
GLU OXT HXT  sing N N 128 
GLY N   CA   sing N N 129 
GLY N   H    sing N N 130 
GLY N   H2   sing N N 131 
GLY CA  C    sing N N 132 
GLY CA  HA2  sing N N 133 
GLY CA  HA3  sing N N 134 
GLY C   O    doub N N 135 
GLY C   OXT  sing N N 136 
GLY OXT HXT  sing N N 137 
HIS N   CA   sing N N 138 
HIS N   H    sing N N 139 
HIS N   H2   sing N N 140 
HIS CA  C    sing N N 141 
HIS CA  CB   sing N N 142 
HIS CA  HA   sing N N 143 
HIS C   O    doub N N 144 
HIS C   OXT  sing N N 145 
HIS CB  CG   sing N N 146 
HIS CB  HB2  sing N N 147 
HIS CB  HB3  sing N N 148 
HIS CG  ND1  sing Y N 149 
HIS CG  CD2  doub Y N 150 
HIS ND1 CE1  doub Y N 151 
HIS ND1 HD1  sing N N 152 
HIS CD2 NE2  sing Y N 153 
HIS CD2 HD2  sing N N 154 
HIS CE1 NE2  sing Y N 155 
HIS CE1 HE1  sing N N 156 
HIS NE2 HE2  sing N N 157 
HIS OXT HXT  sing N N 158 
HOH O   H1   sing N N 159 
HOH O   H2   sing N N 160 
ILE N   CA   sing N N 161 
ILE N   H    sing N N 162 
ILE N   H2   sing N N 163 
ILE CA  C    sing N N 164 
ILE CA  CB   sing N N 165 
ILE CA  HA   sing N N 166 
ILE C   O    doub N N 167 
ILE C   OXT  sing N N 168 
ILE CB  CG1  sing N N 169 
ILE CB  CG2  sing N N 170 
ILE CB  HB   sing N N 171 
ILE CG1 CD1  sing N N 172 
ILE CG1 HG12 sing N N 173 
ILE CG1 HG13 sing N N 174 
ILE CG2 HG21 sing N N 175 
ILE CG2 HG22 sing N N 176 
ILE CG2 HG23 sing N N 177 
ILE CD1 HD11 sing N N 178 
ILE CD1 HD12 sing N N 179 
ILE CD1 HD13 sing N N 180 
ILE OXT HXT  sing N N 181 
LEU N   CA   sing N N 182 
LEU N   H    sing N N 183 
LEU N   H2   sing N N 184 
LEU CA  C    sing N N 185 
LEU CA  CB   sing N N 186 
LEU CA  HA   sing N N 187 
LEU C   O    doub N N 188 
LEU C   OXT  sing N N 189 
LEU CB  CG   sing N N 190 
LEU CB  HB2  sing N N 191 
LEU CB  HB3  sing N N 192 
LEU CG  CD1  sing N N 193 
LEU CG  CD2  sing N N 194 
LEU CG  HG   sing N N 195 
LEU CD1 HD11 sing N N 196 
LEU CD1 HD12 sing N N 197 
LEU CD1 HD13 sing N N 198 
LEU CD2 HD21 sing N N 199 
LEU CD2 HD22 sing N N 200 
LEU CD2 HD23 sing N N 201 
LEU OXT HXT  sing N N 202 
LYS N   CA   sing N N 203 
LYS N   H    sing N N 204 
LYS N   H2   sing N N 205 
LYS CA  C    sing N N 206 
LYS CA  CB   sing N N 207 
LYS CA  HA   sing N N 208 
LYS C   O    doub N N 209 
LYS C   OXT  sing N N 210 
LYS CB  CG   sing N N 211 
LYS CB  HB2  sing N N 212 
LYS CB  HB3  sing N N 213 
LYS CG  CD   sing N N 214 
LYS CG  HG2  sing N N 215 
LYS CG  HG3  sing N N 216 
LYS CD  CE   sing N N 217 
LYS CD  HD2  sing N N 218 
LYS CD  HD3  sing N N 219 
LYS CE  NZ   sing N N 220 
LYS CE  HE2  sing N N 221 
LYS CE  HE3  sing N N 222 
LYS NZ  HZ1  sing N N 223 
LYS NZ  HZ2  sing N N 224 
LYS NZ  HZ3  sing N N 225 
LYS OXT HXT  sing N N 226 
MSE N   CA   sing N N 227 
MSE N   H    sing N N 228 
MSE N   H2   sing N N 229 
MSE CA  C    sing N N 230 
MSE CA  CB   sing N N 231 
MSE CA  HA   sing N N 232 
MSE C   O    doub N N 233 
MSE C   OXT  sing N N 234 
MSE OXT HXT  sing N N 235 
MSE CB  CG   sing N N 236 
MSE CB  HB2  sing N N 237 
MSE CB  HB3  sing N N 238 
MSE CG  SE   sing N N 239 
MSE CG  HG2  sing N N 240 
MSE CG  HG3  sing N N 241 
MSE SE  CE   sing N N 242 
MSE CE  HE1  sing N N 243 
MSE CE  HE2  sing N N 244 
MSE CE  HE3  sing N N 245 
PHE N   CA   sing N N 246 
PHE N   H    sing N N 247 
PHE N   H2   sing N N 248 
PHE CA  C    sing N N 249 
PHE CA  CB   sing N N 250 
PHE CA  HA   sing N N 251 
PHE C   O    doub N N 252 
PHE C   OXT  sing N N 253 
PHE CB  CG   sing N N 254 
PHE CB  HB2  sing N N 255 
PHE CB  HB3  sing N N 256 
PHE CG  CD1  doub Y N 257 
PHE CG  CD2  sing Y N 258 
PHE CD1 CE1  sing Y N 259 
PHE CD1 HD1  sing N N 260 
PHE CD2 CE2  doub Y N 261 
PHE CD2 HD2  sing N N 262 
PHE CE1 CZ   doub Y N 263 
PHE CE1 HE1  sing N N 264 
PHE CE2 CZ   sing Y N 265 
PHE CE2 HE2  sing N N 266 
PHE CZ  HZ   sing N N 267 
PHE OXT HXT  sing N N 268 
PO4 P   O1   doub N N 269 
PO4 P   O2   sing N N 270 
PO4 P   O3   sing N N 271 
PO4 P   O4   sing N N 272 
PRO N   CA   sing N N 273 
PRO N   CD   sing N N 274 
PRO N   H    sing N N 275 
PRO CA  C    sing N N 276 
PRO CA  CB   sing N N 277 
PRO CA  HA   sing N N 278 
PRO C   O    doub N N 279 
PRO C   OXT  sing N N 280 
PRO CB  CG   sing N N 281 
PRO CB  HB2  sing N N 282 
PRO CB  HB3  sing N N 283 
PRO CG  CD   sing N N 284 
PRO CG  HG2  sing N N 285 
PRO CG  HG3  sing N N 286 
PRO CD  HD2  sing N N 287 
PRO CD  HD3  sing N N 288 
PRO OXT HXT  sing N N 289 
SER N   CA   sing N N 290 
SER N   H    sing N N 291 
SER N   H2   sing N N 292 
SER CA  C    sing N N 293 
SER CA  CB   sing N N 294 
SER CA  HA   sing N N 295 
SER C   O    doub N N 296 
SER C   OXT  sing N N 297 
SER CB  OG   sing N N 298 
SER CB  HB2  sing N N 299 
SER CB  HB3  sing N N 300 
SER OG  HG   sing N N 301 
SER OXT HXT  sing N N 302 
THR N   CA   sing N N 303 
THR N   H    sing N N 304 
THR N   H2   sing N N 305 
THR CA  C    sing N N 306 
THR CA  CB   sing N N 307 
THR CA  HA   sing N N 308 
THR C   O    doub N N 309 
THR C   OXT  sing N N 310 
THR CB  OG1  sing N N 311 
THR CB  CG2  sing N N 312 
THR CB  HB   sing N N 313 
THR OG1 HG1  sing N N 314 
THR CG2 HG21 sing N N 315 
THR CG2 HG22 sing N N 316 
THR CG2 HG23 sing N N 317 
THR OXT HXT  sing N N 318 
TRP N   CA   sing N N 319 
TRP N   H    sing N N 320 
TRP N   H2   sing N N 321 
TRP CA  C    sing N N 322 
TRP CA  CB   sing N N 323 
TRP CA  HA   sing N N 324 
TRP C   O    doub N N 325 
TRP C   OXT  sing N N 326 
TRP CB  CG   sing N N 327 
TRP CB  HB2  sing N N 328 
TRP CB  HB3  sing N N 329 
TRP CG  CD1  doub Y N 330 
TRP CG  CD2  sing Y N 331 
TRP CD1 NE1  sing Y N 332 
TRP CD1 HD1  sing N N 333 
TRP CD2 CE2  doub Y N 334 
TRP CD2 CE3  sing Y N 335 
TRP NE1 CE2  sing Y N 336 
TRP NE1 HE1  sing N N 337 
TRP CE2 CZ2  sing Y N 338 
TRP CE3 CZ3  doub Y N 339 
TRP CE3 HE3  sing N N 340 
TRP CZ2 CH2  doub Y N 341 
TRP CZ2 HZ2  sing N N 342 
TRP CZ3 CH2  sing Y N 343 
TRP CZ3 HZ3  sing N N 344 
TRP CH2 HH2  sing N N 345 
TRP OXT HXT  sing N N 346 
TYR N   CA   sing N N 347 
TYR N   H    sing N N 348 
TYR N   H2   sing N N 349 
TYR CA  C    sing N N 350 
TYR CA  CB   sing N N 351 
TYR CA  HA   sing N N 352 
TYR C   O    doub N N 353 
TYR C   OXT  sing N N 354 
TYR CB  CG   sing N N 355 
TYR CB  HB2  sing N N 356 
TYR CB  HB3  sing N N 357 
TYR CG  CD1  doub Y N 358 
TYR CG  CD2  sing Y N 359 
TYR CD1 CE1  sing Y N 360 
TYR CD1 HD1  sing N N 361 
TYR CD2 CE2  doub Y N 362 
TYR CD2 HD2  sing N N 363 
TYR CE1 CZ   doub Y N 364 
TYR CE1 HE1  sing N N 365 
TYR CE2 CZ   sing Y N 366 
TYR CE2 HE2  sing N N 367 
TYR CZ  OH   sing N N 368 
TYR OH  HH   sing N N 369 
TYR OXT HXT  sing N N 370 
VAL N   CA   sing N N 371 
VAL N   H    sing N N 372 
VAL N   H2   sing N N 373 
VAL CA  C    sing N N 374 
VAL CA  CB   sing N N 375 
VAL CA  HA   sing N N 376 
VAL C   O    doub N N 377 
VAL C   OXT  sing N N 378 
VAL CB  CG1  sing N N 379 
VAL CB  CG2  sing N N 380 
VAL CB  HB   sing N N 381 
VAL CG1 HG11 sing N N 382 
VAL CG1 HG12 sing N N 383 
VAL CG1 HG13 sing N N 384 
VAL CG2 HG21 sing N N 385 
VAL CG2 HG22 sing N N 386 
VAL CG2 HG23 sing N N 387 
VAL OXT HXT  sing N N 388 
# 
_atom_sites.entry_id                    2RDP 
_atom_sites.fract_transf_matrix[1][1]   -0.01007973 
_atom_sites.fract_transf_matrix[1][2]   -0.00450417 
_atom_sites.fract_transf_matrix[1][3]   -0.00790574 
_atom_sites.fract_transf_matrix[2][1]   0.00794413 
_atom_sites.fract_transf_matrix[2][2]   0.00139582 
_atom_sites.fract_transf_matrix[2][3]   -0.01092391 
_atom_sites.fract_transf_matrix[3][1]   0.00361254 
_atom_sites.fract_transf_matrix[3][2]   -0.01036984 
_atom_sites.fract_transf_matrix[3][3]   0.00130210 
_atom_sites.fract_transf_vector[1]      0.206593 
_atom_sites.fract_transf_vector[2]      0.321402 
_atom_sites.fract_transf_vector[3]      0.419502 
# 
loop_
_atom_type.symbol 
C  
N  
NA 
O  
P  
S  
SE 
# 
loop_
_atom_site.group_PDB 
_atom_site.id 
_atom_site.type_symbol 
_atom_site.label_atom_id 
_atom_site.label_alt_id 
_atom_site.label_comp_id 
_atom_site.label_asym_id 
_atom_site.label_entity_id 
_atom_site.label_seq_id 
_atom_site.pdbx_PDB_ins_code 
_atom_site.Cartn_x 
_atom_site.Cartn_y 
_atom_site.Cartn_z 
_atom_site.occupancy 
_atom_site.B_iso_or_equiv 
_atom_site.pdbx_formal_charge 
_atom_site.auth_seq_id 
_atom_site.auth_comp_id 
_atom_site.auth_asym_id 
_atom_site.auth_atom_id 
_atom_site.pdbx_PDB_model_num 
ATOM   1    N  N   . ALA A 1 7   ? -26.013 -16.586 -12.409 1.00 69.36 ? 4   ALA A N   1 
ATOM   2    C  CA  . ALA A 1 7   ? -25.578 -17.163 -13.719 1.00 69.18 ? 4   ALA A CA  1 
ATOM   3    C  C   . ALA A 1 7   ? -24.065 -17.378 -13.691 1.00 68.64 ? 4   ALA A C   1 
ATOM   4    O  O   . ALA A 1 7   ? -23.425 -17.613 -14.736 1.00 69.07 ? 4   ALA A O   1 
ATOM   5    C  CB  . ALA A 1 7   ? -25.965 -16.238 -14.879 1.00 69.47 ? 4   ALA A CB  1 
HETATM 6    N  N   . MSE A 1 8   ? -23.503 -17.285 -12.487 1.00 67.37 ? 5   MSE A N   1 
HETATM 7    C  CA  . MSE A 1 8   ? -22.057 -17.409 -12.301 1.00 65.82 ? 5   MSE A CA  1 
HETATM 8    C  C   . MSE A 1 8   ? -21.685 -18.820 -11.888 1.00 63.14 ? 5   MSE A C   1 
HETATM 9    O  O   . MSE A 1 8   ? -22.467 -19.500 -11.227 1.00 64.45 ? 5   MSE A O   1 
HETATM 10   C  CB  . MSE A 1 8   ? -21.539 -16.358 -11.326 1.00 66.93 ? 5   MSE A CB  1 
HETATM 11   C  CG  . MSE A 1 8   ? -21.734 -14.960 -11.895 1.00 70.07 ? 5   MSE A CG  1 
HETATM 12   SE SE  . MSE A 1 8   ? -20.223 -13.783 -11.677 0.60 79.31 ? 5   MSE A SE  1 
HETATM 13   C  CE  . MSE A 1 8   ? -18.613 -14.926 -11.892 1.00 74.85 ? 5   MSE A CE  1 
ATOM   14   N  N   . ASN A 1 9   ? -20.525 -19.272 -12.328 1.00 58.79 ? 6   ASN A N   1 
ATOM   15   C  CA  . ASN A 1 9   ? -20.152 -20.647 -12.180 1.00 55.14 ? 6   ASN A CA  1 
ATOM   16   C  C   . ASN A 1 9   ? -19.409 -20.820 -10.868 1.00 54.11 ? 6   ASN A C   1 
ATOM   17   O  O   . ASN A 1 9   ? -18.356 -20.232 -10.684 1.00 52.97 ? 6   ASN A O   1 
ATOM   18   C  CB  . ASN A 1 9   ? -19.333 -21.085 -13.395 1.00 54.13 ? 6   ASN A CB  1 
ATOM   19   C  CG  . ASN A 1 9   ? -18.853 -22.508 -13.307 1.00 49.72 ? 6   ASN A CG  1 
ATOM   20   O  OD1 . ASN A 1 9   ? -17.959 -22.826 -12.553 1.00 47.50 ? 6   ASN A OD1 1 
ATOM   21   N  ND2 . ASN A 1 9   ? -19.426 -23.358 -14.095 1.00 50.72 ? 6   ASN A ND2 1 
ATOM   22   N  N   . GLU A 1 10  ? -19.962 -21.629 -9.962  1.00 53.32 ? 7   GLU A N   1 
ATOM   23   C  CA  . GLU A 1 10  ? -19.405 -21.715 -8.601  1.00 53.70 ? 7   GLU A CA  1 
ATOM   24   C  C   . GLU A 1 10  ? -18.052 -22.431 -8.471  1.00 52.70 ? 7   GLU A C   1 
ATOM   25   O  O   . GLU A 1 10  ? -17.243 -22.026 -7.659  1.00 52.27 ? 7   GLU A O   1 
ATOM   26   C  CB  . GLU A 1 10  ? -20.424 -22.222 -7.571  1.00 53.96 ? 7   GLU A CB  1 
ATOM   27   C  CG  . GLU A 1 10  ? -20.885 -23.620 -7.745  1.00 57.56 ? 7   GLU A CG  1 
ATOM   28   C  CD  . GLU A 1 10  ? -22.224 -23.849 -7.051  1.00 62.29 ? 7   GLU A CD  1 
ATOM   29   O  OE1 . GLU A 1 10  ? -22.425 -23.234 -5.967  1.00 65.22 ? 7   GLU A OE1 1 
ATOM   30   O  OE2 . GLU A 1 10  ? -23.064 -24.618 -7.591  1.00 59.04 ? 7   GLU A OE2 1 
ATOM   31   N  N   . ARG A 1 11  ? -17.794 -23.447 -9.294  1.00 52.06 ? 8   ARG A N   1 
ATOM   32   C  CA  . ARG A 1 11  ? -16.482 -24.075 -9.323  1.00 52.22 ? 8   ARG A CA  1 
ATOM   33   C  C   . ARG A 1 11  ? -15.401 -23.047 -9.663  1.00 51.75 ? 8   ARG A C   1 
ATOM   34   O  O   . ARG A 1 11  ? -14.383 -22.969 -8.975  1.00 52.64 ? 8   ARG A O   1 
ATOM   35   C  CB  . ARG A 1 11  ? -16.462 -25.284 -10.267 1.00 51.81 ? 8   ARG A CB  1 
ATOM   36   C  CG  . ARG A 1 11  ? -17.549 -26.315 -9.877  1.00 56.27 ? 8   ARG A CG  1 
ATOM   37   C  CD  . ARG A 1 11  ? -17.530 -27.635 -10.672 1.00 59.17 ? 8   ARG A CD  1 
ATOM   38   N  NE  . ARG A 1 11  ? -16.195 -28.239 -10.676 1.00 61.64 ? 8   ARG A NE  1 
ATOM   39   C  CZ  . ARG A 1 11  ? -15.878 -29.399 -11.253 1.00 63.36 ? 8   ARG A CZ  1 
ATOM   40   N  NH1 . ARG A 1 11  ? -16.787 -30.128 -11.893 1.00 61.93 ? 8   ARG A NH1 1 
ATOM   41   N  NH2 . ARG A 1 11  ? -14.629 -29.838 -11.189 1.00 64.15 ? 8   ARG A NH2 1 
ATOM   42   N  N   . THR A 1 12  ? -15.648 -22.220 -10.676 1.00 50.93 ? 9   THR A N   1 
ATOM   43   C  CA  . THR A 1 12  ? -14.692 -21.195 -11.088 1.00 49.90 ? 9   THR A CA  1 
ATOM   44   C  C   . THR A 1 12  ? -14.554 -20.099 -10.049 1.00 50.07 ? 9   THR A C   1 
ATOM   45   O  O   . THR A 1 12  ? -13.444 -19.674 -9.760  1.00 50.39 ? 9   THR A O   1 
ATOM   46   C  CB  . THR A 1 12  ? -15.062 -20.579 -12.476 1.00 49.89 ? 9   THR A CB  1 
ATOM   47   O  OG1 . THR A 1 12  ? -14.988 -21.592 -13.481 1.00 49.91 ? 9   THR A OG1 1 
ATOM   48   C  CG2 . THR A 1 12  ? -14.111 -19.430 -12.867 1.00 48.45 ? 9   THR A CG2 1 
ATOM   49   N  N   . VAL A 1 13  ? -15.666 -19.612 -9.520  1.00 49.86 ? 10  VAL A N   1 
ATOM   50   C  CA  . VAL A 1 13  ? -15.613 -18.534 -8.529  1.00 50.30 ? 10  VAL A CA  1 
ATOM   51   C  C   . VAL A 1 13  ? -14.841 -19.021 -7.290  1.00 50.30 ? 10  VAL A C   1 
ATOM   52   O  O   . VAL A 1 13  ? -14.053 -18.297 -6.742  1.00 49.30 ? 10  VAL A O   1 
ATOM   53   C  CB  . VAL A 1 13  ? -17.048 -18.088 -8.112  1.00 50.69 ? 10  VAL A CB  1 
ATOM   54   C  CG1 . VAL A 1 13  ? -17.019 -17.227 -6.858  1.00 50.99 ? 10  VAL A CG1 1 
ATOM   55   C  CG2 . VAL A 1 13  ? -17.751 -17.363 -9.264  1.00 49.05 ? 10  VAL A CG2 1 
ATOM   56   N  N   . ALA A 1 14  ? -15.103 -20.259 -6.865  1.00 51.19 ? 11  ALA A N   1 
ATOM   57   C  CA  . ALA A 1 14  ? -14.370 -20.907 -5.778  1.00 51.49 ? 11  ALA A CA  1 
ATOM   58   C  C   . ALA A 1 14  ? -12.870 -20.965 -6.062  1.00 52.33 ? 11  ALA A C   1 
ATOM   59   O  O   . ALA A 1 14  ? -12.094 -20.651 -5.173  1.00 53.31 ? 11  ALA A O   1 
ATOM   60   C  CB  . ALA A 1 14  ? -14.943 -22.313 -5.475  1.00 50.24 ? 11  ALA A CB  1 
ATOM   61   N  N   . GLU A 1 15  ? -12.464 -21.321 -7.285  1.00 53.53 ? 12  GLU A N   1 
ATOM   62   C  CA  . GLU A 1 15  ? -11.042 -21.285 -7.671  1.00 55.39 ? 12  GLU A CA  1 
ATOM   63   C  C   . GLU A 1 15  ? -10.462 -19.913 -7.565  1.00 54.56 ? 12  GLU A C   1 
ATOM   64   O  O   . GLU A 1 15  ? -9.385  -19.748 -7.040  1.00 55.35 ? 12  GLU A O   1 
ATOM   65   C  CB  . GLU A 1 15  ? -10.809 -21.749 -9.102  1.00 55.93 ? 12  GLU A CB  1 
ATOM   66   C  CG  . GLU A 1 15  ? -11.155 -23.182 -9.280  1.00 63.29 ? 12  GLU A CG  1 
ATOM   67   C  CD  . GLU A 1 15  ? -10.383 -24.050 -8.302  1.00 71.21 ? 12  GLU A CD  1 
ATOM   68   O  OE1 . GLU A 1 15  ? -9.169  -23.742 -8.055  1.00 74.90 ? 12  GLU A OE1 1 
ATOM   69   O  OE2 . GLU A 1 15  ? -11.004 -25.007 -7.770  1.00 73.32 ? 12  GLU A OE2 1 
ATOM   70   N  N   . LEU A 1 16  ? -11.178 -18.935 -8.096  1.00 53.66 ? 13  LEU A N   1 
ATOM   71   C  CA  . LEU A 1 16  ? -10.715 -17.576 -8.115  1.00 52.63 ? 13  LEU A CA  1 
ATOM   72   C  C   . LEU A 1 16  ? -10.618 -16.983 -6.728  1.00 52.72 ? 13  LEU A C   1 
ATOM   73   O  O   . LEU A 1 16  ? -9.676  -16.237 -6.446  1.00 52.92 ? 13  LEU A O   1 
ATOM   74   C  CB  . LEU A 1 16  ? -11.609 -16.736 -9.022  1.00 52.72 ? 13  LEU A CB  1 
ATOM   75   C  CG  . LEU A 1 16  ? -11.469 -17.025 -10.523 1.00 51.59 ? 13  LEU A CG  1 
ATOM   76   C  CD1 . LEU A 1 16  ? -12.566 -16.336 -11.319 1.00 49.25 ? 13  LEU A CD1 1 
ATOM   77   C  CD2 . LEU A 1 16  ? -10.104 -16.625 -11.031 1.00 53.10 ? 13  LEU A CD2 1 
ATOM   78   N  N   . GLU A 1 17  ? -11.595 -17.273 -5.870  1.00 51.78 ? 14  GLU A N   1 
ATOM   79   C  CA  . GLU A 1 17  ? -11.516 -16.810 -4.494  1.00 53.08 ? 14  GLU A CA  1 
ATOM   80   C  C   . GLU A 1 17  ? -10.243 -17.340 -3.789  1.00 54.13 ? 14  GLU A C   1 
ATOM   81   O  O   . GLU A 1 17  ? -9.541  -16.587 -3.150  1.00 54.61 ? 14  GLU A O   1 
ATOM   82   C  CB  . GLU A 1 17  ? -12.779 -17.184 -3.717  1.00 51.34 ? 14  GLU A CB  1 
ATOM   83   C  CG  . GLU A 1 17  ? -12.854 -16.553 -2.332  1.00 53.28 ? 14  GLU A CG  1 
ATOM   84   C  CD  . GLU A 1 17  ? -12.071 -17.348 -1.230  1.00 57.26 ? 14  GLU A CD  1 
ATOM   85   O  OE1 . GLU A 1 17  ? -11.920 -18.598 -1.361  1.00 57.07 ? 14  GLU A OE1 1 
ATOM   86   O  OE2 . GLU A 1 17  ? -11.595 -16.729 -0.235  1.00 54.46 ? 14  GLU A OE2 1 
ATOM   87   N  N   . LYS A 1 18  ? -9.984  -18.644 -3.920  1.00 55.80 ? 15  LYS A N   1 
ATOM   88   C  CA  A LYS A 1 18  ? -8.817  -19.271 -3.310  0.50 56.31 ? 15  LYS A CA  1 
ATOM   89   C  CA  B LYS A 1 18  ? -8.812  -19.334 -3.372  0.50 56.09 ? 15  LYS A CA  1 
ATOM   90   C  C   . LYS A 1 18  ? -7.514  -18.655 -3.846  1.00 56.71 ? 15  LYS A C   1 
ATOM   91   O  O   . LYS A 1 18  ? -6.666  -18.235 -3.023  1.00 56.23 ? 15  LYS A O   1 
ATOM   92   C  CB  A LYS A 1 18  ? -8.856  -20.792 -3.477  0.50 56.50 ? 15  LYS A CB  1 
ATOM   93   C  CB  B LYS A 1 18  ? -8.857  -20.786 -3.855  0.50 56.16 ? 15  LYS A CB  1 
ATOM   94   C  CG  A LYS A 1 18  ? -7.890  -21.550 -2.574  0.50 59.00 ? 15  LYS A CG  1 
ATOM   95   C  CG  B LYS A 1 18  ? -8.361  -21.848 -2.898  0.50 57.54 ? 15  LYS A CG  1 
ATOM   96   C  CD  A LYS A 1 18  ? -8.386  -22.964 -2.315  0.50 62.55 ? 15  LYS A CD  1 
ATOM   97   C  CD  B LYS A 1 18  ? -8.968  -23.216 -3.250  0.50 59.12 ? 15  LYS A CD  1 
ATOM   98   C  CE  A LYS A 1 18  ? -7.344  -23.838 -1.627  0.50 64.25 ? 15  LYS A CE  1 
ATOM   99   C  CE  B LYS A 1 18  ? -8.120  -24.036 -4.229  0.50 61.27 ? 15  LYS A CE  1 
ATOM   100  N  NZ  A LYS A 1 18  ? -6.367  -24.385 -2.622  0.50 67.73 ? 15  LYS A NZ  1 
ATOM   101  N  NZ  B LYS A 1 18  ? -8.798  -25.289 -4.665  0.50 59.35 ? 15  LYS A NZ  1 
ATOM   102  N  N   . LEU A 1 19  ? -7.379  -18.550 -5.186  1.00 55.89 ? 16  LEU A N   1 
ATOM   103  C  CA  . LEU A 1 19  ? -6.235  -17.884 -5.842  1.00 56.60 ? 16  LEU A CA  1 
ATOM   104  C  C   . LEU A 1 19  ? -5.948  -16.483 -5.329  1.00 56.48 ? 16  LEU A C   1 
ATOM   105  O  O   . LEU A 1 19  ? -4.798  -16.174 -4.998  1.00 56.98 ? 16  LEU A O   1 
ATOM   106  C  CB  . LEU A 1 19  ? -6.370  -17.806 -7.381  1.00 55.39 ? 16  LEU A CB  1 
ATOM   107  C  CG  . LEU A 1 19  ? -6.152  -19.078 -8.193  1.00 56.40 ? 16  LEU A CG  1 
ATOM   108  C  CD1 . LEU A 1 19  ? -6.763  -18.924 -9.581  1.00 53.07 ? 16  LEU A CD1 1 
ATOM   109  C  CD2 . LEU A 1 19  ? -4.673  -19.473 -8.293  1.00 58.13 ? 16  LEU A CD2 1 
ATOM   110  N  N   . LEU A 1 20  ? -6.976  -15.639 -5.299  1.00 55.90 ? 17  LEU A N   1 
ATOM   111  C  CA  . LEU A 1 20  ? -6.815  -14.273 -4.823  1.00 56.02 ? 17  LEU A CA  1 
ATOM   112  C  C   . LEU A 1 20  ? -6.330  -14.233 -3.377  1.00 56.34 ? 17  LEU A C   1 
ATOM   113  O  O   . LEU A 1 20  ? -5.443  -13.458 -3.058  1.00 57.75 ? 17  LEU A O   1 
ATOM   114  C  CB  . LEU A 1 20  ? -8.101  -13.449 -4.980  1.00 54.68 ? 17  LEU A CB  1 
ATOM   115  C  CG  . LEU A 1 20  ? -8.401  -12.922 -6.388  1.00 55.58 ? 17  LEU A CG  1 
ATOM   116  C  CD1 . LEU A 1 20  ? -9.760  -12.230 -6.395  1.00 53.74 ? 17  LEU A CD1 1 
ATOM   117  C  CD2 . LEU A 1 20  ? -7.253  -12.006 -6.942  1.00 55.04 ? 17  LEU A CD2 1 
ATOM   118  N  N   . ARG A 1 21  ? -6.910  -15.074 -2.529  1.00 55.85 ? 18  ARG A N   1 
ATOM   119  C  CA  . ARG A 1 21  ? -6.519  -15.223 -1.147  1.00 56.12 ? 18  ARG A CA  1 
ATOM   120  C  C   . ARG A 1 21  ? -5.056  -15.699 -0.949  1.00 56.17 ? 18  ARG A C   1 
ATOM   121  O  O   . ARG A 1 21  ? -4.324  -15.164 -0.112  1.00 56.00 ? 18  ARG A O   1 
ATOM   122  C  CB  . ARG A 1 21  ? -7.511  -16.165 -0.450  1.00 55.61 ? 18  ARG A CB  1 
ATOM   123  C  CG  . ARG A 1 21  ? -7.416  -16.132 1.052   1.00 57.57 ? 18  ARG A CG  1 
ATOM   124  C  CD  . ARG A 1 21  ? -8.690  -16.631 1.799   1.00 58.51 ? 18  ARG A CD  1 
ATOM   125  N  NE  . ARG A 1 21  ? -9.380  -17.694 1.087   1.00 59.78 ? 18  ARG A NE  1 
ATOM   126  C  CZ  . ARG A 1 21  ? -9.077  -18.983 1.154   1.00 58.88 ? 18  ARG A CZ  1 
ATOM   127  N  NH1 . ARG A 1 21  ? -9.764  -19.862 0.452   1.00 56.95 ? 18  ARG A NH1 1 
ATOM   128  N  NH2 . ARG A 1 21  ? -8.086  -19.398 1.908   1.00 62.55 ? 18  ARG A NH2 1 
ATOM   129  N  N   A TYR A 1 22  ? -4.643  -16.712 -1.694  0.50 56.26 ? 19  TYR A N   1 
ATOM   130  N  N   B TYR A 1 22  ? -4.669  -16.730 -1.696  0.50 56.48 ? 19  TYR A N   1 
ATOM   131  C  CA  A TYR A 1 22  ? -3.267  -17.208 -1.591  0.50 56.45 ? 19  TYR A CA  1 
ATOM   132  C  CA  B TYR A 1 22  ? -3.288  -17.237 -1.710  0.50 56.93 ? 19  TYR A CA  1 
ATOM   133  C  C   A TYR A 1 22  ? -2.255  -16.268 -2.275  0.50 55.96 ? 19  TYR A C   1 
ATOM   134  C  C   B TYR A 1 22  ? -2.350  -16.139 -2.161  0.50 56.27 ? 19  TYR A C   1 
ATOM   135  O  O   A TYR A 1 22  ? -1.096  -16.245 -1.892  0.50 55.73 ? 19  TYR A O   1 
ATOM   136  O  O   B TYR A 1 22  ? -1.350  -15.871 -1.510  0.50 56.22 ? 19  TYR A O   1 
ATOM   137  C  CB  A TYR A 1 22  ? -3.157  -18.623 -2.171  0.50 56.90 ? 19  TYR A CB  1 
ATOM   138  C  CB  B TYR A 1 22  ? -3.142  -18.397 -2.706  0.50 57.45 ? 19  TYR A CB  1 
ATOM   139  C  CG  A TYR A 1 22  ? -3.579  -19.745 -1.235  0.50 57.67 ? 19  TYR A CG  1 
ATOM   140  C  CG  B TYR A 1 22  ? -3.764  -19.694 -2.263  0.50 59.09 ? 19  TYR A CG  1 
ATOM   141  C  CD1 A TYR A 1 22  ? -4.860  -19.788 -0.675  0.50 58.15 ? 19  TYR A CD1 1 
ATOM   142  C  CD1 B TYR A 1 22  ? -4.567  -19.752 -1.119  0.50 59.04 ? 19  TYR A CD1 1 
ATOM   143  C  CD2 A TYR A 1 22  ? -2.695  -20.796 -0.951  0.50 59.39 ? 19  TYR A CD2 1 
ATOM   144  C  CD2 B TYR A 1 22  ? -3.573  -20.866 -3.008  0.50 59.77 ? 19  TYR A CD2 1 
ATOM   145  C  CE1 A TYR A 1 22  ? -5.237  -20.830 0.169   0.50 58.65 ? 19  TYR A CE1 1 
ATOM   146  C  CE1 B TYR A 1 22  ? -5.144  -20.935 -0.712  0.50 59.90 ? 19  TYR A CE1 1 
ATOM   147  C  CE2 A TYR A 1 22  ? -3.052  -21.839 -0.114  0.50 59.79 ? 19  TYR A CE2 1 
ATOM   148  C  CE2 B TYR A 1 22  ? -4.145  -22.061 -2.606  0.50 61.66 ? 19  TYR A CE2 1 
ATOM   149  C  CZ  A TYR A 1 22  ? -4.326  -21.858 0.450   0.50 60.62 ? 19  TYR A CZ  1 
ATOM   150  C  CZ  B TYR A 1 22  ? -4.929  -22.088 -1.456  0.50 60.75 ? 19  TYR A CZ  1 
ATOM   151  O  OH  A TYR A 1 22  ? -4.674  -22.917 1.287   0.50 60.28 ? 19  TYR A OH  1 
ATOM   152  O  OH  B TYR A 1 22  ? -5.509  -23.267 -1.046  0.50 62.39 ? 19  TYR A OH  1 
ATOM   153  N  N   . ILE A 1 23  ? -2.694  -15.522 -3.291  1.00 55.47 ? 20  ILE A N   1 
ATOM   154  C  CA  . ILE A 1 23  ? -1.872  -14.479 -3.895  1.00 55.23 ? 20  ILE A CA  1 
ATOM   155  C  C   . ILE A 1 23  ? -1.650  -13.338 -2.906  1.00 54.39 ? 20  ILE A C   1 
ATOM   156  O  O   . ILE A 1 23  ? -0.532  -12.941 -2.680  1.00 54.13 ? 20  ILE A O   1 
ATOM   157  C  CB  . ILE A 1 23  ? -2.419  -13.977 -5.264  1.00 55.25 ? 20  ILE A CB  1 
ATOM   158  C  CG1 . ILE A 1 23  ? -2.098  -15.003 -6.357  1.00 54.61 ? 20  ILE A CG1 1 
ATOM   159  C  CG2 . ILE A 1 23  ? -1.790  -12.641 -5.648  1.00 55.29 ? 20  ILE A CG2 1 
ATOM   160  C  CD1 . ILE A 1 23  ? -3.051  -14.918 -7.582  1.00 53.89 ? 20  ILE A CD1 1 
ATOM   161  N  N   . ALA A 1 24  ? -2.717  -12.866 -2.276  1.00 54.07 ? 21  ALA A N   1 
ATOM   162  C  CA  . ALA A 1 24  ? -2.622  -11.807 -1.263  1.00 53.39 ? 21  ALA A CA  1 
ATOM   163  C  C   . ALA A 1 24  ? -1.801  -12.241 -0.026  1.00 52.71 ? 21  ALA A C   1 
ATOM   164  O  O   . ALA A 1 24  ? -1.090  -11.434 0.550   1.00 52.40 ? 21  ALA A O   1 
ATOM   165  C  CB  . ALA A 1 24  ? -4.026  -11.378 -0.835  1.00 52.68 ? 21  ALA A CB  1 
ATOM   166  N  N   . ALA A 1 25  ? -1.909  -13.497 0.376   1.00 51.72 ? 22  ALA A N   1 
ATOM   167  C  CA  . ALA A 1 25  ? -1.122  -13.986 1.483   1.00 52.74 ? 22  ALA A CA  1 
ATOM   168  C  C   . ALA A 1 25  ? 0.386   -14.018 1.138   1.00 52.62 ? 22  ALA A C   1 
ATOM   169  O  O   . ALA A 1 25  ? 1.223   -13.761 1.987   1.00 53.04 ? 22  ALA A O   1 
ATOM   170  C  CB  . ALA A 1 25  ? -1.622  -15.382 1.968   1.00 51.83 ? 22  ALA A CB  1 
ATOM   171  N  N   . ASN A 1 26  ? 0.717   -14.350 -0.095  1.00 52.55 ? 23  ASN A N   1 
ATOM   172  C  CA  . ASN A 1 26  ? 2.093   -14.432 -0.514  1.00 53.62 ? 23  ASN A CA  1 
ATOM   173  C  C   . ASN A 1 26  ? 2.679   -13.004 -0.665  1.00 53.63 ? 23  ASN A C   1 
ATOM   174  O  O   . ASN A 1 26  ? 3.777   -12.738 -0.232  1.00 54.06 ? 23  ASN A O   1 
ATOM   175  C  CB  . ASN A 1 26  ? 2.204   -15.297 -1.778  1.00 52.73 ? 23  ASN A CB  1 
ATOM   176  C  CG  . ASN A 1 26  ? 3.629   -15.343 -2.342  1.00 57.49 ? 23  ASN A CG  1 
ATOM   177  O  OD1 . ASN A 1 26  ? 4.128   -14.382 -2.949  1.00 58.70 ? 23  ASN A OD1 1 
ATOM   178  N  ND2 . ASN A 1 26  ? 4.285   -16.492 -2.180  1.00 62.22 ? 23  ASN A ND2 1 
ATOM   179  N  N   . LEU A 1 27  ? 1.916   -12.091 -1.231  1.00 54.41 ? 24  LEU A N   1 
ATOM   180  C  CA  . LEU A 1 27  ? 2.296   -10.686 -1.384  1.00 55.95 ? 24  LEU A CA  1 
ATOM   181  C  C   . LEU A 1 27  ? 2.522   -10.005 -0.057  1.00 55.62 ? 24  LEU A C   1 
ATOM   182  O  O   . LEU A 1 27  ? 3.367   -9.130  0.054   1.00 57.16 ? 24  LEU A O   1 
ATOM   183  C  CB  . LEU A 1 27  ? 1.153   -9.958  -2.052  1.00 56.04 ? 24  LEU A CB  1 
ATOM   184  C  CG  . LEU A 1 27  ? 1.248   -8.937  -3.164  1.00 61.99 ? 24  LEU A CG  1 
ATOM   185  C  CD1 . LEU A 1 27  ? 2.361   -9.256  -4.207  1.00 60.59 ? 24  LEU A CD1 1 
ATOM   186  C  CD2 . LEU A 1 27  ? -0.156  -8.865  -3.847  1.00 64.42 ? 24  LEU A CD2 1 
ATOM   187  N  N   . LYS A 1 28  ? 1.725   -10.376 0.937   1.00 55.12 ? 25  LYS A N   1 
ATOM   188  C  CA  . LYS A 1 28  ? 1.812   -9.789  2.278   1.00 54.40 ? 25  LYS A CA  1 
ATOM   189  C  C   . LYS A 1 28  ? 3.160   -10.175 2.887   1.00 54.02 ? 25  LYS A C   1 
ATOM   190  O  O   . LYS A 1 28  ? 3.866   -9.317  3.423   1.00 53.97 ? 25  LYS A O   1 
ATOM   191  C  CB  . LYS A 1 28  ? 0.626   -10.230 3.179   1.00 52.43 ? 25  LYS A CB  1 
ATOM   192  C  CG  . LYS A 1 28  ? 0.818   -9.928  4.626   1.00 53.51 ? 25  LYS A CG  1 
ATOM   193  C  CD  . LYS A 1 28  ? -0.342  -10.403 5.477   1.00 53.25 ? 25  LYS A CD  1 
ATOM   194  C  CE  . LYS A 1 28  ? 0.068   -10.424 6.919   1.00 55.23 ? 25  LYS A CE  1 
ATOM   195  N  NZ  . LYS A 1 28  ? -1.081  -10.802 7.787   1.00 56.68 ? 25  LYS A NZ  1 
ATOM   196  N  N   . GLN A 1 29  ? 3.500   -11.463 2.791   1.00 52.56 ? 26  GLN A N   1 
ATOM   197  C  CA  . GLN A 1 29  ? 4.759   -11.946 3.297   1.00 51.91 ? 26  GLN A CA  1 
ATOM   198  C  C   . GLN A 1 29  ? 5.984   -11.379 2.543   1.00 52.51 ? 26  GLN A C   1 
ATOM   199  O  O   . GLN A 1 29  ? 6.955   -11.007 3.188   1.00 53.27 ? 26  GLN A O   1 
ATOM   200  C  CB  . GLN A 1 29  ? 4.783   -13.491 3.316   1.00 51.57 ? 26  GLN A CB  1 
ATOM   201  C  CG  . GLN A 1 29  ? 6.060   -14.099 3.896   1.00 47.67 ? 26  GLN A CG  1 
ATOM   202  C  CD  . GLN A 1 29  ? 6.389   -13.630 5.320   1.00 50.35 ? 26  GLN A CD  1 
ATOM   203  O  OE1 . GLN A 1 29  ? 5.553   -13.027 6.020   1.00 51.96 ? 26  GLN A OE1 1 
ATOM   204  N  NE2 . GLN A 1 29  ? 7.601   -13.947 5.773   1.00 48.33 ? 26  GLN A NE2 1 
ATOM   205  N  N   . ARG A 1 30  ? 5.963   -11.338 1.208   1.00 51.79 ? 27  ARG A N   1 
ATOM   206  C  CA  . ARG A 1 30  ? 7.023   -10.635 0.461   1.00 52.36 ? 27  ARG A CA  1 
ATOM   207  C  C   . ARG A 1 30  ? 7.213   -9.203  0.987   1.00 51.90 ? 27  ARG A C   1 
ATOM   208  O  O   . ARG A 1 30  ? 8.311   -8.766  1.198   1.00 50.86 ? 27  ARG A O   1 
ATOM   209  C  CB  . ARG A 1 30  ? 6.711   -10.599 -1.029  1.00 51.06 ? 27  ARG A CB  1 
ATOM   210  C  CG  . ARG A 1 30  ? 6.905   -11.904 -1.647  1.00 52.21 ? 27  ARG A CG  1 
ATOM   211  C  CD  . ARG A 1 30  ? 6.235   -11.983 -2.989  1.00 52.50 ? 27  ARG A CD  1 
ATOM   212  N  NE  . ARG A 1 30  ? 6.598   -13.244 -3.627  1.00 52.27 ? 27  ARG A NE  1 
ATOM   213  C  CZ  . ARG A 1 30  ? 7.694   -13.444 -4.353  1.00 54.34 ? 27  ARG A CZ  1 
ATOM   214  N  NH1 . ARG A 1 30  ? 8.581   -12.475 -4.545  1.00 55.85 ? 27  ARG A NH1 1 
ATOM   215  N  NH2 . ARG A 1 30  ? 7.909   -14.631 -4.886  1.00 53.69 ? 27  ARG A NH2 1 
ATOM   216  N  N   . GLY A 1 31  ? 6.103   -8.505  1.215   1.00 53.88 ? 28  GLY A N   1 
ATOM   217  C  CA  . GLY A 1 31  ? 6.101   -7.148  1.780   1.00 54.31 ? 28  GLY A CA  1 
ATOM   218  C  C   . GLY A 1 31  ? 6.783   -7.091  3.118   1.00 55.26 ? 28  GLY A C   1 
ATOM   219  O  O   . GLY A 1 31  ? 7.593   -6.192  3.349   1.00 56.64 ? 28  GLY A O   1 
ATOM   220  N  N   . ARG A 1 32  ? 6.462   -8.057  3.995   1.00 56.26 ? 29  ARG A N   1 
ATOM   221  C  CA  . ARG A 1 32  ? 7.090   -8.217  5.329   1.00 56.21 ? 29  ARG A CA  1 
ATOM   222  C  C   . ARG A 1 32  ? 8.605   -8.412  5.273   1.00 55.91 ? 29  ARG A C   1 
ATOM   223  O  O   . ARG A 1 32  ? 9.343   -7.816  6.061   1.00 55.52 ? 29  ARG A O   1 
ATOM   224  C  CB  . ARG A 1 32  ? 6.527   -9.411  6.123   1.00 56.26 ? 29  ARG A CB  1 
ATOM   225  C  CG  . ARG A 1 32  ? 5.039   -9.411  6.481   1.00 59.54 ? 29  ARG A CG  1 
ATOM   226  C  CD  . ARG A 1 32  ? 4.657   -8.129  7.107   1.00 66.25 ? 29  ARG A CD  1 
ATOM   227  N  NE  . ARG A 1 32  ? 3.726   -8.312  8.222   1.00 70.55 ? 29  ARG A NE  1 
ATOM   228  C  CZ  . ARG A 1 32  ? 2.500   -7.794  8.285   1.00 68.25 ? 29  ARG A CZ  1 
ATOM   229  N  NH1 . ARG A 1 32  ? 2.013   -7.054  7.277   1.00 66.65 ? 29  ARG A NH1 1 
ATOM   230  N  NH2 . ARG A 1 32  ? 1.775   -8.030  9.368   1.00 66.23 ? 29  ARG A NH2 1 
ATOM   231  N  N   . GLU A 1 33  ? 9.031   -9.323  4.411   1.00 54.95 ? 30  GLU A N   1 
ATOM   232  C  CA  . GLU A 1 33  ? 10.406  -9.645  4.229   1.00 54.98 ? 30  GLU A CA  1 
ATOM   233  C  C   . GLU A 1 33  ? 11.172  -8.413  3.770   1.00 54.34 ? 30  GLU A C   1 
ATOM   234  O  O   . GLU A 1 33  ? 12.229  -8.111  4.304   1.00 54.12 ? 30  GLU A O   1 
ATOM   235  C  CB  . GLU A 1 33  ? 10.525  -10.781 3.217   1.00 55.65 ? 30  GLU A CB  1 
ATOM   236  C  CG  . GLU A 1 33  ? 10.117  -12.089 3.853   1.00 60.85 ? 30  GLU A CG  1 
ATOM   237  C  CD  . GLU A 1 33  ? 10.024  -13.284 2.915   1.00 67.82 ? 30  GLU A CD  1 
ATOM   238  O  OE1 . GLU A 1 33  ? 10.199  -13.125 1.675   1.00 71.95 ? 30  GLU A OE1 1 
ATOM   239  O  OE2 . GLU A 1 33  ? 9.741   -14.399 3.440   1.00 69.68 ? 30  GLU A OE2 1 
ATOM   240  N  N   . ILE A 1 34  ? 10.617  -7.690  2.803   1.00 53.42 ? 31  ILE A N   1 
ATOM   241  C  CA  . ILE A 1 34  ? 11.240  -6.472  2.304   1.00 52.99 ? 31  ILE A CA  1 
ATOM   242  C  C   . ILE A 1 34  ? 11.396  -5.444  3.425   1.00 52.39 ? 31  ILE A C   1 
ATOM   243  O  O   . ILE A 1 34  ? 12.400  -4.795  3.523   1.00 50.72 ? 31  ILE A O   1 
ATOM   244  C  CB  . ILE A 1 34  ? 10.436  -5.889  1.072   1.00 53.00 ? 31  ILE A CB  1 
ATOM   245  C  CG1 . ILE A 1 34  ? 10.753  -6.699  -0.186  1.00 50.56 ? 31  ILE A CG1 1 
ATOM   246  C  CG2 . ILE A 1 34  ? 10.691  -4.396  0.868   1.00 52.14 ? 31  ILE A CG2 1 
ATOM   247  C  CD1 . ILE A 1 34  ? 9.712   -6.496  -1.290  1.00 52.43 ? 31  ILE A CD1 1 
ATOM   248  N  N   . LEU A 1 35  ? 10.381  -5.305  4.272   1.00 53.97 ? 32  LEU A N   1 
ATOM   249  C  CA  . LEU A 1 35  ? 10.426  -4.293  5.321   1.00 54.21 ? 32  LEU A CA  1 
ATOM   250  C  C   . LEU A 1 35  ? 11.336  -4.619  6.471   1.00 54.69 ? 32  LEU A C   1 
ATOM   251  O  O   . LEU A 1 35  ? 11.600  -3.734  7.293   1.00 55.07 ? 32  LEU A O   1 
ATOM   252  C  CB  . LEU A 1 35  ? 9.058   -3.965  5.844   1.00 54.51 ? 32  LEU A CB  1 
ATOM   253  C  CG  . LEU A 1 35  ? 8.198   -2.980  5.068   1.00 56.27 ? 32  LEU A CG  1 
ATOM   254  C  CD1 . LEU A 1 35  ? 6.905   -2.903  5.892   1.00 58.24 ? 32  LEU A CD1 1 
ATOM   255  C  CD2 . LEU A 1 35  ? 8.806   -1.626  4.924   1.00 55.15 ? 32  LEU A CD2 1 
ATOM   256  N  N   . THR A 1 36  ? 11.837  -5.854  6.552   1.00 54.73 ? 33  THR A N   1 
ATOM   257  C  CA  . THR A 1 36  ? 12.841  -6.155  7.560   1.00 54.57 ? 33  THR A CA  1 
ATOM   258  C  C   . THR A 1 36  ? 14.118  -5.330  7.379   1.00 55.40 ? 33  THR A C   1 
ATOM   259  O  O   . THR A 1 36  ? 14.864  -5.158  8.327   1.00 56.17 ? 33  THR A O   1 
ATOM   260  C  CB  . THR A 1 36  ? 13.193  -7.666  7.672   1.00 54.73 ? 33  THR A CB  1 
ATOM   261  O  OG1 . THR A 1 36  ? 13.734  -8.148  6.439   1.00 54.02 ? 33  THR A OG1 1 
ATOM   262  C  CG2 . THR A 1 36  ? 11.984  -8.483  8.055   1.00 54.44 ? 33  THR A CG2 1 
ATOM   263  N  N   . ASN A 1 37  ? 14.391  -4.816  6.186   1.00 55.98 ? 34  ASN A N   1 
ATOM   264  C  CA  . ASN A 1 37  ? 15.575  -3.986  6.014   1.00 56.66 ? 34  ASN A CA  1 
ATOM   265  C  C   . ASN A 1 37  ? 15.342  -2.477  6.163   1.00 56.55 ? 34  ASN A C   1 
ATOM   266  O  O   . ASN A 1 37  ? 16.225  -1.687  5.843   1.00 56.39 ? 34  ASN A O   1 
ATOM   267  C  CB  . ASN A 1 37  ? 16.277  -4.301  4.691   1.00 57.73 ? 34  ASN A CB  1 
ATOM   268  C  CG  . ASN A 1 37  ? 16.599  -5.791  4.533   1.00 60.43 ? 34  ASN A CG  1 
ATOM   269  O  OD1 . ASN A 1 37  ? 17.280  -6.400  5.366   1.00 60.49 ? 34  ASN A OD1 1 
ATOM   270  N  ND2 . ASN A 1 37  ? 16.082  -6.388  3.463   1.00 64.03 ? 34  ASN A ND2 1 
ATOM   271  N  N   . TYR A 1 38  ? 14.165  -2.084  6.659   1.00 56.47 ? 35  TYR A N   1 
ATOM   272  C  CA  . TYR A 1 38  ? 13.793  -0.678  6.762   1.00 56.16 ? 35  TYR A CA  1 
ATOM   273  C  C   . TYR A 1 38  ? 13.295  -0.347  8.140   1.00 56.66 ? 35  TYR A C   1 
ATOM   274  O  O   . TYR A 1 38  ? 12.642  -1.184  8.770   1.00 57.19 ? 35  TYR A O   1 
ATOM   275  C  CB  . TYR A 1 38  ? 12.752  -0.315  5.690   1.00 55.82 ? 35  TYR A CB  1 
ATOM   276  C  CG  . TYR A 1 38  ? 13.346  -0.512  4.318   1.00 55.91 ? 35  TYR A CG  1 
ATOM   277  C  CD1 . TYR A 1 38  ? 14.207  0.442   3.758   1.00 52.94 ? 35  TYR A CD1 1 
ATOM   278  C  CD2 . TYR A 1 38  ? 13.121  -1.693  3.617   1.00 55.59 ? 35  TYR A CD2 1 
ATOM   279  C  CE1 . TYR A 1 38  ? 14.798  0.222   2.523   1.00 55.92 ? 35  TYR A CE1 1 
ATOM   280  C  CE2 . TYR A 1 38  ? 13.699  -1.915  2.386   1.00 57.15 ? 35  TYR A CE2 1 
ATOM   281  C  CZ  . TYR A 1 38  ? 14.526  -0.965  1.841   1.00 57.05 ? 35  TYR A CZ  1 
ATOM   282  O  OH  . TYR A 1 38  ? 15.066  -1.231  0.617   1.00 58.59 ? 35  TYR A OH  1 
ATOM   283  N  N   . PRO A 1 39  ? 13.587  0.883   8.620   1.00 57.03 ? 36  PRO A N   1 
ATOM   284  C  CA  . PRO A 1 39  ? 13.187  1.215   9.985   1.00 57.42 ? 36  PRO A CA  1 
ATOM   285  C  C   . PRO A 1 39  ? 11.707  1.595   10.152  1.00 57.73 ? 36  PRO A C   1 
ATOM   286  O  O   . PRO A 1 39  ? 11.375  2.302   11.085  1.00 59.06 ? 36  PRO A O   1 
ATOM   287  C  CB  . PRO A 1 39  ? 14.134  2.382   10.353  1.00 57.32 ? 36  PRO A CB  1 
ATOM   288  C  CG  . PRO A 1 39  ? 14.392  3.061   9.044   1.00 56.62 ? 36  PRO A CG  1 
ATOM   289  C  CD  . PRO A 1 39  ? 14.307  2.003   7.967   1.00 56.82 ? 36  PRO A CD  1 
ATOM   290  N  N   . ILE A 1 40  ? 10.820  1.123   9.281   1.00 57.74 ? 37  ILE A N   1 
ATOM   291  C  CA  . ILE A 1 40  ? 9.381   1.337   9.478   1.00 57.24 ? 37  ILE A CA  1 
ATOM   292  C  C   . ILE A 1 40  ? 8.658   0.011   9.634   1.00 57.24 ? 37  ILE A C   1 
ATOM   293  O  O   . ILE A 1 40  ? 9.223   -1.057  9.326   1.00 57.44 ? 37  ILE A O   1 
ATOM   294  C  CB  . ILE A 1 40  ? 8.754   2.136   8.325   1.00 57.77 ? 37  ILE A CB  1 
ATOM   295  C  CG1 . ILE A 1 40  ? 8.995   1.429   6.982   1.00 56.62 ? 37  ILE A CG1 1 
ATOM   296  C  CG2 . ILE A 1 40  ? 9.305   3.586   8.335   1.00 57.24 ? 37  ILE A CG2 1 
ATOM   297  C  CD1 . ILE A 1 40  ? 8.249   2.021   5.823   1.00 56.01 ? 37  ILE A CD1 1 
ATOM   298  N  N   . THR A 1 41  ? 7.432   0.075   10.132  1.00 56.80 ? 38  THR A N   1 
ATOM   299  C  CA  . THR A 1 41  ? 6.610   -1.104  10.307  1.00 57.04 ? 38  THR A CA  1 
ATOM   300  C  C   . THR A 1 41  ? 5.592   -1.168  9.158   1.00 57.61 ? 38  THR A C   1 
ATOM   301  O  O   . THR A 1 41  ? 5.448   -0.191  8.404   1.00 58.11 ? 38  THR A O   1 
ATOM   302  C  CB  . THR A 1 41  ? 5.913   -1.108  11.701  1.00 56.86 ? 38  THR A CB  1 
ATOM   303  O  OG1 . THR A 1 41  ? 4.900   -0.096  11.751  1.00 58.11 ? 38  THR A OG1 1 
ATOM   304  C  CG2 . THR A 1 41  ? 6.934   -0.845  12.790  1.00 56.04 ? 38  THR A CG2 1 
ATOM   305  N  N   . PRO A 1 42  ? 4.882   -2.312  8.998   1.00 57.59 ? 39  PRO A N   1 
ATOM   306  C  CA  . PRO A 1 42  ? 3.869   -2.380  7.940   1.00 57.40 ? 39  PRO A CA  1 
ATOM   307  C  C   . PRO A 1 42  ? 2.781   -1.290  7.935   1.00 56.61 ? 39  PRO A C   1 
ATOM   308  O  O   . PRO A 1 42  ? 2.482   -0.777  6.861   1.00 57.48 ? 39  PRO A O   1 
ATOM   309  C  CB  . PRO A 1 42  ? 3.258   -3.771  8.119   1.00 57.37 ? 39  PRO A CB  1 
ATOM   310  C  CG  . PRO A 1 42  ? 4.292   -4.536  8.772   1.00 58.31 ? 39  PRO A CG  1 
ATOM   311  C  CD  . PRO A 1 42  ? 5.007   -3.600  9.700   1.00 57.37 ? 39  PRO A CD  1 
ATOM   312  N  N   . PRO A 1 43  ? 2.172   -0.950  9.098   1.00 56.06 ? 40  PRO A N   1 
ATOM   313  C  CA  . PRO A 1 43  ? 1.171   0.148   9.032   1.00 54.94 ? 40  PRO A CA  1 
ATOM   314  C  C   . PRO A 1 43  ? 1.786   1.546   8.761   1.00 55.17 ? 40  PRO A C   1 
ATOM   315  O  O   . PRO A 1 43  ? 1.093   2.419   8.197   1.00 55.89 ? 40  PRO A O   1 
ATOM   316  C  CB  . PRO A 1 43  ? 0.480   0.099   10.395  1.00 54.77 ? 40  PRO A CB  1 
ATOM   317  C  CG  . PRO A 1 43  ? 0.992   -1.114  11.072  1.00 55.86 ? 40  PRO A CG  1 
ATOM   318  C  CD  . PRO A 1 43  ? 2.301   -1.484  10.464  1.00 55.13 ? 40  PRO A CD  1 
ATOM   319  N  N   . GLN A 1 44  ? 3.060   1.747   9.121   1.00 53.74 ? 41  GLN A N   1 
ATOM   320  C  CA  . GLN A 1 44  ? 3.754   2.960   8.753   1.00 54.14 ? 41  GLN A CA  1 
ATOM   321  C  C   . GLN A 1 44  ? 4.008   2.998   7.239   1.00 54.67 ? 41  GLN A C   1 
ATOM   322  O  O   . GLN A 1 44  ? 3.776   4.028   6.599   1.00 54.64 ? 41  GLN A O   1 
ATOM   323  C  CB  . GLN A 1 44  ? 5.041   3.145   9.556   1.00 53.83 ? 41  GLN A CB  1 
ATOM   324  C  CG  . GLN A 1 44  ? 4.798   3.339   11.044  1.00 54.75 ? 41  GLN A CG  1 
ATOM   325  C  CD  . GLN A 1 44  ? 6.095   3.237   11.868  1.00 58.97 ? 41  GLN A CD  1 
ATOM   326  O  OE1 . GLN A 1 44  ? 7.137   2.836   11.370  1.00 59.03 ? 41  GLN A OE1 1 
ATOM   327  N  NE2 . GLN A 1 44  ? 6.017   3.609   13.133  1.00 59.49 ? 41  GLN A NE2 1 
ATOM   328  N  N   . PHE A 1 45  ? 4.443   1.876   6.654   1.00 55.51 ? 42  PHE A N   1 
ATOM   329  C  CA  . PHE A 1 45  ? 4.449   1.758   5.192   1.00 55.62 ? 42  PHE A CA  1 
ATOM   330  C  C   . PHE A 1 45  ? 3.109   2.210   4.551   1.00 55.65 ? 42  PHE A C   1 
ATOM   331  O  O   . PHE A 1 45  ? 3.093   3.123   3.712   1.00 55.87 ? 42  PHE A O   1 
ATOM   332  C  CB  . PHE A 1 45  ? 4.886   0.358   4.720   1.00 55.60 ? 42  PHE A CB  1 
ATOM   333  C  CG  . PHE A 1 45  ? 4.764   0.176   3.236   1.00 55.70 ? 42  PHE A CG  1 
ATOM   334  C  CD1 . PHE A 1 45  ? 5.722   0.699   2.377   1.00 55.15 ? 42  PHE A CD1 1 
ATOM   335  C  CD2 . PHE A 1 45  ? 3.650   -0.461  2.695   1.00 58.30 ? 42  PHE A CD2 1 
ATOM   336  C  CE1 . PHE A 1 45  ? 5.587   0.584   0.998   1.00 53.98 ? 42  PHE A CE1 1 
ATOM   337  C  CE2 . PHE A 1 45  ? 3.517   -0.610  1.295   1.00 58.65 ? 42  PHE A CE2 1 
ATOM   338  C  CZ  . PHE A 1 45  ? 4.512   -0.079  0.457   1.00 54.90 ? 42  PHE A CZ  1 
ATOM   339  N  N   . VAL A 1 46  ? 1.991   1.618   4.975   1.00 55.76 ? 43  VAL A N   1 
ATOM   340  C  CA  . VAL A 1 46  ? 0.683   1.989   4.418   1.00 55.43 ? 43  VAL A CA  1 
ATOM   341  C  C   . VAL A 1 46  ? 0.401   3.494   4.569   1.00 55.40 ? 43  VAL A C   1 
ATOM   342  O  O   . VAL A 1 46  ? 0.003   4.162   3.606   1.00 55.27 ? 43  VAL A O   1 
ATOM   343  C  CB  . VAL A 1 46  ? -0.448  1.148   5.041   1.00 55.97 ? 43  VAL A CB  1 
ATOM   344  C  CG1 . VAL A 1 46  ? -1.810  1.583   4.529   1.00 55.91 ? 43  VAL A CG1 1 
ATOM   345  C  CG2 . VAL A 1 46  ? -0.225  -0.371  4.748   1.00 57.73 ? 43  VAL A CG2 1 
ATOM   346  N  N   . ALA A 1 47  ? 0.612   4.022   5.788   1.00 54.47 ? 44  ALA A N   1 
ATOM   347  C  CA  . ALA A 1 47  ? 0.379   5.425   6.071   1.00 53.22 ? 44  ALA A CA  1 
ATOM   348  C  C   . ALA A 1 47  ? 1.210   6.322   5.144   1.00 53.47 ? 44  ALA A C   1 
ATOM   349  O  O   . ALA A 1 47  ? 0.665   7.237   4.507   1.00 53.67 ? 44  ALA A O   1 
ATOM   350  C  CB  . ALA A 1 47  ? 0.671   5.727   7.545   1.00 52.16 ? 44  ALA A CB  1 
ATOM   351  N  N   . LEU A 1 48  ? 2.519   6.059   5.081   1.00 54.26 ? 45  LEU A N   1 
ATOM   352  C  CA  . LEU A 1 48  ? 3.465   6.816   4.258   1.00 55.78 ? 45  LEU A CA  1 
ATOM   353  C  C   . LEU A 1 48  ? 3.162   6.771   2.759   1.00 56.98 ? 45  LEU A C   1 
ATOM   354  O  O   . LEU A 1 48  ? 3.219   7.792   2.076   1.00 58.11 ? 45  LEU A O   1 
ATOM   355  C  CB  . LEU A 1 48  ? 4.896   6.352   4.520   1.00 55.58 ? 45  LEU A CB  1 
ATOM   356  C  CG  . LEU A 1 48  ? 5.503   6.617   5.910   1.00 56.06 ? 45  LEU A CG  1 
ATOM   357  C  CD1 . LEU A 1 48  ? 6.804   5.867   6.074   1.00 54.35 ? 45  LEU A CD1 1 
ATOM   358  C  CD2 . LEU A 1 48  ? 5.705   8.085   6.154   1.00 51.63 ? 45  LEU A CD2 1 
ATOM   359  N  N   . GLN A 1 49  ? 2.866   5.586   2.250   1.00 58.14 ? 46  GLN A N   1 
ATOM   360  C  CA  . GLN A 1 49  ? 2.442   5.424   0.874   1.00 59.96 ? 46  GLN A CA  1 
ATOM   361  C  C   . GLN A 1 49  ? 1.161   6.237   0.546   1.00 59.09 ? 46  GLN A C   1 
ATOM   362  O  O   . GLN A 1 49  ? 1.056   6.777   -0.534  1.00 58.96 ? 46  GLN A O   1 
ATOM   363  C  CB  . GLN A 1 49  ? 2.296   3.923   0.581   1.00 61.76 ? 46  GLN A CB  1 
ATOM   364  C  CG  . GLN A 1 49  ? 1.386   3.559   -0.609  1.00 69.31 ? 46  GLN A CG  1 
ATOM   365  C  CD  . GLN A 1 49  ? -0.045  3.099   -0.228  1.00 74.61 ? 46  GLN A CD  1 
ATOM   366  O  OE1 . GLN A 1 49  ? -0.245  2.419   0.788   1.00 76.05 ? 46  GLN A OE1 1 
ATOM   367  N  NE2 . GLN A 1 49  ? -1.037  3.459   -1.079  1.00 74.92 ? 46  GLN A NE2 1 
ATOM   368  N  N   . TRP A 1 50  ? 0.203   6.335   1.477   1.00 58.20 ? 47  TRP A N   1 
ATOM   369  C  CA  . TRP A 1 50  ? -0.997  7.167   1.270   1.00 57.21 ? 47  TRP A CA  1 
ATOM   370  C  C   . TRP A 1 50  ? -0.637  8.647   1.160   1.00 57.35 ? 47  TRP A C   1 
ATOM   371  O  O   . TRP A 1 50  ? -1.174  9.358   0.326   1.00 57.91 ? 47  TRP A O   1 
ATOM   372  C  CB  . TRP A 1 50  ? -2.052  6.968   2.385   1.00 56.45 ? 47  TRP A CB  1 
ATOM   373  C  CG  . TRP A 1 50  ? -2.924  5.783   2.190   1.00 54.57 ? 47  TRP A CG  1 
ATOM   374  C  CD1 . TRP A 1 50  ? -3.049  4.699   3.022   1.00 54.65 ? 47  TRP A CD1 1 
ATOM   375  C  CD2 . TRP A 1 50  ? -3.778  5.527   1.075   1.00 55.05 ? 47  TRP A CD2 1 
ATOM   376  N  NE1 . TRP A 1 50  ? -3.926  3.791   2.500   1.00 51.60 ? 47  TRP A NE1 1 
ATOM   377  C  CE2 . TRP A 1 50  ? -4.392  4.268   1.301   1.00 55.01 ? 47  TRP A CE2 1 
ATOM   378  C  CE3 . TRP A 1 50  ? -4.089  6.236   -0.105  1.00 54.88 ? 47  TRP A CE3 1 
ATOM   379  C  CZ2 . TRP A 1 50  ? -5.299  3.694   0.384   1.00 55.92 ? 47  TRP A CZ2 1 
ATOM   380  C  CZ3 . TRP A 1 50  ? -5.000  5.675   -1.007  1.00 56.04 ? 47  TRP A CZ3 1 
ATOM   381  C  CH2 . TRP A 1 50  ? -5.601  4.418   -0.750  1.00 55.84 ? 47  TRP A CH2 1 
ATOM   382  N  N   . LEU A 1 51  ? 0.271   9.107   2.006   1.00 57.45 ? 48  LEU A N   1 
ATOM   383  C  CA  . LEU A 1 51  ? 0.740   10.481  1.961   1.00 58.12 ? 48  LEU A CA  1 
ATOM   384  C  C   . LEU A 1 51  ? 1.533   10.783  0.687   1.00 59.26 ? 48  LEU A C   1 
ATOM   385  O  O   . LEU A 1 51  ? 1.413   11.869  0.115   1.00 59.08 ? 48  LEU A O   1 
ATOM   386  C  CB  . LEU A 1 51  ? 1.596   10.780  3.193   1.00 58.07 ? 48  LEU A CB  1 
ATOM   387  C  CG  . LEU A 1 51  ? 0.861   10.838  4.538   1.00 56.61 ? 48  LEU A CG  1 
ATOM   388  C  CD1 . LEU A 1 51  ? 1.864   10.793  5.663   1.00 54.49 ? 48  LEU A CD1 1 
ATOM   389  C  CD2 . LEU A 1 51  ? -0.011  12.070  4.617   1.00 55.11 ? 48  LEU A CD2 1 
ATOM   390  N  N   . LEU A 1 52  ? 2.361   9.833   0.259   1.00 60.18 ? 49  LEU A N   1 
ATOM   391  C  CA  . LEU A 1 52  ? 3.090   9.967   -0.999  1.00 61.33 ? 49  LEU A CA  1 
ATOM   392  C  C   . LEU A 1 52  ? 2.101   10.085  -2.169  1.00 62.34 ? 49  LEU A C   1 
ATOM   393  O  O   . LEU A 1 52  ? 2.226   10.982  -3.004  1.00 62.80 ? 49  LEU A O   1 
ATOM   394  C  CB  . LEU A 1 52  ? 4.047   8.779   -1.220  1.00 60.92 ? 49  LEU A CB  1 
ATOM   395  C  CG  . LEU A 1 52  ? 4.988   8.764   -2.444  1.00 60.33 ? 49  LEU A CG  1 
ATOM   396  C  CD1 . LEU A 1 52  ? 6.087   9.779   -2.294  1.00 59.86 ? 49  LEU A CD1 1 
ATOM   397  C  CD2 . LEU A 1 52  ? 5.575   7.365   -2.682  1.00 59.46 ? 49  LEU A CD2 1 
ATOM   398  N  N   A GLU A 1 53  ? 1.098   9.217   -2.175  0.50 62.60 ? 50  GLU A N   1 
ATOM   399  N  N   B GLU A 1 53  ? 1.141   9.163   -2.243  0.50 62.91 ? 50  GLU A N   1 
ATOM   400  C  CA  A GLU A 1 53  ? 0.166   9.119   -3.289  0.50 63.09 ? 50  GLU A CA  1 
ATOM   401  C  CA  B GLU A 1 53  ? 0.143   9.170   -3.318  0.50 63.74 ? 50  GLU A CA  1 
ATOM   402  C  C   A GLU A 1 53  ? -0.938  10.192  -3.299  0.50 63.22 ? 50  GLU A C   1 
ATOM   403  C  C   B GLU A 1 53  ? -0.693  10.450  -3.270  0.50 63.44 ? 50  GLU A C   1 
ATOM   404  O  O   A GLU A 1 53  ? -1.405  10.592  -4.371  0.50 63.43 ? 50  GLU A O   1 
ATOM   405  O  O   B GLU A 1 53  ? -0.729  11.228  -4.233  0.50 63.26 ? 50  GLU A O   1 
ATOM   406  C  CB  A GLU A 1 53  ? -0.394  7.693   -3.362  0.50 62.94 ? 50  GLU A CB  1 
ATOM   407  C  CB  B GLU A 1 53  ? -0.750  7.908   -3.253  0.50 63.92 ? 50  GLU A CB  1 
ATOM   408  C  CG  A GLU A 1 53  ? 0.659   6.678   -3.858  0.50 63.08 ? 50  GLU A CG  1 
ATOM   409  C  CG  B GLU A 1 53  ? -1.899  7.820   -4.308  0.50 66.71 ? 50  GLU A CG  1 
ATOM   410  C  CD  A GLU A 1 53  ? 0.279   5.242   -3.581  0.50 63.50 ? 50  GLU A CD  1 
ATOM   411  C  CD  B GLU A 1 53  ? -1.431  7.757   -5.786  0.50 70.47 ? 50  GLU A CD  1 
ATOM   412  O  OE1 A GLU A 1 53  ? -0.821  5.018   -3.029  0.50 64.95 ? 50  GLU A OE1 1 
ATOM   413  O  OE1 B GLU A 1 53  ? -0.295  7.286   -6.057  0.50 72.11 ? 50  GLU A OE1 1 
ATOM   414  O  OE2 A GLU A 1 53  ? 1.081   4.336   -3.905  0.50 63.79 ? 50  GLU A OE2 1 
ATOM   415  O  OE2 B GLU A 1 53  ? -2.217  8.181   -6.679  0.50 70.70 ? 50  GLU A OE2 1 
ATOM   416  N  N   . GLU A 1 54  ? -1.317  10.678  -2.118  1.00 63.22 ? 51  GLU A N   1 
ATOM   417  C  CA  . GLU A 1 54  ? -2.390  11.672  -1.987  1.00 62.90 ? 51  GLU A CA  1 
ATOM   418  C  C   . GLU A 1 54  ? -1.992  13.075  -1.582  1.00 61.50 ? 51  GLU A C   1 
ATOM   419  O  O   . GLU A 1 54  ? -2.802  13.980  -1.719  1.00 62.39 ? 51  GLU A O   1 
ATOM   420  C  CB  . GLU A 1 54  ? -3.441  11.150  -0.994  1.00 63.53 ? 51  GLU A CB  1 
ATOM   421  C  CG  . GLU A 1 54  ? -4.038  9.816   -1.390  1.00 66.23 ? 51  GLU A CG  1 
ATOM   422  C  CD  . GLU A 1 54  ? -4.974  9.938   -2.570  1.00 70.67 ? 51  GLU A CD  1 
ATOM   423  O  OE1 . GLU A 1 54  ? -5.913  10.762  -2.503  1.00 73.42 ? 51  GLU A OE1 1 
ATOM   424  O  OE2 . GLU A 1 54  ? -4.768  9.209   -3.566  1.00 74.70 ? 51  GLU A OE2 1 
ATOM   425  N  N   . GLY A 1 55  ? -0.773  13.267  -1.077  1.00 60.17 ? 52  GLY A N   1 
ATOM   426  C  CA  . GLY A 1 55  ? -0.349  14.552  -0.482  1.00 58.35 ? 52  GLY A CA  1 
ATOM   427  C  C   . GLY A 1 55  ? -0.742  14.666  0.989   1.00 57.19 ? 52  GLY A C   1 
ATOM   428  O  O   . GLY A 1 55  ? -1.097  13.659  1.602   1.00 58.10 ? 52  GLY A O   1 
ATOM   429  N  N   . ASP A 1 56  ? -0.715  15.874  1.550   1.00 55.77 ? 53  ASP A N   1 
ATOM   430  C  CA  . ASP A 1 56  ? -1.105  16.105  2.953   1.00 54.69 ? 53  ASP A CA  1 
ATOM   431  C  C   . ASP A 1 56  ? -2.504  15.564  3.261   1.00 53.62 ? 53  ASP A C   1 
ATOM   432  O  O   . ASP A 1 56  ? -3.424  15.788  2.488   1.00 54.11 ? 53  ASP A O   1 
ATOM   433  C  CB  . ASP A 1 56  ? -1.056  17.588  3.298   1.00 55.08 ? 53  ASP A CB  1 
ATOM   434  C  CG  . ASP A 1 56  ? 0.345   18.204  3.164   1.00 57.00 ? 53  ASP A CG  1 
ATOM   435  O  OD1 . ASP A 1 56  ? 0.464   19.439  3.427   1.00 56.52 ? 53  ASP A OD1 1 
ATOM   436  O  OD2 . ASP A 1 56  ? 1.314   17.470  2.809   1.00 59.10 ? 53  ASP A OD2 1 
ATOM   437  N  N   . LEU A 1 57  ? -2.653  14.826  4.358   1.00 52.23 ? 54  LEU A N   1 
ATOM   438  C  CA  . LEU A 1 57  ? -3.954  14.245  4.771   1.00 51.34 ? 54  LEU A CA  1 
ATOM   439  C  C   . LEU A 1 57  ? -4.212  14.572  6.215   1.00 50.94 ? 54  LEU A C   1 
ATOM   440  O  O   . LEU A 1 57  ? -3.285  14.591  7.004   1.00 51.29 ? 54  LEU A O   1 
ATOM   441  C  CB  . LEU A 1 57  ? -3.965  12.718  4.625   1.00 51.20 ? 54  LEU A CB  1 
ATOM   442  C  CG  . LEU A 1 57  ? -3.829  12.084  3.230   1.00 50.01 ? 54  LEU A CG  1 
ATOM   443  C  CD1 . LEU A 1 57  ? -3.820  10.595  3.370   1.00 50.44 ? 54  LEU A CD1 1 
ATOM   444  C  CD2 . LEU A 1 57  ? -4.951  12.525  2.270   1.00 49.35 ? 54  LEU A CD2 1 
ATOM   445  N  N   . THR A 1 58  ? -5.460  14.845  6.574   1.00 50.52 ? 55  THR A N   1 
ATOM   446  C  CA  . THR A 1 58  ? -5.809  14.942  7.985   1.00 50.14 ? 55  THR A CA  1 
ATOM   447  C  C   . THR A 1 58  ? -5.798  13.532  8.563   1.00 50.30 ? 55  THR A C   1 
ATOM   448  O  O   . THR A 1 58  ? -5.764  12.561  7.824   1.00 50.75 ? 55  THR A O   1 
ATOM   449  C  CB  . THR A 1 58  ? -7.186  15.606  8.201   1.00 49.98 ? 55  THR A CB  1 
ATOM   450  O  OG1 . THR A 1 58  ? -8.208  14.750  7.700   1.00 50.80 ? 55  THR A OG1 1 
ATOM   451  C  CG2 . THR A 1 58  ? -7.280  16.967  7.482   1.00 48.68 ? 55  THR A CG2 1 
ATOM   452  N  N   . VAL A 1 59  ? -5.807  13.405  9.878   1.00 50.61 ? 56  VAL A N   1 
ATOM   453  C  CA  . VAL A 1 59  ? -5.861  12.089  10.517  1.00 50.94 ? 56  VAL A CA  1 
ATOM   454  C  C   . VAL A 1 59  ? -7.203  11.433  10.176  1.00 50.73 ? 56  VAL A C   1 
ATOM   455  O  O   . VAL A 1 59  ? -7.284  10.229  9.981   1.00 50.99 ? 56  VAL A O   1 
ATOM   456  C  CB  . VAL A 1 59  ? -5.688  12.193  12.077  1.00 51.23 ? 56  VAL A CB  1 
ATOM   457  C  CG1 . VAL A 1 59  ? -5.964  10.873  12.742  1.00 53.45 ? 56  VAL A CG1 1 
ATOM   458  C  CG2 . VAL A 1 59  ? -4.291  12.670  12.467  1.00 51.46 ? 56  VAL A CG2 1 
ATOM   459  N  N   . GLY A 1 60  ? -8.268  12.222  10.118  1.00 50.07 ? 57  GLY A N   1 
ATOM   460  C  CA  . GLY A 1 60  ? -9.534  11.697  9.667   1.00 50.41 ? 57  GLY A CA  1 
ATOM   461  C  C   . GLY A 1 60  ? -9.468  11.130  8.253   1.00 51.17 ? 57  GLY A C   1 
ATOM   462  O  O   . GLY A 1 60  ? -9.975  10.053  8.005   1.00 51.95 ? 57  GLY A O   1 
ATOM   463  N  N   . GLU A 1 61  ? -8.839  11.837  7.322   1.00 51.22 ? 58  GLU A N   1 
ATOM   464  C  CA  . GLU A 1 61  ? -8.724  11.353  5.954   1.00 52.12 ? 58  GLU A CA  1 
ATOM   465  C  C   . GLU A 1 61  ? -7.850  10.121  5.877   1.00 52.35 ? 58  GLU A C   1 
ATOM   466  O  O   . GLU A 1 61  ? -8.155  9.161   5.160   1.00 53.43 ? 58  GLU A O   1 
ATOM   467  C  CB  . GLU A 1 61  ? -8.138  12.424  5.055   1.00 52.14 ? 58  GLU A CB  1 
ATOM   468  C  CG  . GLU A 1 61  ? -8.936  13.680  5.081   1.00 55.92 ? 58  GLU A CG  1 
ATOM   469  C  CD  . GLU A 1 61  ? -8.411  14.721  4.124   1.00 60.31 ? 58  GLU A CD  1 
ATOM   470  O  OE1 . GLU A 1 61  ? -9.240  15.207  3.326   1.00 63.87 ? 58  GLU A OE1 1 
ATOM   471  O  OE2 . GLU A 1 61  ? -7.201  15.060  4.176   1.00 60.66 ? 58  GLU A OE2 1 
ATOM   472  N  N   . LEU A 1 62  ? -6.770  10.134  6.633   1.00 52.38 ? 59  LEU A N   1 
ATOM   473  C  CA  . LEU A 1 62  ? -5.833  9.030   6.619   1.00 52.85 ? 59  LEU A CA  1 
ATOM   474  C  C   . LEU A 1 62  ? -6.493  7.787   7.179   1.00 52.12 ? 59  LEU A C   1 
ATOM   475  O  O   . LEU A 1 62  ? -6.389  6.702   6.621   1.00 52.66 ? 59  LEU A O   1 
ATOM   476  C  CB  . LEU A 1 62  ? -4.548  9.402   7.411   1.00 53.47 ? 59  LEU A CB  1 
ATOM   477  C  CG  . LEU A 1 62  ? -3.409  8.367   7.452   1.00 54.69 ? 59  LEU A CG  1 
ATOM   478  C  CD1 . LEU A 1 62  ? -2.981  7.983   6.026   1.00 55.96 ? 59  LEU A CD1 1 
ATOM   479  C  CD2 . LEU A 1 62  ? -2.199  8.899   8.197   1.00 57.37 ? 59  LEU A CD2 1 
ATOM   480  N  N   . SER A 1 63  ? -7.206  7.948   8.275   1.00 51.34 ? 60  SER A N   1 
ATOM   481  C  CA  . SER A 1 63  ? -7.833  6.794   8.905   1.00 51.40 ? 60  SER A CA  1 
ATOM   482  C  C   . SER A 1 63  ? -8.931  6.192   8.022   1.00 50.63 ? 60  SER A C   1 
ATOM   483  O  O   . SER A 1 63  ? -9.109  4.982   8.020   1.00 49.77 ? 60  SER A O   1 
ATOM   484  C  CB  . SER A 1 63  ? -8.374  7.163   10.299  1.00 50.23 ? 60  SER A CB  1 
ATOM   485  O  OG  . SER A 1 63  ? -9.462  8.018   10.128  1.00 52.43 ? 60  SER A OG  1 
ATOM   486  N  N   . ASN A 1 64  ? -9.665  7.030   7.289   1.00 51.03 ? 61  ASN A N   1 
ATOM   487  C  CA  . ASN A 1 64  ? -10.666 6.528   6.314   1.00 51.60 ? 61  ASN A CA  1 
ATOM   488  C  C   . ASN A 1 64  ? -10.074 5.727   5.158   1.00 52.32 ? 61  ASN A C   1 
ATOM   489  O  O   . ASN A 1 64  ? -10.712 4.786   4.670   1.00 52.28 ? 61  ASN A O   1 
ATOM   490  C  CB  . ASN A 1 64  ? -11.563 7.657   5.784   1.00 51.25 ? 61  ASN A CB  1 
ATOM   491  C  CG  . ASN A 1 64  ? -12.627 8.084   6.804   1.00 51.87 ? 61  ASN A CG  1 
ATOM   492  O  OD1 . ASN A 1 64  ? -12.963 7.319   7.708   1.00 52.50 ? 61  ASN A OD1 1 
ATOM   493  N  ND2 . ASN A 1 64  ? -13.161 9.302   6.659   1.00 52.20 ? 61  ASN A ND2 1 
ATOM   494  N  N   . LYS A 1 65  ? -8.863  6.115   4.743   1.00 52.98 ? 62  LYS A N   1 
ATOM   495  C  CA  . LYS A 1 65  ? -8.082  5.403   3.732   1.00 54.32 ? 62  LYS A CA  1 
ATOM   496  C  C   . LYS A 1 65  ? -7.549  4.075   4.201   1.00 55.31 ? 62  LYS A C   1 
ATOM   497  O  O   . LYS A 1 65  ? -7.431  3.151   3.425   1.00 56.43 ? 62  LYS A O   1 
ATOM   498  C  CB  . LYS A 1 65  ? -6.972  6.302   3.177   1.00 53.98 ? 62  LYS A CB  1 
ATOM   499  C  CG  . LYS A 1 65  ? -7.607  7.269   2.188   1.00 56.37 ? 62  LYS A CG  1 
ATOM   500  C  CD  . LYS A 1 65  ? -6.663  8.204   1.507   1.00 62.71 ? 62  LYS A CD  1 
ATOM   501  C  CE  . LYS A 1 65  ? -7.473  9.148   0.581   1.00 67.75 ? 62  LYS A CE  1 
ATOM   502  N  NZ  . LYS A 1 65  ? -8.309  8.398   -0.429  1.00 69.53 ? 62  LYS A NZ  1 
HETATM 503  N  N   . MSE A 1 66  ? -7.279  3.964   5.493   1.00 56.02 ? 63  MSE A N   1 
HETATM 504  C  CA  . MSE A 1 66  ? -6.647  2.780   6.058   1.00 55.67 ? 63  MSE A CA  1 
HETATM 505  C  C   . MSE A 1 66  ? -7.620  1.907   6.776   1.00 55.35 ? 63  MSE A C   1 
HETATM 506  O  O   . MSE A 1 66  ? -7.241  0.818   7.231   1.00 55.16 ? 63  MSE A O   1 
HETATM 507  C  CB  . MSE A 1 66  ? -5.574  3.204   7.047   1.00 56.26 ? 63  MSE A CB  1 
HETATM 508  C  CG  . MSE A 1 66  ? -4.437  3.892   6.387   1.00 58.33 ? 63  MSE A CG  1 
HETATM 509  SE SE  . MSE A 1 66  ? -3.003  4.323   7.628   0.80 65.90 ? 63  MSE A SE  1 
HETATM 510  C  CE  . MSE A 1 66  ? -2.389  2.521   8.186   1.00 61.98 ? 63  MSE A CE  1 
ATOM   511  N  N   . TYR A 1 67  ? -8.876  2.374   6.864   1.00 55.41 ? 64  TYR A N   1 
ATOM   512  C  CA  . TYR A 1 67  ? -9.966  1.657   7.515   1.00 55.46 ? 64  TYR A CA  1 
ATOM   513  C  C   . TYR A 1 67  ? -9.705  1.433   9.010   1.00 55.49 ? 64  TYR A C   1 
ATOM   514  O  O   . TYR A 1 67  ? -10.073 0.393   9.545   1.00 54.82 ? 64  TYR A O   1 
ATOM   515  C  CB  . TYR A 1 67  ? -10.275 0.333   6.795   1.00 56.43 ? 64  TYR A CB  1 
ATOM   516  C  CG  . TYR A 1 67  ? -10.735 0.563   5.366   1.00 57.84 ? 64  TYR A CG  1 
ATOM   517  C  CD1 . TYR A 1 67  ? -12.014 1.095   5.110   1.00 60.01 ? 64  TYR A CD1 1 
ATOM   518  C  CD2 . TYR A 1 67  ? -9.906  0.268   4.279   1.00 55.37 ? 64  TYR A CD2 1 
ATOM   519  C  CE1 . TYR A 1 67  ? -12.437 1.336   3.812   1.00 60.92 ? 64  TYR A CE1 1 
ATOM   520  C  CE2 . TYR A 1 67  ? -10.322 0.507   2.980   1.00 56.84 ? 64  TYR A CE2 1 
ATOM   521  C  CZ  . TYR A 1 67  ? -11.578 1.041   2.759   1.00 60.11 ? 64  TYR A CZ  1 
ATOM   522  O  OH  . TYR A 1 67  ? -12.031 1.283   1.480   1.00 62.32 ? 64  TYR A OH  1 
ATOM   523  N  N   . LEU A 1 68  ? -9.085  2.429   9.660   1.00 54.36 ? 65  LEU A N   1 
ATOM   524  C  CA  . LEU A 1 68  ? -8.782  2.392   11.093  1.00 53.95 ? 65  LEU A CA  1 
ATOM   525  C  C   . LEU A 1 68  ? -9.676  3.350   11.847  1.00 52.83 ? 65  LEU A C   1 
ATOM   526  O  O   . LEU A 1 68  ? -10.158 4.299   11.235  1.00 53.54 ? 65  LEU A O   1 
ATOM   527  C  CB  . LEU A 1 68  ? -7.312  2.765   11.342  1.00 53.70 ? 65  LEU A CB  1 
ATOM   528  C  CG  . LEU A 1 68  ? -6.301  1.829   10.678  1.00 53.54 ? 65  LEU A CG  1 
ATOM   529  C  CD1 . LEU A 1 68  ? -4.912  2.403   10.873  1.00 53.59 ? 65  LEU A CD1 1 
ATOM   530  C  CD2 . LEU A 1 68  ? -6.419  0.375   11.255  1.00 52.89 ? 65  LEU A CD2 1 
ATOM   531  N  N   . ALA A 1 69  ? -9.895  3.115   13.153  1.00 51.05 ? 66  ALA A N   1 
ATOM   532  C  CA  . ALA A 1 69  ? -10.410 4.164   14.042  1.00 49.49 ? 66  ALA A CA  1 
ATOM   533  C  C   . ALA A 1 69  ? -9.421  5.321   14.165  1.00 48.63 ? 66  ALA A C   1 
ATOM   534  O  O   . ALA A 1 69  ? -8.225  5.169   13.962  1.00 48.25 ? 66  ALA A O   1 
ATOM   535  C  CB  . ALA A 1 69  ? -10.789 3.618   15.432  1.00 49.07 ? 66  ALA A CB  1 
ATOM   536  N  N   . CYS A 1 70  ? -9.955  6.487   14.452  1.00 49.34 ? 67  CYS A N   1 
ATOM   537  C  CA  . CYS A 1 70  ? -9.181  7.691   14.712  1.00 50.99 ? 67  CYS A CA  1 
ATOM   538  C  C   . CYS A 1 70  ? -8.115  7.573   15.812  1.00 50.14 ? 67  CYS A C   1 
ATOM   539  O  O   . CYS A 1 70  ? -7.033  8.079   15.640  1.00 48.90 ? 67  CYS A O   1 
ATOM   540  C  CB  . CYS A 1 70  ? -10.154 8.815   15.028  1.00 51.99 ? 67  CYS A CB  1 
ATOM   541  S  SG  . CYS A 1 70  ? -10.835 9.408   13.486  1.00 61.62 ? 67  CYS A SG  1 
ATOM   542  N  N   . SER A 1 71  ? -8.433  6.888   16.919  1.00 50.71 ? 68  SER A N   1 
ATOM   543  C  CA  . SER A 1 71  ? -7.490  6.674   18.016  1.00 51.11 ? 68  SER A CA  1 
ATOM   544  C  C   . SER A 1 71  ? -6.244  5.934   17.536  1.00 50.51 ? 68  SER A C   1 
ATOM   545  O  O   . SER A 1 71  ? -5.122  6.350   17.808  1.00 51.28 ? 68  SER A O   1 
ATOM   546  C  CB  . SER A 1 71  ? -8.166  5.907   19.174  1.00 50.85 ? 68  SER A CB  1 
ATOM   547  O  OG  . SER A 1 71  ? -8.505  4.582   18.758  1.00 54.16 ? 68  SER A OG  1 
ATOM   548  N  N   . THR A 1 72  ? -6.459  4.842   16.816  1.00 50.58 ? 69  THR A N   1 
ATOM   549  C  CA  . THR A 1 72  ? -5.384  4.035   16.186  1.00 50.05 ? 69  THR A CA  1 
ATOM   550  C  C   . THR A 1 72  ? -4.538  4.848   15.229  1.00 50.56 ? 69  THR A C   1 
ATOM   551  O  O   . THR A 1 72  ? -3.298  4.748   15.247  1.00 52.34 ? 69  THR A O   1 
ATOM   552  C  CB  . THR A 1 72  ? -5.978  2.834   15.413  1.00 49.84 ? 69  THR A CB  1 
ATOM   553  O  OG1 . THR A 1 72  ? -6.983  2.212   16.223  1.00 49.18 ? 69  THR A OG1 1 
ATOM   554  C  CG2 . THR A 1 72  ? -4.902  1.788   15.052  1.00 48.72 ? 69  THR A CG2 1 
ATOM   555  N  N   . THR A 1 73  ? -5.182  5.646   14.379  1.00 49.62 ? 70  THR A N   1 
ATOM   556  C  CA  . THR A 1 73  ? -4.445  6.405   13.400  1.00 48.83 ? 70  THR A CA  1 
ATOM   557  C  C   . THR A 1 73  ? -3.611  7.514   14.049  1.00 48.76 ? 70  THR A C   1 
ATOM   558  O  O   . THR A 1 73  ? -2.555  7.839   13.568  1.00 48.75 ? 70  THR A O   1 
ATOM   559  C  CB  . THR A 1 73  ? -5.371  6.995   12.347  1.00 49.37 ? 70  THR A CB  1 
ATOM   560  O  OG1 . THR A 1 73  ? -6.234  5.960   11.876  1.00 50.97 ? 70  THR A OG1 1 
ATOM   561  C  CG2 . THR A 1 73  ? -4.556  7.577   11.187  1.00 45.60 ? 70  THR A CG2 1 
ATOM   562  N  N   . THR A 1 74  ? -4.094  8.067   15.150  1.00 48.99 ? 71  THR A N   1 
ATOM   563  C  CA  . THR A 1 74  ? -3.413  9.140   15.871  1.00 49.28 ? 71  THR A CA  1 
ATOM   564  C  C   . THR A 1 74  ? -2.151  8.616   16.543  1.00 50.08 ? 71  THR A C   1 
ATOM   565  O  O   . THR A 1 74  ? -1.151  9.281   16.511  1.00 49.90 ? 71  THR A O   1 
ATOM   566  C  CB  . THR A 1 74  ? -4.390  9.794   16.915  1.00 49.33 ? 71  THR A CB  1 
ATOM   567  O  OG1 . THR A 1 74  ? -5.539  10.314  16.230  1.00 48.21 ? 71  THR A OG1 1 
ATOM   568  C  CG2 . THR A 1 74  ? -3.715  10.898  17.753  1.00 46.97 ? 71  THR A CG2 1 
ATOM   569  N  N   . ASP A 1 75  ? -2.227  7.444   17.182  1.00 52.23 ? 72  ASP A N   1 
ATOM   570  C  CA  . ASP A 1 75  ? -1.049  6.791   17.778  1.00 53.99 ? 72  ASP A CA  1 
ATOM   571  C  C   . ASP A 1 75  ? 0.016   6.495   16.726  1.00 54.44 ? 72  ASP A C   1 
ATOM   572  O  O   . ASP A 1 75  ? 1.201   6.643   16.976  1.00 56.30 ? 72  ASP A O   1 
ATOM   573  C  CB  . ASP A 1 75  ? -1.428  5.488   18.479  1.00 53.96 ? 72  ASP A CB  1 
ATOM   574  C  CG  . ASP A 1 75  ? -2.328  5.704   19.733  1.00 56.65 ? 72  ASP A CG  1 
ATOM   575  O  OD1 . ASP A 1 75  ? -2.464  6.851   20.237  1.00 56.27 ? 72  ASP A OD1 1 
ATOM   576  O  OD2 . ASP A 1 75  ? -2.905  4.692   20.217  1.00 58.29 ? 72  ASP A OD2 1 
ATOM   577  N  N   . LEU A 1 76  ? -0.411  6.070   15.548  1.00 55.00 ? 73  LEU A N   1 
ATOM   578  C  CA  . LEU A 1 76  ? 0.499   5.780   14.439  1.00 54.05 ? 73  LEU A CA  1 
ATOM   579  C  C   . LEU A 1 76  ? 1.200   7.053   13.937  1.00 53.48 ? 73  LEU A C   1 
ATOM   580  O  O   . LEU A 1 76  ? 2.429   7.092   13.803  1.00 52.91 ? 73  LEU A O   1 
ATOM   581  C  CB  . LEU A 1 76  ? -0.282  5.089   13.324  1.00 53.83 ? 73  LEU A CB  1 
ATOM   582  C  CG  . LEU A 1 76  ? 0.464   4.668   12.052  1.00 55.47 ? 73  LEU A CG  1 
ATOM   583  C  CD1 . LEU A 1 76  ? 1.376   3.502   12.325  1.00 54.66 ? 73  LEU A CD1 1 
ATOM   584  C  CD2 . LEU A 1 76  ? -0.589  4.258   11.051  1.00 56.97 ? 73  LEU A CD2 1 
ATOM   585  N  N   . VAL A 1 77  ? 0.402   8.085   13.669  1.00 53.20 ? 74  VAL A N   1 
ATOM   586  C  CA  . VAL A 1 77  ? 0.911   9.376   13.277  1.00 52.40 ? 74  VAL A CA  1 
ATOM   587  C  C   . VAL A 1 77  ? 1.869   9.907   14.357  1.00 53.70 ? 74  VAL A C   1 
ATOM   588  O  O   . VAL A 1 77  ? 2.980   10.297  14.040  1.00 53.47 ? 74  VAL A O   1 
ATOM   589  C  CB  . VAL A 1 77  ? -0.232  10.346  12.936  1.00 52.27 ? 74  VAL A CB  1 
ATOM   590  C  CG1 . VAL A 1 77  ? 0.286   11.798  12.735  1.00 48.14 ? 74  VAL A CG1 1 
ATOM   591  C  CG2 . VAL A 1 77  ? -0.946  9.854   11.685  1.00 50.41 ? 74  VAL A CG2 1 
ATOM   592  N  N   . ASP A 1 78  ? 1.459   9.865   15.622  1.00 54.90 ? 75  ASP A N   1 
ATOM   593  C  CA  . ASP A 1 78  ? 2.339   10.224  16.743  1.00 56.47 ? 75  ASP A CA  1 
ATOM   594  C  C   . ASP A 1 78  ? 3.713   9.526   16.689  1.00 57.29 ? 75  ASP A C   1 
ATOM   595  O  O   . ASP A 1 78  ? 4.718   10.214  16.838  1.00 56.63 ? 75  ASP A O   1 
ATOM   596  C  CB  . ASP A 1 78  ? 1.671   9.954   18.105  1.00 56.36 ? 75  ASP A CB  1 
ATOM   597  C  CG  . ASP A 1 78  ? 0.499   10.908  18.416  1.00 58.09 ? 75  ASP A CG  1 
ATOM   598  O  OD1 . ASP A 1 78  ? 0.292   11.884  17.656  1.00 56.66 ? 75  ASP A OD1 1 
ATOM   599  O  OD2 . ASP A 1 78  ? -0.227  10.660  19.435  1.00 58.71 ? 75  ASP A OD2 1 
ATOM   600  N  N   . ARG A 1 79  ? 3.758   8.190   16.491  1.00 58.39 ? 76  ARG A N   1 
ATOM   601  C  CA  . ARG A 1 79  ? 5.049   7.452   16.365  1.00 60.02 ? 76  ARG A CA  1 
ATOM   602  C  C   . ARG A 1 79  ? 5.874   7.999   15.204  1.00 59.83 ? 76  ARG A C   1 
ATOM   603  O  O   . ARG A 1 79  ? 7.062   8.276   15.368  1.00 60.81 ? 76  ARG A O   1 
ATOM   604  C  CB  . ARG A 1 79  ? 4.869   5.929   16.136  1.00 60.97 ? 76  ARG A CB  1 
ATOM   605  C  CG  . ARG A 1 79  ? 5.139   4.986   17.333  1.00 64.22 ? 76  ARG A CG  1 
ATOM   606  C  CD  . ARG A 1 79  ? 6.583   4.435   17.425  1.00 68.72 ? 76  ARG A CD  1 
ATOM   607  N  NE  . ARG A 1 79  ? 7.083   4.494   18.819  1.00 73.68 ? 76  ARG A NE  1 
ATOM   608  C  CZ  . ARG A 1 79  ? 8.161   5.187   19.254  1.00 75.30 ? 76  ARG A CZ  1 
ATOM   609  N  NH1 . ARG A 1 79  ? 8.486   5.168   20.550  1.00 73.02 ? 76  ARG A NH1 1 
ATOM   610  N  NH2 . ARG A 1 79  ? 8.936   5.881   18.412  1.00 74.88 ? 76  ARG A NH2 1 
HETATM 611  N  N   . MSE A 1 80  ? 5.246   8.161   14.039  1.00 59.19 ? 77  MSE A N   1 
HETATM 612  C  CA  . MSE A 1 80  ? 5.969   8.602   12.858  1.00 58.85 ? 77  MSE A CA  1 
HETATM 613  C  C   . MSE A 1 80  ? 6.466   10.014  12.969  1.00 58.32 ? 77  MSE A C   1 
HETATM 614  O  O   . MSE A 1 80  ? 7.536   10.335  12.475  1.00 58.41 ? 77  MSE A O   1 
HETATM 615  C  CB  . MSE A 1 80  ? 5.113   8.464   11.627  1.00 58.42 ? 77  MSE A CB  1 
HETATM 616  C  CG  . MSE A 1 80  ? 4.775   7.031   11.323  1.00 61.86 ? 77  MSE A CG  1 
HETATM 617  SE SE  . MSE A 1 80  ? 3.662   6.892   9.733   0.80 67.40 ? 77  MSE A SE  1 
HETATM 618  C  CE  . MSE A 1 80  ? 2.005   7.690   10.333  1.00 65.08 ? 77  MSE A CE  1 
ATOM   619  N  N   . GLU A 1 81  ? 5.684   10.870  13.607  1.00 58.60 ? 78  GLU A N   1 
ATOM   620  C  CA  . GLU A 1 81  ? 6.104   12.240  13.854  1.00 58.99 ? 78  GLU A CA  1 
ATOM   621  C  C   . GLU A 1 81  ? 7.332   12.284  14.810  1.00 58.52 ? 78  GLU A C   1 
ATOM   622  O  O   . GLU A 1 81  ? 8.296   13.002  14.571  1.00 58.23 ? 78  GLU A O   1 
ATOM   623  C  CB  . GLU A 1 81  ? 4.928   13.066  14.389  1.00 59.10 ? 78  GLU A CB  1 
ATOM   624  C  CG  . GLU A 1 81  ? 5.305   14.525  14.622  1.00 63.44 ? 78  GLU A CG  1 
ATOM   625  C  CD  . GLU A 1 81  ? 4.178   15.412  15.146  1.00 68.95 ? 78  GLU A CD  1 
ATOM   626  O  OE1 . GLU A 1 81  ? 3.374   14.950  16.004  1.00 69.63 ? 78  GLU A OE1 1 
ATOM   627  O  OE2 . GLU A 1 81  ? 4.139   16.598  14.709  1.00 71.18 ? 78  GLU A OE2 1 
ATOM   628  N  N   . ARG A 1 82  ? 7.275   11.488  15.873  1.00 58.29 ? 79  ARG A N   1 
ATOM   629  C  CA  . ARG A 1 82  ? 8.349   11.343  16.845  1.00 58.05 ? 79  ARG A CA  1 
ATOM   630  C  C   . ARG A 1 82  ? 9.643   10.911  16.155  1.00 57.66 ? 79  ARG A C   1 
ATOM   631  O  O   . ARG A 1 82  ? 10.698  11.422  16.501  1.00 56.67 ? 79  ARG A O   1 
ATOM   632  C  CB  . ARG A 1 82  ? 7.940   10.319  17.910  1.00 58.33 ? 79  ARG A CB  1 
ATOM   633  C  CG  . ARG A 1 82  ? 8.212   10.689  19.376  1.00 61.20 ? 79  ARG A CG  1 
ATOM   634  C  CD  . ARG A 1 82  ? 7.090   10.168  20.344  1.00 65.09 ? 79  ARG A CD  1 
ATOM   635  N  NE  . ARG A 1 82  ? 6.699   8.753   20.142  1.00 70.03 ? 79  ARG A NE  1 
ATOM   636  C  CZ  . ARG A 1 82  ? 5.432   8.287   20.181  1.00 71.87 ? 79  ARG A CZ  1 
ATOM   637  N  NH1 . ARG A 1 82  ? 4.403   9.113   20.392  1.00 73.27 ? 79  ARG A NH1 1 
ATOM   638  N  NH2 . ARG A 1 82  ? 5.176   6.994   19.993  1.00 70.80 ? 79  ARG A NH2 1 
ATOM   639  N  N   . ASN A 1 83  ? 9.547   9.985   15.181  1.00 57.39 ? 80  ASN A N   1 
ATOM   640  C  CA  . ASN A 1 83  ? 10.709  9.482   14.420  1.00 57.23 ? 80  ASN A CA  1 
ATOM   641  C  C   . ASN A 1 83  ? 11.066  10.308  13.190  1.00 56.71 ? 80  ASN A C   1 
ATOM   642  O  O   . ASN A 1 83  ? 11.859  9.850   12.363  1.00 57.33 ? 80  ASN A O   1 
ATOM   643  C  CB  . ASN A 1 83  ? 10.497  8.036   13.929  1.00 57.80 ? 80  ASN A CB  1 
ATOM   644  C  CG  . ASN A 1 83  ? 10.110  7.064   15.046  1.00 60.11 ? 80  ASN A CG  1 
ATOM   645  O  OD1 . ASN A 1 83  ? 10.311  7.338   16.230  1.00 61.96 ? 80  ASN A OD1 1 
ATOM   646  N  ND2 . ASN A 1 83  ? 9.530   5.906   14.658  1.00 61.43 ? 80  ASN A ND2 1 
ATOM   647  N  N   . GLY A 1 84  ? 10.454  11.484  13.039  1.00 55.57 ? 81  GLY A N   1 
ATOM   648  C  CA  . GLY A 1 84  ? 10.772  12.409  11.950  1.00 53.99 ? 81  GLY A CA  1 
ATOM   649  C  C   . GLY A 1 84  ? 10.405  11.982  10.536  1.00 53.64 ? 81  GLY A C   1 
ATOM   650  O  O   . GLY A 1 84  ? 10.982  12.480  9.566   1.00 53.54 ? 81  GLY A O   1 
ATOM   651  N  N   . LEU A 1 85  ? 9.439   11.073  10.405  1.00 53.09 ? 82  LEU A N   1 
ATOM   652  C  CA  . LEU A 1 85  ? 8.947   10.628  9.092   1.00 52.48 ? 82  LEU A CA  1 
ATOM   653  C  C   . LEU A 1 85  ? 7.872   11.543  8.537   1.00 51.95 ? 82  LEU A C   1 
ATOM   654  O  O   . LEU A 1 85  ? 7.714   11.635  7.338   1.00 51.86 ? 82  LEU A O   1 
ATOM   655  C  CB  . LEU A 1 85  ? 8.340   9.222   9.195   1.00 52.83 ? 82  LEU A CB  1 
ATOM   656  C  CG  . LEU A 1 85  ? 9.212   8.113   9.766   1.00 53.57 ? 82  LEU A CG  1 
ATOM   657  C  CD1 . LEU A 1 85  ? 8.367   6.868   10.088  1.00 53.73 ? 82  LEU A CD1 1 
ATOM   658  C  CD2 . LEU A 1 85  ? 10.361  7.817   8.801   1.00 53.02 ? 82  LEU A CD2 1 
ATOM   659  N  N   . VAL A 1 86  ? 7.118   12.198  9.421   1.00 51.67 ? 83  VAL A N   1 
ATOM   660  C  CA  . VAL A 1 86  ? 6.019   13.105  9.034   1.00 50.77 ? 83  VAL A CA  1 
ATOM   661  C  C   . VAL A 1 86  ? 5.996   14.293  9.987   1.00 50.71 ? 83  VAL A C   1 
ATOM   662  O  O   . VAL A 1 86  ? 6.521   14.210  11.094  1.00 50.80 ? 83  VAL A O   1 
ATOM   663  C  CB  . VAL A 1 86  ? 4.574   12.394  9.059   1.00 50.86 ? 83  VAL A CB  1 
ATOM   664  C  CG1 . VAL A 1 86  ? 4.573   11.068  8.283   1.00 50.69 ? 83  VAL A CG1 1 
ATOM   665  C  CG2 . VAL A 1 86  ? 4.065   12.175  10.470  1.00 49.38 ? 83  VAL A CG2 1 
ATOM   666  N  N   . ALA A 1 87  ? 5.382   15.388  9.556   1.00 50.52 ? 84  ALA A N   1 
ATOM   667  C  CA  . ALA A 1 87  ? 5.119   16.529  10.430  1.00 51.81 ? 84  ALA A CA  1 
ATOM   668  C  C   . ALA A 1 87  ? 3.627   16.824  10.394  1.00 52.69 ? 84  ALA A C   1 
ATOM   669  O  O   . ALA A 1 87  ? 2.937   16.455  9.442   1.00 52.91 ? 84  ALA A O   1 
ATOM   670  C  CB  . ALA A 1 87  ? 5.915   17.762  9.981   1.00 50.64 ? 84  ALA A CB  1 
ATOM   671  N  N   . ARG A 1 88  ? 3.130   17.457  11.446  1.00 54.13 ? 85  ARG A N   1 
ATOM   672  C  CA  . ARG A 1 88  ? 1.769   17.990  11.463  1.00 55.69 ? 85  ARG A CA  1 
ATOM   673  C  C   . ARG A 1 88  ? 1.783   19.451  11.022  1.00 56.30 ? 85  ARG A C   1 
ATOM   674  O  O   . ARG A 1 88  ? 2.600   20.235  11.488  1.00 55.98 ? 85  ARG A O   1 
ATOM   675  C  CB  . ARG A 1 88  ? 1.192   17.878  12.867  1.00 56.03 ? 85  ARG A CB  1 
ATOM   676  C  CG  . ARG A 1 88  ? 0.728   16.488  13.231  1.00 56.77 ? 85  ARG A CG  1 
ATOM   677  C  CD  . ARG A 1 88  ? 0.220   16.495  14.645  1.00 58.19 ? 85  ARG A CD  1 
ATOM   678  N  NE  . ARG A 1 88  ? -0.783  15.446  14.879  1.00 59.35 ? 85  ARG A NE  1 
ATOM   679  C  CZ  . ARG A 1 88  ? -0.542  14.286  15.484  1.00 58.06 ? 85  ARG A CZ  1 
ATOM   680  N  NH1 . ARG A 1 88  ? -1.533  13.424  15.665  1.00 56.83 ? 85  ARG A NH1 1 
ATOM   681  N  NH2 . ARG A 1 88  ? 0.685   13.987  15.908  1.00 57.85 ? 85  ARG A NH2 1 
ATOM   682  N  N   . VAL A 1 89  ? 0.902   19.811  10.099  1.00 57.54 ? 86  VAL A N   1 
ATOM   683  C  CA  . VAL A 1 89  ? 0.919   21.150  9.517   1.00 58.84 ? 86  VAL A CA  1 
ATOM   684  C  C   . VAL A 1 89  ? -0.483  21.701  9.472   1.00 60.11 ? 86  VAL A C   1 
ATOM   685  O  O   . VAL A 1 89  ? -1.338  21.160  8.769   1.00 59.99 ? 86  VAL A O   1 
ATOM   686  C  CB  . VAL A 1 89  ? 1.493   21.149  8.052   1.00 58.76 ? 86  VAL A CB  1 
ATOM   687  C  CG1 . VAL A 1 89  ? 1.486   22.578  7.472   1.00 59.29 ? 86  VAL A CG1 1 
ATOM   688  C  CG2 . VAL A 1 89  ? 2.902   20.588  8.009   1.00 57.69 ? 86  VAL A CG2 1 
ATOM   689  N  N   . ARG A 1 90  ? -0.727  22.788  10.194  1.00 62.16 ? 87  ARG A N   1 
ATOM   690  C  CA  . ARG A 1 90  ? -2.044  23.406  10.138  1.00 64.88 ? 87  ARG A CA  1 
ATOM   691  C  C   . ARG A 1 90  ? -2.215  24.301  8.925   1.00 66.27 ? 87  ARG A C   1 
ATOM   692  O  O   . ARG A 1 90  ? -1.238  24.811  8.387   1.00 66.39 ? 87  ARG A O   1 
ATOM   693  C  CB  . ARG A 1 90  ? -2.387  24.161  11.424  1.00 65.09 ? 87  ARG A CB  1 
ATOM   694  C  CG  . ARG A 1 90  ? -1.406  25.216  11.865  1.00 67.78 ? 87  ARG A CG  1 
ATOM   695  C  CD  . ARG A 1 90  ? -1.985  25.964  13.059  1.00 72.01 ? 87  ARG A CD  1 
ATOM   696  N  NE  . ARG A 1 90  ? -2.606  25.031  14.006  1.00 73.49 ? 87  ARG A NE  1 
ATOM   697  C  CZ  . ARG A 1 90  ? -2.102  24.718  15.198  1.00 74.17 ? 87  ARG A CZ  1 
ATOM   698  N  NH1 . ARG A 1 90  ? -2.749  23.854  15.971  1.00 72.69 ? 87  ARG A NH1 1 
ATOM   699  N  NH2 . ARG A 1 90  ? -0.962  25.277  15.625  1.00 74.45 ? 87  ARG A NH2 1 
ATOM   700  N  N   . ASP A 1 91  ? -3.463  24.470  8.492   1.00 68.39 ? 88  ASP A N   1 
ATOM   701  C  CA  . ASP A 1 91  ? -3.795  25.458  7.466   1.00 70.63 ? 88  ASP A CA  1 
ATOM   702  C  C   . ASP A 1 91  ? -3.419  26.872  7.899   1.00 71.60 ? 88  ASP A C   1 
ATOM   703  O  O   . ASP A 1 91  ? -3.454  27.211  9.095   1.00 71.78 ? 88  ASP A O   1 
ATOM   704  C  CB  . ASP A 1 91  ? -5.289  25.433  7.134   1.00 70.85 ? 88  ASP A CB  1 
ATOM   705  C  CG  . ASP A 1 91  ? -5.588  24.675  5.858   1.00 72.69 ? 88  ASP A CG  1 
ATOM   706  O  OD1 . ASP A 1 91  ? -4.874  24.865  4.839   1.00 74.25 ? 88  ASP A OD1 1 
ATOM   707  O  OD2 . ASP A 1 91  ? -6.552  23.887  5.866   1.00 73.73 ? 88  ASP A OD2 1 
ATOM   708  N  N   . GLU A 1 92  ? -3.049  27.694  6.923   1.00 72.89 ? 89  GLU A N   1 
ATOM   709  C  CA  . GLU A 1 92  ? -2.906  29.117  7.169   1.00 74.07 ? 89  GLU A CA  1 
ATOM   710  C  C   . GLU A 1 92  ? -4.322  29.694  7.229   1.00 74.69 ? 89  GLU A C   1 
ATOM   711  O  O   . GLU A 1 92  ? -4.615  30.554  8.065   1.00 74.72 ? 89  GLU A O   1 
ATOM   712  C  CB  . GLU A 1 92  ? -2.074  29.774  6.065   1.00 74.44 ? 89  GLU A CB  1 
ATOM   713  C  CG  . GLU A 1 92  ? -0.816  28.978  5.675   1.00 75.19 ? 89  GLU A CG  1 
ATOM   714  C  CD  . GLU A 1 92  ? -0.046  29.607  4.519   1.00 76.62 ? 89  GLU A CD  1 
ATOM   715  O  OE1 . GLU A 1 92  ? 0.192   30.843  4.557   1.00 76.55 ? 89  GLU A OE1 1 
ATOM   716  O  OE2 . GLU A 1 92  ? 0.325   28.854  3.581   1.00 76.55 ? 89  GLU A OE2 1 
ATOM   717  N  N   . HIS A 1 93  ? -5.204  29.151  6.382   1.00 75.42 ? 90  HIS A N   1 
ATOM   718  C  CA  . HIS A 1 93  ? -6.594  29.622  6.225   1.00 76.23 ? 90  HIS A CA  1 
ATOM   719  C  C   . HIS A 1 93  ? -7.593  29.160  7.310   1.00 76.28 ? 90  HIS A C   1 
ATOM   720  O  O   . HIS A 1 93  ? -7.581  28.003  7.767   1.00 76.80 ? 90  HIS A O   1 
ATOM   721  C  CB  . HIS A 1 93  ? -7.104  29.273  4.816   1.00 76.37 ? 90  HIS A CB  1 
ATOM   722  C  CG  . HIS A 1 93  ? -6.296  29.891  3.708   1.00 77.67 ? 90  HIS A CG  1 
ATOM   723  N  ND1 . HIS A 1 93  ? -5.576  29.140  2.799   1.00 78.18 ? 90  HIS A ND1 1 
ATOM   724  C  CD2 . HIS A 1 93  ? -6.087  31.189  3.371   1.00 78.06 ? 90  HIS A CD2 1 
ATOM   725  C  CE1 . HIS A 1 93  ? -4.965  29.947  1.945   1.00 78.18 ? 90  HIS A CE1 1 
ATOM   726  N  NE2 . HIS A 1 93  ? -5.257  31.195  2.272   1.00 78.44 ? 90  HIS A NE2 1 
ATOM   727  N  N   . VAL A 1 97  ? -7.871  22.934  11.585  1.00 52.72 ? 94  VAL A N   1 
ATOM   728  C  CA  . VAL A 1 97  ? -7.441  21.941  10.583  1.00 53.46 ? 94  VAL A CA  1 
ATOM   729  C  C   . VAL A 1 97  ? -5.929  21.696  10.605  1.00 53.08 ? 94  VAL A C   1 
ATOM   730  O  O   . VAL A 1 97  ? -5.165  22.598  10.319  1.00 53.54 ? 94  VAL A O   1 
ATOM   731  C  CB  . VAL A 1 97  ? -7.921  22.285  9.110   1.00 53.55 ? 94  VAL A CB  1 
ATOM   732  C  CG1 . VAL A 1 97  ? -7.377  21.281  8.077   1.00 52.48 ? 94  VAL A CG1 1 
ATOM   733  C  CG2 . VAL A 1 97  ? -9.446  22.327  9.036   1.00 54.55 ? 94  VAL A CG2 1 
ATOM   734  N  N   . VAL A 1 98  ? -5.523  20.465  10.937  1.00 52.34 ? 95  VAL A N   1 
ATOM   735  C  CA  . VAL A 1 98  ? -4.120  20.044  10.925  1.00 51.40 ? 95  VAL A CA  1 
ATOM   736  C  C   . VAL A 1 98  ? -3.988  18.830  10.001  1.00 51.22 ? 95  VAL A C   1 
ATOM   737  O  O   . VAL A 1 98  ? -4.791  17.899  10.079  1.00 50.35 ? 95  VAL A O   1 
ATOM   738  C  CB  . VAL A 1 98  ? -3.610  19.650  12.342  1.00 51.67 ? 95  VAL A CB  1 
ATOM   739  C  CG1 . VAL A 1 98  ? -2.249  18.941  12.264  1.00 50.88 ? 95  VAL A CG1 1 
ATOM   740  C  CG2 . VAL A 1 98  ? -3.529  20.854  13.254  1.00 50.69 ? 95  VAL A CG2 1 
ATOM   741  N  N   . ARG A 1 99  ? -3.003  18.875  9.105   1.00 50.82 ? 96  ARG A N   1 
ATOM   742  C  CA  . ARG A 1 99  ? -2.745  17.794  8.170   1.00 50.80 ? 96  ARG A CA  1 
ATOM   743  C  C   . ARG A 1 99  ? -1.396  17.148  8.450   1.00 50.73 ? 96  ARG A C   1 
ATOM   744  O  O   . ARG A 1 99  ? -0.503  17.783  8.996   1.00 50.80 ? 96  ARG A O   1 
ATOM   745  C  CB  . ARG A 1 99  ? -2.785  18.297  6.728   1.00 50.82 ? 96  ARG A CB  1 
ATOM   746  C  CG  . ARG A 1 99  ? -4.147  18.720  6.279   1.00 51.67 ? 96  ARG A CG  1 
ATOM   747  C  CD  . ARG A 1 99  ? -4.182  19.098  4.812   1.00 53.32 ? 96  ARG A CD  1 
ATOM   748  N  NE  . ARG A 1 99  ? -5.519  19.574  4.464   1.00 53.73 ? 96  ARG A NE  1 
ATOM   749  C  CZ  . ARG A 1 99  ? -5.912  20.846  4.564   1.00 55.70 ? 96  ARG A CZ  1 
ATOM   750  N  NH1 . ARG A 1 99  ? -5.070  21.792  4.986   1.00 53.45 ? 96  ARG A NH1 1 
ATOM   751  N  NH2 . ARG A 1 99  ? -7.154  21.177  4.236   1.00 55.04 ? 96  ARG A NH2 1 
ATOM   752  N  N   . ILE A 1 100 ? -1.265  15.885  8.056   1.00 51.00 ? 97  ILE A N   1 
ATOM   753  C  CA  . ILE A 1 100 ? -0.031  15.154  8.153   1.00 51.12 ? 97  ILE A CA  1 
ATOM   754  C  C   . ILE A 1 100 ? 0.688   15.349  6.834   1.00 52.34 ? 97  ILE A C   1 
ATOM   755  O  O   . ILE A 1 100 ? 0.103   15.185  5.766   1.00 53.14 ? 97  ILE A O   1 
ATOM   756  C  CB  . ILE A 1 100 ? -0.272  13.633  8.409   1.00 51.31 ? 97  ILE A CB  1 
ATOM   757  C  CG1 . ILE A 1 100 ? -1.294  13.404  9.538   1.00 49.58 ? 97  ILE A CG1 1 
ATOM   758  C  CG2 . ILE A 1 100 ? 1.030   12.918  8.712   1.00 49.46 ? 97  ILE A CG2 1 
ATOM   759  C  CD1 . ILE A 1 100 ? -1.123  14.348  10.750  1.00 50.46 ? 97  ILE A CD1 1 
ATOM   760  N  N   . ARG A 1 101 ? 1.959   15.724  6.913   1.00 52.78 ? 98  ARG A N   1 
ATOM   761  C  CA  . ARG A 1 101 ? 2.785   15.916  5.737   1.00 52.89 ? 98  ARG A CA  1 
ATOM   762  C  C   . ARG A 1 101 ? 4.003   15.008  5.789   1.00 53.16 ? 98  ARG A C   1 
ATOM   763  O  O   . ARG A 1 101 ? 4.752   15.001  6.778   1.00 53.10 ? 98  ARG A O   1 
ATOM   764  C  CB  . ARG A 1 101 ? 3.248   17.364  5.659   1.00 52.59 ? 98  ARG A CB  1 
ATOM   765  C  CG  . ARG A 1 101 ? 4.465   17.580  4.790   1.00 53.81 ? 98  ARG A CG  1 
ATOM   766  C  CD  . ARG A 1 101 ? 4.810   19.055  4.737   1.00 55.50 ? 98  ARG A CD  1 
ATOM   767  N  NE  . ARG A 1 101 ? 3.664   19.822  4.257   1.00 55.87 ? 98  ARG A NE  1 
ATOM   768  C  CZ  . ARG A 1 101 ? 3.598   21.151  4.226   1.00 56.62 ? 98  ARG A CZ  1 
ATOM   769  N  NH1 . ARG A 1 101 ? 4.632   21.891  4.635   1.00 55.67 ? 98  ARG A NH1 1 
ATOM   770  N  NH2 . ARG A 1 101 ? 2.493   21.742  3.775   1.00 56.09 ? 98  ARG A NH2 1 
ATOM   771  N  N   . LEU A 1 102 ? 4.204   14.278  4.699   1.00 52.91 ? 99  LEU A N   1 
ATOM   772  C  CA  . LEU A 1 102 ? 5.396   13.502  4.472   1.00 53.54 ? 99  LEU A CA  1 
ATOM   773  C  C   . LEU A 1 102 ? 6.650   14.361  4.509   1.00 54.00 ? 99  LEU A C   1 
ATOM   774  O  O   . LEU A 1 102 ? 6.832   15.257  3.666   1.00 54.69 ? 99  LEU A O   1 
ATOM   775  C  CB  . LEU A 1 102 ? 5.281   12.824  3.099   1.00 53.64 ? 99  LEU A CB  1 
ATOM   776  C  CG  . LEU A 1 102 ? 6.187   11.631  2.808   1.00 53.06 ? 99  LEU A CG  1 
ATOM   777  C  CD1 . LEU A 1 102 ? 6.015   10.540  3.877   1.00 48.69 ? 99  LEU A CD1 1 
ATOM   778  C  CD2 . LEU A 1 102 ? 5.941   11.103  1.375   1.00 50.59 ? 99  LEU A CD2 1 
ATOM   779  N  N   . LEU A 1 103 ? 7.518   14.088  5.482   1.00 54.26 ? 100 LEU A N   1 
ATOM   780  C  CA  . LEU A 1 103 ? 8.866   14.666  5.498   1.00 54.48 ? 100 LEU A CA  1 
ATOM   781  C  C   . LEU A 1 103 ? 9.853   13.920  4.571   1.00 55.15 ? 100 LEU A C   1 
ATOM   782  O  O   . LEU A 1 103 ? 9.632   12.763  4.205   1.00 55.08 ? 100 LEU A O   1 
ATOM   783  C  CB  . LEU A 1 103 ? 9.405   14.716  6.928   1.00 54.11 ? 100 LEU A CB  1 
ATOM   784  C  CG  . LEU A 1 103 ? 8.617   15.639  7.854   1.00 53.87 ? 100 LEU A CG  1 
ATOM   785  C  CD1 . LEU A 1 103 ? 9.296   15.724  9.207   1.00 52.46 ? 100 LEU A CD1 1 
ATOM   786  C  CD2 . LEU A 1 103 ? 8.480   17.009  7.214   1.00 53.62 ? 100 LEU A CD2 1 
ATOM   787  N  N   . GLU A 1 104 ? 10.955  14.577  4.222   1.00 56.44 ? 101 GLU A N   1 
ATOM   788  C  CA  . GLU A 1 104 ? 11.952  14.007  3.312   1.00 57.46 ? 101 GLU A CA  1 
ATOM   789  C  C   . GLU A 1 104 ? 12.467  12.658  3.793   1.00 56.87 ? 101 GLU A C   1 
ATOM   790  O  O   . GLU A 1 104 ? 12.701  11.778  2.975   1.00 56.56 ? 101 GLU A O   1 
ATOM   791  C  CB  . GLU A 1 104 ? 13.132  14.965  3.104   1.00 58.08 ? 101 GLU A CB  1 
ATOM   792  C  CG  . GLU A 1 104 ? 14.195  14.462  2.109   1.00 62.49 ? 101 GLU A CG  1 
ATOM   793  C  CD  . GLU A 1 104 ? 15.383  15.407  2.011   1.00 69.69 ? 101 GLU A CD  1 
ATOM   794  O  OE1 . GLU A 1 104 ? 15.387  16.465  2.697   1.00 73.46 ? 101 GLU A OE1 1 
ATOM   795  O  OE2 . GLU A 1 104 ? 16.328  15.107  1.245   1.00 73.44 ? 101 GLU A OE2 1 
ATOM   796  N  N   . LYS A 1 105 ? 12.662  12.515  5.105   1.00 56.58 ? 102 LYS A N   1 
ATOM   797  C  CA  . LYS A 1 105 ? 13.127  11.260  5.690   1.00 56.74 ? 102 LYS A CA  1 
ATOM   798  C  C   . LYS A 1 105 ? 12.126  10.126  5.443   1.00 57.25 ? 102 LYS A C   1 
ATOM   799  O  O   . LYS A 1 105 ? 12.510  9.019   5.075   1.00 58.01 ? 102 LYS A O   1 
ATOM   800  C  CB  . LYS A 1 105 ? 13.413  11.425  7.189   1.00 56.39 ? 102 LYS A CB  1 
ATOM   801  C  CG  . LYS A 1 105 ? 13.737  10.092  7.885   1.00 56.30 ? 102 LYS A CG  1 
ATOM   802  C  CD  . LYS A 1 105 ? 13.921  10.309  9.441   1.00 54.67 ? 102 LYS A CD  1 
ATOM   803  C  CE  . LYS A 1 105 ? 14.392  8.803   9.939   1.00 55.46 ? 102 LYS A CE  1 
ATOM   804  N  NZ  . LYS A 1 105 ? 14.606  9.020   11.453  1.00 57.52 ? 102 LYS A NZ  1 
ATOM   805  N  N   . GLY A 1 106 ? 10.839  10.415  5.621   1.00 57.38 ? 103 GLY A N   1 
ATOM   806  C  CA  . GLY A 1 106 ? 9.794   9.439   5.375   1.00 56.72 ? 103 GLY A CA  1 
ATOM   807  C  C   . GLY A 1 106 ? 9.699   9.069   3.915   1.00 57.10 ? 103 GLY A C   1 
ATOM   808  O  O   . GLY A 1 106 ? 9.634   7.884   3.571   1.00 56.11 ? 103 GLY A O   1 
ATOM   809  N  N   . GLU A 1 107 ? 9.686   10.084  3.054   1.00 57.73 ? 104 GLU A N   1 
ATOM   810  C  CA  . GLU A 1 107 ? 9.602   9.885   1.595   1.00 59.13 ? 104 GLU A CA  1 
ATOM   811  C  C   . GLU A 1 107 ? 10.759  9.067   1.038   1.00 58.90 ? 104 GLU A C   1 
ATOM   812  O  O   . GLU A 1 107 ? 10.552  8.198   0.216   1.00 59.01 ? 104 GLU A O   1 
ATOM   813  C  CB  . GLU A 1 107 ? 9.545   11.221  0.850   1.00 59.57 ? 104 GLU A CB  1 
ATOM   814  C  CG  . GLU A 1 107 ? 9.000   11.074  -0.552  1.00 64.17 ? 104 GLU A CG  1 
ATOM   815  C  CD  . GLU A 1 107 ? 9.293   12.265  -1.424  1.00 69.92 ? 104 GLU A CD  1 
ATOM   816  O  OE1 . GLU A 1 107 ? 10.121  13.091  -0.997  1.00 71.86 ? 104 GLU A OE1 1 
ATOM   817  O  OE2 . GLU A 1 107 ? 8.720   12.361  -2.547  1.00 72.99 ? 104 GLU A OE2 1 
ATOM   818  N  N   A ARG A 1 108 ? 11.965  9.353   1.507   0.70 59.08 ? 105 ARG A N   1 
ATOM   819  N  N   B ARG A 1 108 ? 11.975  9.374   1.491   0.30 58.76 ? 105 ARG A N   1 
ATOM   820  C  CA  A ARG A 1 108 ? 13.154  8.650   1.059   0.70 59.53 ? 105 ARG A CA  1 
ATOM   821  C  CA  B ARG A 1 108 ? 13.189  8.646   1.102   0.30 58.68 ? 105 ARG A CA  1 
ATOM   822  C  C   A ARG A 1 108 ? 12.989  7.148   1.289   0.70 59.15 ? 105 ARG A C   1 
ATOM   823  C  C   B ARG A 1 108 ? 13.012  7.143   1.301   0.30 58.67 ? 105 ARG A C   1 
ATOM   824  O  O   A ARG A 1 108 ? 13.173  6.366   0.359   0.70 59.54 ? 105 ARG A O   1 
ATOM   825  O  O   B ARG A 1 108 ? 13.230  6.361   0.377   0.30 58.87 ? 105 ARG A O   1 
ATOM   826  C  CB  A ARG A 1 108 ? 14.402  9.203   1.769   0.70 59.68 ? 105 ARG A CB  1 
ATOM   827  C  CB  B ARG A 1 108 ? 14.407  9.172   1.890   0.30 58.57 ? 105 ARG A CB  1 
ATOM   828  C  CG  A ARG A 1 108 ? 15.452  9.743   0.832   0.70 61.92 ? 105 ARG A CG  1 
ATOM   829  C  CG  B ARG A 1 108 ? 15.561  8.179   2.075   0.30 58.16 ? 105 ARG A CG  1 
ATOM   830  C  CD  A ARG A 1 108 ? 16.799  9.772   1.512   0.70 65.50 ? 105 ARG A CD  1 
ATOM   831  C  CD  B ARG A 1 108 ? 16.482  8.613   3.241   0.30 58.71 ? 105 ARG A CD  1 
ATOM   832  N  NE  A ARG A 1 108 ? 17.278  11.130  1.763   0.70 67.88 ? 105 ARG A NE  1 
ATOM   833  N  NE  B ARG A 1 108 ? 15.868  8.413   4.591   0.30 58.44 ? 105 ARG A NE  1 
ATOM   834  C  CZ  A ARG A 1 108 ? 18.173  11.757  0.994   0.70 69.17 ? 105 ARG A CZ  1 
ATOM   835  C  CZ  B ARG A 1 108 ? 15.992  7.304   5.335   0.30 57.44 ? 105 ARG A CZ  1 
ATOM   836  N  NH1 A ARG A 1 108 ? 18.676  11.154  -0.085  0.70 69.33 ? 105 ARG A NH1 1 
ATOM   837  N  NH1 B ARG A 1 108 ? 16.698  6.267   4.862   0.30 56.86 ? 105 ARG A NH1 1 
ATOM   838  N  NH2 A ARG A 1 108 ? 18.566  12.990  1.293   0.70 69.11 ? 105 ARG A NH2 1 
ATOM   839  N  NH2 B ARG A 1 108 ? 15.509  7.277   6.628   0.30 55.20 ? 105 ARG A NH2 1 
ATOM   840  N  N   . ILE A 1 109 ? 12.602  6.764   2.510   1.00 58.75 ? 106 ILE A N   1 
ATOM   841  C  CA  . ILE A 1 109 ? 12.362  5.360   2.880   1.00 58.29 ? 106 ILE A CA  1 
ATOM   842  C  C   . ILE A 1 109 ? 11.285  4.647   2.038   1.00 58.50 ? 106 ILE A C   1 
ATOM   843  O  O   . ILE A 1 109 ? 11.524  3.554   1.525   1.00 58.57 ? 106 ILE A O   1 
ATOM   844  C  CB  . ILE A 1 109 ? 11.999  5.234   4.392   1.00 58.15 ? 106 ILE A CB  1 
ATOM   845  C  CG1 . ILE A 1 109 ? 13.222  5.479   5.261   1.00 56.83 ? 106 ILE A CG1 1 
ATOM   846  C  CG2 . ILE A 1 109 ? 11.456  3.846   4.730   1.00 56.99 ? 106 ILE A CG2 1 
ATOM   847  C  CD1 . ILE A 1 109 ? 12.862  5.740   6.678   1.00 56.10 ? 106 ILE A CD1 1 
ATOM   848  N  N   . ILE A 1 110 ? 10.105  5.241   1.901   1.00 58.66 ? 107 ILE A N   1 
ATOM   849  C  CA  . ILE A 1 110 ? 9.066   4.578   1.149   1.00 59.25 ? 107 ILE A CA  1 
ATOM   850  C  C   . ILE A 1 110 ? 9.289   4.444   -0.317  1.00 59.59 ? 107 ILE A C   1 
ATOM   851  O  O   . ILE A 1 110 ? 8.862   3.472   -0.896  1.00 60.12 ? 107 ILE A O   1 
ATOM   852  C  CB  . ILE A 1 110 ? 7.687   5.174   1.297   1.00 59.88 ? 107 ILE A CB  1 
ATOM   853  C  CG1 . ILE A 1 110 ? 7.703   6.667   1.027   1.00 58.94 ? 107 ILE A CG1 1 
ATOM   854  C  CG2 . ILE A 1 110 ? 7.087   4.723   2.594   1.00 62.16 ? 107 ILE A CG2 1 
ATOM   855  C  CD1 . ILE A 1 110 ? 6.378   7.171   0.763   1.00 62.55 ? 107 ILE A CD1 1 
ATOM   856  N  N   . GLU A 1 111 ? 9.914   5.434   -0.922  1.00 60.65 ? 108 GLU A N   1 
ATOM   857  C  CA  . GLU A 1 111 ? 10.347  5.328   -2.302  1.00 61.60 ? 108 GLU A CA  1 
ATOM   858  C  C   . GLU A 1 111 ? 11.311  4.161   -2.500  1.00 60.94 ? 108 GLU A C   1 
ATOM   859  O  O   . GLU A 1 111 ? 11.316  3.507   -3.545  1.00 60.54 ? 108 GLU A O   1 
ATOM   860  C  CB  . GLU A 1 111 ? 11.043  6.620   -2.709  1.00 62.33 ? 108 GLU A CB  1 
ATOM   861  C  CG  . GLU A 1 111 ? 10.086  7.803   -2.785  1.00 66.00 ? 108 GLU A CG  1 
ATOM   862  C  CD  . GLU A 1 111 ? 10.648  8.967   -3.604  1.00 71.89 ? 108 GLU A CD  1 
ATOM   863  O  OE1 . GLU A 1 111 ? 11.832  9.396   -3.397  1.00 69.65 ? 108 GLU A OE1 1 
ATOM   864  O  OE2 . GLU A 1 111 ? 9.862   9.438   -4.466  1.00 75.54 ? 108 GLU A OE2 1 
ATOM   865  N  N   . GLU A 1 112 ? 12.140  3.933   -1.490  1.00 60.07 ? 109 GLU A N   1 
ATOM   866  C  CA  . GLU A 1 112 ? 13.071  2.842   -1.507  1.00 59.34 ? 109 GLU A CA  1 
ATOM   867  C  C   . GLU A 1 112 ? 12.371  1.502   -1.323  1.00 58.08 ? 109 GLU A C   1 
ATOM   868  O  O   . GLU A 1 112 ? 12.731  0.530   -1.968  1.00 58.01 ? 109 GLU A O   1 
ATOM   869  C  CB  . GLU A 1 112 ? 14.088  3.067   -0.408  1.00 60.23 ? 109 GLU A CB  1 
ATOM   870  C  CG  . GLU A 1 112 ? 15.311  2.221   -0.543  1.00 64.89 ? 109 GLU A CG  1 
ATOM   871  C  CD  . GLU A 1 112 ? 16.445  2.669   0.343   1.00 70.97 ? 109 GLU A CD  1 
ATOM   872  O  OE1 . GLU A 1 112 ? 16.303  3.671   1.113   1.00 71.91 ? 109 GLU A OE1 1 
ATOM   873  O  OE2 . GLU A 1 112 ? 17.494  1.989   0.255   1.00 74.34 ? 109 GLU A OE2 1 
ATOM   874  N  N   . VAL A 1 113 ? 11.362  1.444   -0.454  1.00 56.59 ? 110 VAL A N   1 
ATOM   875  C  CA  . VAL A 1 113 ? 10.622  0.193   -0.242  1.00 55.15 ? 110 VAL A CA  1 
ATOM   876  C  C   . VAL A 1 113 ? 9.834   -0.162  -1.508  1.00 55.05 ? 110 VAL A C   1 
ATOM   877  O  O   . VAL A 1 113 ? 9.854   -1.289  -1.961  1.00 54.97 ? 110 VAL A O   1 
ATOM   878  C  CB  . VAL A 1 113 ? 9.685   0.251   1.003   1.00 54.95 ? 110 VAL A CB  1 
ATOM   879  C  CG1 . VAL A 1 113 ? 8.762   -0.986  1.070   1.00 53.29 ? 110 VAL A CG1 1 
ATOM   880  C  CG2 . VAL A 1 113 ? 10.487  0.412   2.281   1.00 52.94 ? 110 VAL A CG2 1 
ATOM   881  N  N   . ILE A 1 114 ? 9.167   0.820   -2.088  1.00 55.13 ? 111 ILE A N   1 
ATOM   882  C  CA  . ILE A 1 114 ? 8.428   0.621   -3.320  1.00 56.18 ? 111 ILE A CA  1 
ATOM   883  C  C   . ILE A 1 114 ? 9.296   0.149   -4.495  1.00 56.07 ? 111 ILE A C   1 
ATOM   884  O  O   . ILE A 1 114 ? 8.894   -0.723  -5.252  1.00 56.44 ? 111 ILE A O   1 
ATOM   885  C  CB  . ILE A 1 114 ? 7.587   1.861   -3.677  1.00 56.78 ? 111 ILE A CB  1 
ATOM   886  C  CG1 . ILE A 1 114 ? 6.324   1.872   -2.792  1.00 57.94 ? 111 ILE A CG1 1 
ATOM   887  C  CG2 . ILE A 1 114 ? 7.215   1.838   -5.169  1.00 55.58 ? 111 ILE A CG2 1 
ATOM   888  C  CD1 . ILE A 1 114 ? 5.581   3.189   -2.826  1.00 61.61 ? 111 ILE A CD1 1 
ATOM   889  N  N   . GLU A 1 115 ? 10.496  0.687   -4.604  1.00 56.36 ? 112 GLU A N   1 
ATOM   890  C  CA  . GLU A 1 115 ? 11.435  0.296   -5.657  1.00 57.44 ? 112 GLU A CA  1 
ATOM   891  C  C   . GLU A 1 115 ? 11.887  -1.171  -5.495  1.00 56.38 ? 112 GLU A C   1 
ATOM   892  O  O   . GLU A 1 115 ? 11.986  -1.923  -6.464  1.00 56.01 ? 112 GLU A O   1 
ATOM   893  C  CB  . GLU A 1 115 ? 12.614  1.243   -5.655  1.00 57.25 ? 112 GLU A CB  1 
ATOM   894  C  CG  . GLU A 1 115 ? 13.751  0.804   -6.564  1.00 64.78 ? 112 GLU A CG  1 
ATOM   895  C  CD  . GLU A 1 115 ? 14.723  1.949   -6.845  1.00 73.68 ? 112 GLU A CD  1 
ATOM   896  O  OE1 . GLU A 1 115 ? 14.632  3.003   -6.139  1.00 76.61 ? 112 GLU A OE1 1 
ATOM   897  O  OE2 . GLU A 1 115 ? 15.566  1.805   -7.773  1.00 77.45 ? 112 GLU A OE2 1 
ATOM   898  N  N   . LYS A 1 116 ? 12.103  -1.573  -4.250  1.00 55.98 ? 113 LYS A N   1 
ATOM   899  C  CA  . LYS A 1 116 ? 12.435  -2.941  -3.909  1.00 55.40 ? 113 LYS A CA  1 
ATOM   900  C  C   . LYS A 1 116 ? 11.255  -3.888  -4.191  1.00 54.14 ? 113 LYS A C   1 
ATOM   901  O  O   . LYS A 1 116 ? 11.468  -5.006  -4.651  1.00 54.01 ? 113 LYS A O   1 
ATOM   902  C  CB  . LYS A 1 116 ? 12.907  -2.971  -2.442  1.00 55.96 ? 113 LYS A CB  1 
ATOM   903  C  CG  . LYS A 1 116 ? 13.270  -4.337  -1.895  1.00 59.82 ? 113 LYS A CG  1 
ATOM   904  C  CD  . LYS A 1 116 ? 14.635  -4.871  -2.356  1.00 63.33 ? 113 LYS A CD  1 
ATOM   905  C  CE  . LYS A 1 116 ? 14.630  -6.424  -2.499  1.00 65.02 ? 113 LYS A CE  1 
ATOM   906  N  NZ  . LYS A 1 116 ? 13.935  -6.925  -3.763  1.00 66.17 ? 113 LYS A NZ  1 
ATOM   907  N  N   . ARG A 1 117 ? 10.024  -3.413  -3.956  1.00 52.92 ? 114 ARG A N   1 
ATOM   908  C  CA  . ARG A 1 117 ? 8.769   -4.140  -4.269  1.00 52.43 ? 114 ARG A CA  1 
ATOM   909  C  C   . ARG A 1 117 ? 8.602   -4.333  -5.774  1.00 51.88 ? 114 ARG A C   1 
ATOM   910  O  O   . ARG A 1 117 ? 8.171   -5.396  -6.246  1.00 51.58 ? 114 ARG A O   1 
ATOM   911  C  CB  . ARG A 1 117 ? 7.538   -3.415  -3.706  1.00 52.12 ? 114 ARG A CB  1 
ATOM   912  C  CG  . ARG A 1 117 ? 7.357   -3.547  -2.180  1.00 55.15 ? 114 ARG A CG  1 
ATOM   913  C  CD  . ARG A 1 117 ? 6.106   -2.794  -1.661  1.00 52.75 ? 114 ARG A CD  1 
ATOM   914  N  NE  . ARG A 1 117 ? 4.897   -3.406  -2.212  1.00 58.17 ? 114 ARG A NE  1 
ATOM   915  C  CZ  . ARG A 1 117 ? 4.121   -4.284  -1.582  1.00 58.53 ? 114 ARG A CZ  1 
ATOM   916  N  NH1 . ARG A 1 117 ? 4.394   -4.672  -0.336  1.00 58.25 ? 114 ARG A NH1 1 
ATOM   917  N  NH2 . ARG A 1 117 ? 3.074   -4.789  -2.215  1.00 59.33 ? 114 ARG A NH2 1 
ATOM   918  N  N   . GLN A 1 118 ? 8.971   -3.299  -6.518  1.00 51.51 ? 115 GLN A N   1 
ATOM   919  C  CA  . GLN A 1 118 ? 8.987   -3.335  -7.973  1.00 51.86 ? 115 GLN A CA  1 
ATOM   920  C  C   . GLN A 1 118 ? 10.019  -4.303  -8.537  1.00 51.50 ? 115 GLN A C   1 
ATOM   921  O  O   . GLN A 1 118 ? 9.708   -5.053  -9.441  1.00 51.49 ? 115 GLN A O   1 
ATOM   922  C  CB  . GLN A 1 118 ? 9.262   -1.936  -8.527  1.00 51.31 ? 115 GLN A CB  1 
ATOM   923  C  CG  . GLN A 1 118 ? 8.067   -1.013  -8.481  1.00 52.68 ? 115 GLN A CG  1 
ATOM   924  C  CD  . GLN A 1 118 ? 8.488   0.401   -8.735  1.00 52.47 ? 115 GLN A CD  1 
ATOM   925  O  OE1 . GLN A 1 118 ? 9.659   0.668   -8.897  1.00 52.99 ? 115 GLN A OE1 1 
ATOM   926  N  NE2 . GLN A 1 118 ? 7.551   1.309   -8.743  1.00 53.10 ? 115 GLN A NE2 1 
ATOM   927  N  N   . ARG A 1 119 ? 11.250  -4.261  -8.025  1.00 52.31 ? 116 ARG A N   1 
ATOM   928  C  CA  . ARG A 1 119 ? 12.289  -5.226  -8.407  1.00 52.66 ? 116 ARG A CA  1 
ATOM   929  C  C   . ARG A 1 119 ? 11.862  -6.653  -8.092  1.00 52.90 ? 116 ARG A C   1 
ATOM   930  O  O   . ARG A 1 119 ? 12.008  -7.517  -8.935  1.00 53.99 ? 116 ARG A O   1 
ATOM   931  C  CB  . ARG A 1 119 ? 13.630  -4.891  -7.748  1.00 53.33 ? 116 ARG A CB  1 
ATOM   932  C  CG  . ARG A 1 119 ? 14.390  -3.870  -8.529  1.00 56.75 ? 116 ARG A CG  1 
ATOM   933  C  CD  . ARG A 1 119 ? 15.780  -3.583  -7.978  1.00 65.31 ? 116 ARG A CD  1 
ATOM   934  N  NE  . ARG A 1 119 ? 15.704  -2.497  -7.012  1.00 71.45 ? 116 ARG A NE  1 
ATOM   935  C  CZ  . ARG A 1 119 ? 16.056  -2.599  -5.733  1.00 74.43 ? 116 ARG A CZ  1 
ATOM   936  N  NH1 . ARG A 1 119 ? 16.564  -3.746  -5.260  1.00 75.88 ? 116 ARG A NH1 1 
ATOM   937  N  NH2 . ARG A 1 119 ? 15.909  -1.546  -4.928  1.00 73.96 ? 116 ARG A NH2 1 
ATOM   938  N  N   . ASP A 1 120 ? 11.293  -6.880  -6.906  1.00 52.71 ? 117 ASP A N   1 
ATOM   939  C  CA  . ASP A 1 120 ? 10.812  -8.191  -6.480  1.00 53.33 ? 117 ASP A CA  1 
ATOM   940  C  C   . ASP A 1 120 ? 9.754   -8.763  -7.437  1.00 52.88 ? 117 ASP A C   1 
ATOM   941  O  O   . ASP A 1 120 ? 9.828   -9.931  -7.840  1.00 52.50 ? 117 ASP A O   1 
ATOM   942  C  CB  . ASP A 1 120 ? 10.260  -8.099  -5.048  1.00 54.24 ? 117 ASP A CB  1 
ATOM   943  C  CG  . ASP A 1 120 ? 9.813   -9.468  -4.477  1.00 56.79 ? 117 ASP A CG  1 
ATOM   944  O  OD1 . ASP A 1 120 ? 10.642  -10.399 -4.353  1.00 60.05 ? 117 ASP A OD1 1 
ATOM   945  O  OD2 . ASP A 1 120 ? 8.624   -9.608  -4.115  1.00 59.34 ? 117 ASP A OD2 1 
ATOM   946  N  N   . LEU A 1 121 ? 8.798   -7.924  -7.821  1.00 52.53 ? 118 LEU A N   1 
ATOM   947  C  CA  . LEU A 1 121 ? 7.789   -8.279  -8.799  1.00 52.34 ? 118 LEU A CA  1 
ATOM   948  C  C   . LEU A 1 121 ? 8.367   -8.511  -10.186 1.00 53.13 ? 118 LEU A C   1 
ATOM   949  O  O   . LEU A 1 121 ? 7.985   -9.470  -10.855 1.00 53.05 ? 118 LEU A O   1 
ATOM   950  C  CB  . LEU A 1 121 ? 6.702   -7.214  -8.825  1.00 52.37 ? 118 LEU A CB  1 
ATOM   951  C  CG  . LEU A 1 121 ? 5.526   -7.449  -9.769  1.00 53.39 ? 118 LEU A CG  1 
ATOM   952  C  CD1 . LEU A 1 121 ? 4.651   -8.625  -9.336  1.00 51.41 ? 118 LEU A CD1 1 
ATOM   953  C  CD2 . LEU A 1 121 ? 4.722   -6.137  -9.830  1.00 48.53 ? 118 LEU A CD2 1 
ATOM   954  N  N   . ALA A 1 122 ? 9.282   -7.649  -10.632 1.00 53.40 ? 119 ALA A N   1 
ATOM   955  C  CA  . ALA A 1 122 ? 9.934   -7.881  -11.923 1.00 53.65 ? 119 ALA A CA  1 
ATOM   956  C  C   . ALA A 1 122 ? 10.522  -9.310  -11.969 1.00 54.10 ? 119 ALA A C   1 
ATOM   957  O  O   . ALA A 1 122 ? 10.458  -9.962  -13.002 1.00 54.17 ? 119 ALA A O   1 
ATOM   958  C  CB  . ALA A 1 122 ? 11.012  -6.820  -12.198 1.00 51.95 ? 119 ALA A CB  1 
ATOM   959  N  N   . ASN A 1 123 ? 11.062  -9.804  -10.849 1.00 55.32 ? 120 ASN A N   1 
ATOM   960  C  CA  . ASN A 1 123 ? 11.609  -11.188 -10.778 1.00 56.22 ? 120 ASN A CA  1 
ATOM   961  C  C   . ASN A 1 123 ? 10.548  -12.256 -10.885 1.00 56.24 ? 120 ASN A C   1 
ATOM   962  O  O   . ASN A 1 123 ? 10.765  -13.263 -11.529 1.00 56.92 ? 120 ASN A O   1 
ATOM   963  C  CB  . ASN A 1 123 ? 12.435  -11.430 -9.498  1.00 56.32 ? 120 ASN A CB  1 
ATOM   964  C  CG  . ASN A 1 123 ? 13.738  -10.644 -9.492  1.00 58.63 ? 120 ASN A CG  1 
ATOM   965  O  OD1 . ASN A 1 123 ? 14.303  -10.360 -10.551 1.00 63.36 ? 120 ASN A OD1 1 
ATOM   966  N  ND2 . ASN A 1 123 ? 14.227  -10.288 -8.305  1.00 59.07 ? 120 ASN A ND2 1 
ATOM   967  N  N   . VAL A 1 124 ? 9.413   -12.049 -10.229 1.00 56.68 ? 121 VAL A N   1 
ATOM   968  C  CA  . VAL A 1 124 ? 8.264   -12.958 -10.340 1.00 57.46 ? 121 VAL A CA  1 
ATOM   969  C  C   . VAL A 1 124 ? 7.712   -13.006 -11.772 1.00 57.83 ? 121 VAL A C   1 
ATOM   970  O  O   . VAL A 1 124 ? 7.281   -14.051 -12.238 1.00 58.03 ? 121 VAL A O   1 
ATOM   971  C  CB  . VAL A 1 124 ? 7.147   -12.549 -9.370  1.00 57.66 ? 121 VAL A CB  1 
ATOM   972  C  CG1 . VAL A 1 124 ? 5.870   -13.392 -9.583  1.00 56.42 ? 121 VAL A CG1 1 
ATOM   973  C  CG2 . VAL A 1 124 ? 7.645   -12.596 -7.902  1.00 57.71 ? 121 VAL A CG2 1 
ATOM   974  N  N   . LEU A 1 125 ? 7.743   -11.867 -12.454 1.00 58.41 ? 122 LEU A N   1 
ATOM   975  C  CA  . LEU A 1 125 ? 7.138   -11.709 -13.771 1.00 59.35 ? 122 LEU A CA  1 
ATOM   976  C  C   . LEU A 1 125 ? 8.040   -12.059 -14.939 1.00 60.23 ? 122 LEU A C   1 
ATOM   977  O  O   . LEU A 1 125 ? 7.606   -11.938 -16.075 1.00 59.99 ? 122 LEU A O   1 
ATOM   978  C  CB  . LEU A 1 125 ? 6.642   -10.267 -13.977 1.00 58.66 ? 122 LEU A CB  1 
ATOM   979  C  CG  . LEU A 1 125 ? 5.455   -9.788  -13.127 1.00 58.68 ? 122 LEU A CG  1 
ATOM   980  C  CD1 . LEU A 1 125 ? 5.222   -8.307  -13.416 1.00 61.18 ? 122 LEU A CD1 1 
ATOM   981  C  CD2 . LEU A 1 125 ? 4.223   -10.566 -13.400 1.00 56.47 ? 122 LEU A CD2 1 
ATOM   982  N  N   . GLU A 1 126 ? 9.284   -12.467 -14.681 1.00 61.53 ? 123 GLU A N   1 
ATOM   983  C  CA  . GLU A 1 126 ? 10.247  -12.625 -15.765 1.00 62.96 ? 123 GLU A CA  1 
ATOM   984  C  C   . GLU A 1 126 ? 9.913   -13.760 -16.714 1.00 62.53 ? 123 GLU A C   1 
ATOM   985  O  O   . GLU A 1 126 ? 10.373  -13.756 -17.852 1.00 62.65 ? 123 GLU A O   1 
ATOM   986  C  CB  . GLU A 1 126 ? 11.701  -12.695 -15.279 1.00 64.05 ? 123 GLU A CB  1 
ATOM   987  C  CG  . GLU A 1 126 ? 12.187  -14.054 -14.764 1.00 68.88 ? 123 GLU A CG  1 
ATOM   988  C  CD  . GLU A 1 126 ? 13.339  -13.897 -13.746 1.00 75.33 ? 123 GLU A CD  1 
ATOM   989  O  OE1 . GLU A 1 126 ? 14.284  -13.117 -14.053 1.00 76.25 ? 123 GLU A OE1 1 
ATOM   990  O  OE2 . GLU A 1 126 ? 13.282  -14.528 -12.640 1.00 75.77 ? 123 GLU A OE2 1 
ATOM   991  N  N   . SER A 1 127 ? 9.080   -14.692 -16.263 1.00 62.44 ? 124 SER A N   1 
ATOM   992  C  CA  . SER A 1 127 ? 8.641   -15.783 -17.122 1.00 63.28 ? 124 SER A CA  1 
ATOM   993  C  C   . SER A 1 127 ? 7.329   -15.498 -17.867 1.00 62.86 ? 124 SER A C   1 
ATOM   994  O  O   . SER A 1 127 ? 6.920   -16.300 -18.697 1.00 63.42 ? 124 SER A O   1 
ATOM   995  C  CB  . SER A 1 127 ? 8.540   -17.099 -16.353 1.00 63.30 ? 124 SER A CB  1 
ATOM   996  O  OG  . SER A 1 127 ? 7.459   -17.042 -15.451 1.00 65.48 ? 124 SER A OG  1 
ATOM   997  N  N   . PHE A 1 128 ? 6.670   -14.372 -17.590 1.00 61.60 ? 125 PHE A N   1 
ATOM   998  C  CA  . PHE A 1 128 ? 5.562   -13.956 -18.439 1.00 59.71 ? 125 PHE A CA  1 
ATOM   999  C  C   . PHE A 1 128 ? 6.129   -13.416 -19.746 1.00 59.41 ? 125 PHE A C   1 
ATOM   1000 O  O   . PHE A 1 128 ? 7.147   -12.717 -19.740 1.00 58.94 ? 125 PHE A O   1 
ATOM   1001 C  CB  . PHE A 1 128 ? 4.759   -12.858 -17.774 1.00 59.75 ? 125 PHE A CB  1 
ATOM   1002 C  CG  . PHE A 1 128 ? 3.907   -13.315 -16.621 1.00 58.13 ? 125 PHE A CG  1 
ATOM   1003 C  CD1 . PHE A 1 128 ? 4.459   -14.021 -15.546 1.00 57.93 ? 125 PHE A CD1 1 
ATOM   1004 C  CD2 . PHE A 1 128 ? 2.549   -12.967 -16.585 1.00 57.75 ? 125 PHE A CD2 1 
ATOM   1005 C  CE1 . PHE A 1 128 ? 3.644   -14.426 -14.452 1.00 60.03 ? 125 PHE A CE1 1 
ATOM   1006 C  CE2 . PHE A 1 128 ? 1.724   -13.342 -15.527 1.00 59.52 ? 125 PHE A CE2 1 
ATOM   1007 C  CZ  . PHE A 1 128 ? 2.267   -14.077 -14.448 1.00 59.92 ? 125 PHE A CZ  1 
ATOM   1008 N  N   . SER A 1 129 ? 5.479   -13.742 -20.867 1.00 58.19 ? 126 SER A N   1 
ATOM   1009 C  CA  . SER A 1 129 ? 5.807   -13.144 -22.158 1.00 57.20 ? 126 SER A CA  1 
ATOM   1010 C  C   . SER A 1 129 ? 5.278   -11.703 -22.253 1.00 57.08 ? 126 SER A C   1 
ATOM   1011 O  O   . SER A 1 129 ? 4.403   -11.326 -21.500 1.00 57.61 ? 126 SER A O   1 
ATOM   1012 C  CB  . SER A 1 129 ? 5.194   -13.992 -23.284 1.00 56.84 ? 126 SER A CB  1 
ATOM   1013 O  OG  . SER A 1 129 ? 3.772   -13.947 -23.273 1.00 55.23 ? 126 SER A OG  1 
ATOM   1014 N  N   . ASP A 1 130 ? 5.786   -10.909 -23.191 1.00 57.52 ? 127 ASP A N   1 
ATOM   1015 C  CA  . ASP A 1 130 ? 5.240   -9.580  -23.483 1.00 57.56 ? 127 ASP A CA  1 
ATOM   1016 C  C   . ASP A 1 130 ? 3.713   -9.579  -23.517 1.00 58.04 ? 127 ASP A C   1 
ATOM   1017 O  O   . ASP A 1 130 ? 3.088   -8.730  -22.886 1.00 58.13 ? 127 ASP A O   1 
ATOM   1018 C  CB  . ASP A 1 130 ? 5.734   -9.078  -24.840 1.00 57.31 ? 127 ASP A CB  1 
ATOM   1019 C  CG  . ASP A 1 130 ? 7.211   -8.735  -24.844 1.00 57.58 ? 127 ASP A CG  1 
ATOM   1020 O  OD1 . ASP A 1 130 ? 7.860   -8.816  -23.777 1.00 58.80 ? 127 ASP A OD1 1 
ATOM   1021 O  OD2 . ASP A 1 130 ? 7.715   -8.360  -25.917 1.00 57.25 ? 127 ASP A OD2 1 
ATOM   1022 N  N   . GLU A 1 131 ? 3.120   -10.511 -24.268 1.00 58.52 ? 128 GLU A N   1 
ATOM   1023 C  CA  . GLU A 1 131 ? 1.665   -10.589 -24.385 1.00 59.59 ? 128 GLU A CA  1 
ATOM   1024 C  C   . GLU A 1 131 ? 0.961   -10.930 -23.086 1.00 58.72 ? 128 GLU A C   1 
ATOM   1025 O  O   . GLU A 1 131 ? -0.066  -10.333 -22.797 1.00 59.02 ? 128 GLU A O   1 
ATOM   1026 C  CB  . GLU A 1 131 ? 1.204   -11.529 -25.514 1.00 60.85 ? 128 GLU A CB  1 
ATOM   1027 C  CG  . GLU A 1 131 ? -0.229  -11.178 -26.114 1.00 66.64 ? 128 GLU A CG  1 
ATOM   1028 C  CD  . GLU A 1 131 ? -0.524  -9.614  -26.255 1.00 73.67 ? 128 GLU A CD  1 
ATOM   1029 O  OE1 . GLU A 1 131 ? -0.144  -8.975  -27.315 1.00 73.04 ? 128 GLU A OE1 1 
ATOM   1030 O  OE2 . GLU A 1 131 ? -1.152  -9.044  -25.296 1.00 74.81 ? 128 GLU A OE2 1 
ATOM   1031 N  N   . GLU A 1 132 ? 1.503   -11.851 -22.291 1.00 57.72 ? 129 GLU A N   1 
ATOM   1032 C  CA  . GLU A 1 132 ? 0.860   -12.195 -21.017 1.00 57.82 ? 129 GLU A CA  1 
ATOM   1033 C  C   . GLU A 1 132 ? 0.912   -11.051 -20.011 1.00 57.02 ? 129 GLU A C   1 
ATOM   1034 O  O   . GLU A 1 132 ? 0.010   -10.917 -19.184 1.00 56.12 ? 129 GLU A O   1 
ATOM   1035 C  CB  . GLU A 1 132 ? 1.449   -13.460 -20.383 1.00 57.25 ? 129 GLU A CB  1 
ATOM   1036 C  CG  . GLU A 1 132 ? 1.470   -14.628 -21.324 1.00 60.78 ? 129 GLU A CG  1 
ATOM   1037 C  CD  . GLU A 1 132 ? 2.119   -15.858 -20.738 1.00 63.69 ? 129 GLU A CD  1 
ATOM   1038 O  OE1 . GLU A 1 132 ? 3.324   -15.865 -20.414 1.00 64.08 ? 129 GLU A OE1 1 
ATOM   1039 O  OE2 . GLU A 1 132 ? 1.400   -16.856 -20.622 1.00 69.74 ? 129 GLU A OE2 1 
ATOM   1040 N  N   . ILE A 1 133 ? 1.960   -10.233 -20.078 1.00 56.40 ? 130 ILE A N   1 
ATOM   1041 C  CA  . ILE A 1 133 ? 2.083   -9.087  -19.163 1.00 56.08 ? 130 ILE A CA  1 
ATOM   1042 C  C   . ILE A 1 133 ? 1.011   -8.037  -19.452 1.00 54.76 ? 130 ILE A C   1 
ATOM   1043 O  O   . ILE A 1 133 ? 0.394   -7.489  -18.559 1.00 53.75 ? 130 ILE A O   1 
ATOM   1044 C  CB  . ILE A 1 133 ? 3.529   -8.499  -19.152 1.00 56.55 ? 130 ILE A CB  1 
ATOM   1045 C  CG1 . ILE A 1 133 ? 4.324   -9.189  -18.043 1.00 57.92 ? 130 ILE A CG1 1 
ATOM   1046 C  CG2 . ILE A 1 133 ? 3.522   -6.952  -18.878 1.00 57.68 ? 130 ILE A CG2 1 
ATOM   1047 C  CD1 . ILE A 1 133 ? 5.800   -9.390  -18.406 1.00 61.34 ? 130 ILE A CD1 1 
ATOM   1048 N  N   . VAL A 1 134 ? 0.800   -7.784  -20.724 1.00 53.72 ? 131 VAL A N   1 
ATOM   1049 C  CA  . VAL A 1 134 ? -0.136  -6.788  -21.163 1.00 53.71 ? 131 VAL A CA  1 
ATOM   1050 C  C   . VAL A 1 134 ? -1.610  -7.198  -20.837 1.00 53.76 ? 131 VAL A C   1 
ATOM   1051 O  O   . VAL A 1 134 ? -2.418  -6.375  -20.364 1.00 53.47 ? 131 VAL A O   1 
ATOM   1052 C  CB  . VAL A 1 134 ? 0.190   -6.469  -22.658 1.00 53.54 ? 131 VAL A CB  1 
ATOM   1053 C  CG1 . VAL A 1 134 ? -1.010  -6.073  -23.467 1.00 54.20 ? 131 VAL A CG1 1 
ATOM   1054 C  CG2 . VAL A 1 134 ? 1.245   -5.400  -22.722 1.00 54.13 ? 131 VAL A CG2 1 
ATOM   1055 N  N   . VAL A 1 135 ? -1.936  -8.478  -21.067 1.00 53.70 ? 132 VAL A N   1 
ATOM   1056 C  CA  . VAL A 1 135 ? -3.238  -9.072  -20.715 1.00 52.61 ? 132 VAL A CA  1 
ATOM   1057 C  C   . VAL A 1 135 ? -3.452  -9.063  -19.202 1.00 53.09 ? 132 VAL A C   1 
ATOM   1058 O  O   . VAL A 1 135 ? -4.514  -8.637  -18.692 1.00 52.68 ? 132 VAL A O   1 
ATOM   1059 C  CB  . VAL A 1 135 ? -3.359  -10.507 -21.302 1.00 52.61 ? 132 VAL A CB  1 
ATOM   1060 C  CG1 . VAL A 1 135 ? -4.495  -11.272 -20.686 1.00 50.33 ? 132 VAL A CG1 1 
ATOM   1061 C  CG2 . VAL A 1 135 ? -3.503  -10.422 -22.839 1.00 51.97 ? 132 VAL A CG2 1 
ATOM   1062 N  N   . PHE A 1 136 ? -2.432  -9.540  -18.496 1.00 52.76 ? 133 PHE A N   1 
ATOM   1063 C  CA  . PHE A 1 136 ? -2.420  -9.557  -17.065 1.00 53.93 ? 133 PHE A CA  1 
ATOM   1064 C  C   . PHE A 1 136 ? -2.733  -8.158  -16.471 1.00 53.90 ? 133 PHE A C   1 
ATOM   1065 O  O   . PHE A 1 136 ? -3.620  -8.016  -15.637 1.00 54.04 ? 133 PHE A O   1 
ATOM   1066 C  CB  . PHE A 1 136 ? -1.070  -10.102 -16.620 1.00 55.13 ? 133 PHE A CB  1 
ATOM   1067 C  CG  . PHE A 1 136 ? -0.912  -10.216 -15.151 1.00 59.58 ? 133 PHE A CG  1 
ATOM   1068 C  CD1 . PHE A 1 136 ? -1.671  -11.117 -14.429 1.00 62.43 ? 133 PHE A CD1 1 
ATOM   1069 C  CD2 . PHE A 1 136 ? 0.023   -9.399  -14.478 1.00 66.27 ? 133 PHE A CD2 1 
ATOM   1070 C  CE1 . PHE A 1 136 ? -1.529  -11.240 -13.053 1.00 64.64 ? 133 PHE A CE1 1 
ATOM   1071 C  CE2 . PHE A 1 136 ? 0.178   -9.493  -13.073 1.00 64.51 ? 133 PHE A CE2 1 
ATOM   1072 C  CZ  . PHE A 1 136 ? -0.598  -10.426 -12.374 1.00 66.40 ? 133 PHE A CZ  1 
ATOM   1073 N  N   . GLU A 1 137 ? -2.045  -7.125  -16.936 1.00 52.57 ? 134 GLU A N   1 
ATOM   1074 C  CA  . GLU A 1 137 ? -2.309  -5.776  -16.491 1.00 52.67 ? 134 GLU A CA  1 
ATOM   1075 C  C   . GLU A 1 137 ? -3.740  -5.330  -16.780 1.00 51.97 ? 134 GLU A C   1 
ATOM   1076 O  O   . GLU A 1 137 ? -4.391  -4.682  -15.964 1.00 51.93 ? 134 GLU A O   1 
ATOM   1077 C  CB  . GLU A 1 137 ? -1.337  -4.800  -17.173 1.00 52.18 ? 134 GLU A CB  1 
ATOM   1078 C  CG  . GLU A 1 137 ? -1.487  -3.342  -16.700 1.00 54.24 ? 134 GLU A CG  1 
ATOM   1079 C  CD  . GLU A 1 137 ? -0.801  -2.370  -17.621 1.00 56.83 ? 134 GLU A CD  1 
ATOM   1080 O  OE1 . GLU A 1 137 ? -1.048  -1.162  -17.477 1.00 58.79 ? 134 GLU A OE1 1 
ATOM   1081 O  OE2 . GLU A 1 137 ? -0.058  -2.815  -18.529 1.00 58.39 ? 134 GLU A OE2 1 
ATOM   1082 N  N   . ARG A 1 138 ? -4.188  -5.614  -17.980 1.00 52.16 ? 135 ARG A N   1 
ATOM   1083 C  CA  . ARG A 1 138 ? -5.561  -5.390  -18.346 1.00 53.84 ? 135 ARG A CA  1 
ATOM   1084 C  C   . ARG A 1 138 ? -6.569  -6.032  -17.362 1.00 53.01 ? 135 ARG A C   1 
ATOM   1085 O  O   . ARG A 1 138 ? -7.504  -5.357  -16.935 1.00 51.91 ? 135 ARG A O   1 
ATOM   1086 C  CB  . ARG A 1 138 ? -5.779  -5.898  -19.762 1.00 54.42 ? 135 ARG A CB  1 
ATOM   1087 C  CG  . ARG A 1 138 ? -6.627  -4.967  -20.576 1.00 60.29 ? 135 ARG A CG  1 
ATOM   1088 C  CD  . ARG A 1 138 ? -6.810  -5.524  -21.979 1.00 66.86 ? 135 ARG A CD  1 
ATOM   1089 N  NE  . ARG A 1 138 ? -5.709  -5.179  -22.875 1.00 71.14 ? 135 ARG A NE  1 
ATOM   1090 C  CZ  . ARG A 1 138 ? -5.144  -6.021  -23.739 1.00 72.16 ? 135 ARG A CZ  1 
ATOM   1091 N  NH1 . ARG A 1 138 ? -5.548  -7.303  -23.795 1.00 71.68 ? 135 ARG A NH1 1 
ATOM   1092 N  NH2 . ARG A 1 138 ? -4.162  -5.575  -24.531 1.00 70.53 ? 135 ARG A NH2 1 
ATOM   1093 N  N   . CYS A 1 139 ? -6.345  -7.301  -16.989 1.00 53.15 ? 136 CYS A N   1 
ATOM   1094 C  CA  . CYS A 1 139 ? -7.176  -8.020  -15.987 1.00 55.09 ? 136 CYS A CA  1 
ATOM   1095 C  C   . CYS A 1 139 ? -7.190  -7.383  -14.613 1.00 53.78 ? 136 CYS A C   1 
ATOM   1096 O  O   . CYS A 1 139 ? -8.233  -7.209  -14.013 1.00 54.05 ? 136 CYS A O   1 
ATOM   1097 C  CB  . CYS A 1 139 ? -6.697  -9.488  -15.805 1.00 55.79 ? 136 CYS A CB  1 
ATOM   1098 S  SG  . CYS A 1 139 ? -7.006  -10.521 -17.263 1.00 63.53 ? 136 CYS A SG  1 
ATOM   1099 N  N   . LEU A 1 140 ? -6.009  -7.088  -14.097 1.00 52.78 ? 137 LEU A N   1 
ATOM   1100 C  CA  . LEU A 1 140 ? -5.868  -6.374  -12.837 1.00 51.97 ? 137 LEU A CA  1 
ATOM   1101 C  C   . LEU A 1 140 ? -6.523  -4.985  -12.827 1.00 52.00 ? 137 LEU A C   1 
ATOM   1102 O  O   . LEU A 1 140 ? -7.122  -4.592  -11.840 1.00 51.86 ? 137 LEU A O   1 
ATOM   1103 C  CB  . LEU A 1 140 ? -4.397  -6.212  -12.529 1.00 50.84 ? 137 LEU A CB  1 
ATOM   1104 C  CG  . LEU A 1 140 ? -3.727  -7.549  -12.279 1.00 52.03 ? 137 LEU A CG  1 
ATOM   1105 C  CD1 . LEU A 1 140 ? -2.312  -7.205  -11.939 1.00 50.43 ? 137 LEU A CD1 1 
ATOM   1106 C  CD2 . LEU A 1 140 ? -4.437  -8.429  -11.133 1.00 46.45 ? 137 LEU A CD2 1 
ATOM   1107 N  N   . ARG A 1 141 ? -6.369  -4.247  -13.909 1.00 50.66 ? 138 ARG A N   1 
ATOM   1108 C  CA  . ARG A 1 141 ? -6.964  -2.951  -14.013 1.00 51.71 ? 138 ARG A CA  1 
ATOM   1109 C  C   . ARG A 1 141 ? -8.511  -3.068  -13.937 1.00 51.77 ? 138 ARG A C   1 
ATOM   1110 O  O   . ARG A 1 141 ? -9.128  -2.313  -13.203 1.00 52.26 ? 138 ARG A O   1 
ATOM   1111 C  CB  . ARG A 1 141 ? -6.493  -2.292  -15.310 1.00 51.63 ? 138 ARG A CB  1 
ATOM   1112 C  CG  . ARG A 1 141 ? -6.322  -0.815  -15.243 1.00 56.47 ? 138 ARG A CG  1 
ATOM   1113 C  CD  . ARG A 1 141 ? -5.595  -0.253  -16.503 1.00 60.71 ? 138 ARG A CD  1 
ATOM   1114 N  NE  . ARG A 1 141 ? -4.128  -0.246  -16.395 1.00 63.26 ? 138 ARG A NE  1 
ATOM   1115 C  CZ  . ARG A 1 141 ? -3.432  0.496   -15.528 1.00 65.12 ? 138 ARG A CZ  1 
ATOM   1116 N  NH1 . ARG A 1 141 ? -4.053  1.266   -14.633 1.00 66.90 ? 138 ARG A NH1 1 
ATOM   1117 N  NH2 . ARG A 1 141 ? -2.110  0.451   -15.522 1.00 66.05 ? 138 ARG A NH2 1 
ATOM   1118 N  N   . LYS A 1 142 ? -9.125  -4.000  -14.687 1.00 51.13 ? 139 LYS A N   1 
ATOM   1119 C  CA  . LYS A 1 142 ? -10.555 -4.291  -14.599 1.00 50.87 ? 139 LYS A CA  1 
ATOM   1120 C  C   . LYS A 1 142 ? -10.957 -4.809  -13.203 1.00 50.97 ? 139 LYS A C   1 
ATOM   1121 O  O   . LYS A 1 142 ? -11.948 -4.345  -12.641 1.00 50.66 ? 139 LYS A O   1 
ATOM   1122 C  CB  . LYS A 1 142 ? -10.956 -5.303  -15.655 1.00 51.11 ? 139 LYS A CB  1 
ATOM   1123 C  CG  . LYS A 1 142 ? -12.406 -5.189  -16.054 1.00 53.45 ? 139 LYS A CG  1 
ATOM   1124 C  CD  . LYS A 1 142 ? -12.823 -6.367  -16.933 1.00 57.81 ? 139 LYS A CD  1 
ATOM   1125 C  CE  . LYS A 1 142 ? -14.362 -6.512  -17.069 1.00 59.36 ? 139 LYS A CE  1 
ATOM   1126 N  NZ  . LYS A 1 142 ? -15.033 -5.351  -17.702 1.00 57.66 ? 139 LYS A NZ  1 
ATOM   1127 N  N   . LEU A 1 143 ? -10.184 -5.736  -12.626 1.00 50.15 ? 140 LEU A N   1 
ATOM   1128 C  CA  . LEU A 1 143 ? -10.492 -6.197  -11.290 1.00 50.73 ? 140 LEU A CA  1 
ATOM   1129 C  C   . LEU A 1 143 ? -10.538 -5.014  -10.312 1.00 51.41 ? 140 LEU A C   1 
ATOM   1130 O  O   . LEU A 1 143 ? -11.525 -4.842  -9.595  1.00 50.21 ? 140 LEU A O   1 
ATOM   1131 C  CB  . LEU A 1 143 ? -9.504  -7.261  -10.795 1.00 50.25 ? 140 LEU A CB  1 
ATOM   1132 C  CG  . LEU A 1 143 ? -9.771  -7.716  -9.352  1.00 51.37 ? 140 LEU A CG  1 
ATOM   1133 C  CD1 . LEU A 1 143 ? -11.151 -8.377  -9.251  1.00 51.69 ? 140 LEU A CD1 1 
ATOM   1134 C  CD2 . LEU A 1 143 ? -8.731  -8.672  -8.829  1.00 52.75 ? 140 LEU A CD2 1 
ATOM   1135 N  N   . HIS A 1 144 ? -9.461  -4.219  -10.287 1.00 52.63 ? 141 HIS A N   1 
ATOM   1136 C  CA  . HIS A 1 144 ? -9.343  -3.098  -9.372  1.00 54.29 ? 141 HIS A CA  1 
ATOM   1137 C  C   . HIS A 1 144 ? -10.485 -2.096  -9.546  1.00 54.56 ? 141 HIS A C   1 
ATOM   1138 O  O   . HIS A 1 144 ? -11.055 -1.603  -8.572  1.00 55.29 ? 141 HIS A O   1 
ATOM   1139 C  CB  . HIS A 1 144 ? -7.994  -2.384  -9.483  1.00 54.49 ? 141 HIS A CB  1 
ATOM   1140 C  CG  . HIS A 1 144 ? -7.901  -1.188  -8.598  1.00 56.85 ? 141 HIS A CG  1 
ATOM   1141 N  ND1 . HIS A 1 144 ? -7.987  0.106   -9.083  1.00 58.93 ? 141 HIS A ND1 1 
ATOM   1142 C  CD2 . HIS A 1 144 ? -7.832  -1.086  -7.246  1.00 57.23 ? 141 HIS A CD2 1 
ATOM   1143 C  CE1 . HIS A 1 144 ? -7.923  0.954   -8.068  1.00 59.84 ? 141 HIS A CE1 1 
ATOM   1144 N  NE2 . HIS A 1 144 ? -7.831  0.259   -6.944  1.00 59.20 ? 141 HIS A NE2 1 
ATOM   1145 N  N   . GLN A 1 145 ? -10.808 -1.797  -10.778 1.00 55.09 ? 142 GLN A N   1 
ATOM   1146 C  CA  . GLN A 1 145 ? -11.888 -0.888  -11.064 1.00 56.90 ? 142 GLN A CA  1 
ATOM   1147 C  C   . GLN A 1 145 ? -13.272 -1.420  -10.611 1.00 57.15 ? 142 GLN A C   1 
ATOM   1148 O  O   . GLN A 1 145 ? -14.066 -0.677  -10.042 1.00 57.84 ? 142 GLN A O   1 
ATOM   1149 C  CB  . GLN A 1 145 ? -11.828 -0.539  -12.535 1.00 57.00 ? 142 GLN A CB  1 
ATOM   1150 C  CG  . GLN A 1 145 ? -13.105 -0.052  -13.154 1.00 63.78 ? 142 GLN A CG  1 
ATOM   1151 C  CD  . GLN A 1 145 ? -13.131 -0.360  -14.652 1.00 71.42 ? 142 GLN A CD  1 
ATOM   1152 O  OE1 . GLN A 1 145 ? -14.105 -0.934  -15.178 1.00 72.38 ? 142 GLN A OE1 1 
ATOM   1153 N  NE2 . GLN A 1 145 ? -12.025 -0.023  -15.343 1.00 74.55 ? 142 GLN A NE2 1 
ATOM   1154 N  N   . GLU A 1 146 ? -13.561 -2.696  -10.819 1.00 57.38 ? 143 GLU A N   1 
ATOM   1155 C  CA  . GLU A 1 146 ? -14.827 -3.255  -10.348 1.00 58.17 ? 143 GLU A CA  1 
ATOM   1156 C  C   . GLU A 1 146 ? -14.920 -3.382  -8.825  1.00 59.31 ? 143 GLU A C   1 
ATOM   1157 O  O   . GLU A 1 146 ? -16.005 -3.361  -8.269  1.00 59.81 ? 143 GLU A O   1 
ATOM   1158 C  CB  . GLU A 1 146 ? -15.109 -4.606  -11.002 1.00 57.20 ? 143 GLU A CB  1 
ATOM   1159 C  CG  . GLU A 1 146 ? -15.258 -4.531  -12.488 1.00 58.01 ? 143 GLU A CG  1 
ATOM   1160 C  CD  . GLU A 1 146 ? -16.328 -3.524  -12.943 1.00 60.55 ? 143 GLU A CD  1 
ATOM   1161 O  OE1 . GLU A 1 146 ? -17.483 -3.574  -12.454 1.00 59.60 ? 143 GLU A OE1 1 
ATOM   1162 O  OE2 . GLU A 1 146 ? -16.006 -2.669  -13.800 1.00 62.23 ? 143 GLU A OE2 1 
HETATM 1163 N  N   . MSE A 1 147 ? -13.781 -3.524  -8.161  1.00 60.97 ? 144 MSE A N   1 
HETATM 1164 C  CA  . MSE A 1 147 ? -13.705 -3.684  -6.712  1.00 62.13 ? 144 MSE A CA  1 
HETATM 1165 C  C   . MSE A 1 147 ? -13.849 -2.376  -5.975  1.00 62.66 ? 144 MSE A C   1 
HETATM 1166 O  O   . MSE A 1 147 ? -14.144 -2.369  -4.783  1.00 62.03 ? 144 MSE A O   1 
HETATM 1167 C  CB  . MSE A 1 147 ? -12.339 -4.181  -6.327  1.00 62.11 ? 144 MSE A CB  1 
HETATM 1168 C  CG  . MSE A 1 147 ? -12.125 -5.628  -6.485  1.00 65.34 ? 144 MSE A CG  1 
HETATM 1169 SE SE  . MSE A 1 147 ? -10.229 -5.851  -6.021  0.80 73.54 ? 144 MSE A SE  1 
HETATM 1170 C  CE  . MSE A 1 147 ? -10.520 -6.894  -4.390  1.00 68.73 ? 144 MSE A CE  1 
ATOM   1171 N  N   . THR A 1 148 ? -13.558 -1.276  -6.665  1.00 63.92 ? 145 THR A N   1 
ATOM   1172 C  CA  . THR A 1 148 ? -13.601 0.057   -6.061  1.00 64.81 ? 145 THR A CA  1 
ATOM   1173 C  C   . THR A 1 148 ? -14.802 0.827   -6.615  1.00 65.89 ? 145 THR A C   1 
ATOM   1174 O  O   . THR A 1 148 ? -14.836 2.066   -6.620  1.00 66.65 ? 145 THR A O   1 
ATOM   1175 C  CB  . THR A 1 148 ? -12.277 0.832   -6.244  1.00 64.45 ? 145 THR A CB  1 
ATOM   1176 O  OG1 . THR A 1 148 ? -12.076 1.092   -7.629  1.00 65.54 ? 145 THR A OG1 1 
ATOM   1177 C  CG2 . THR A 1 148 ? -11.102 0.055   -5.700  1.00 63.08 ? 145 THR A CG2 1 
ATOM   1178 N  N   . LYS A 1 149 ? -15.790 0.056   -7.068  1.00 67.20 ? 146 LYS A N   1 
ATOM   1179 C  CA  . LYS A 1 149 ? -17.138 0.524   -7.435  1.00 68.07 ? 146 LYS A CA  1 
ATOM   1180 C  C   . LYS A 1 149 ? -17.263 0.762   -8.937  1.00 67.74 ? 146 LYS A C   1 
ATOM   1181 O  O   . LYS A 1 149 ? -17.931 -0.006  -9.628  1.00 67.22 ? 146 LYS A O   1 
ATOM   1182 C  CB  . LYS A 1 149 ? -17.582 1.725   -6.570  1.00 68.29 ? 146 LYS A CB  1 
ATOM   1183 C  CG  . LYS A 1 149 ? -18.426 2.781   -7.259  1.00 71.40 ? 146 LYS A CG  1 
ATOM   1184 C  CD  . LYS A 1 149 ? -19.277 3.541   -6.235  1.00 74.86 ? 146 LYS A CD  1 
ATOM   1185 C  CE  . LYS A 1 149 ? -20.703 3.716   -6.757  1.00 76.49 ? 146 LYS A CE  1 
ATOM   1186 N  NZ  . LYS A 1 149 ? -21.313 2.402   -7.185  1.00 76.24 ? 146 LYS A NZ  1 
HETATM 1187 NA NA  . NA  B 2 .   ? 11.082  -2.994  9.685   1.00 35.28 ? 148 NA  A NA  1 
HETATM 1188 P  P   . PO4 C 3 .   ? -21.513 -17.978 -7.371  1.00 83.98 ? 149 PO4 A P   1 
HETATM 1189 O  O1  . PO4 C 3 .   ? -21.760 -19.392 -7.844  1.00 85.51 ? 149 PO4 A O1  1 
HETATM 1190 O  O2  . PO4 C 3 .   ? -20.750 -17.942 -6.048  1.00 80.65 ? 149 PO4 A O2  1 
HETATM 1191 O  O3  . PO4 C 3 .   ? -22.826 -17.214 -7.228  1.00 84.92 ? 149 PO4 A O3  1 
HETATM 1192 O  O4  . PO4 C 3 .   ? -20.755 -17.377 -8.529  1.00 86.53 ? 149 PO4 A O4  1 
HETATM 1193 P  P   . PO4 D 3 .   ? 5.937   -7.389  -4.382  1.00 91.37 ? 150 PO4 A P   1 
HETATM 1194 O  O1  . PO4 D 3 .   ? 5.477   -6.274  -5.329  1.00 87.98 ? 150 PO4 A O1  1 
HETATM 1195 O  O2  . PO4 D 3 .   ? 7.243   -7.151  -3.648  1.00 90.53 ? 150 PO4 A O2  1 
HETATM 1196 O  O3  . PO4 D 3 .   ? 4.938   -7.563  -3.255  1.00 94.30 ? 150 PO4 A O3  1 
HETATM 1197 O  O4  . PO4 D 3 .   ? 6.066   -8.675  -5.176  1.00 92.13 ? 150 PO4 A O4  1 
HETATM 1198 C  C1  . BME E 4 .   ? -8.732  -8.801  -20.619 1.00 83.78 ? 151 BME A C1  1 
HETATM 1199 C  C2  . BME E 4 .   ? -9.626  -8.873  -19.380 1.00 84.08 ? 151 BME A C2  1 
HETATM 1200 O  O1  . BME E 4 .   ? -8.923  -7.533  -21.197 1.00 83.69 ? 151 BME A O1  1 
HETATM 1201 S  S2  . BME E 4 .   ? -8.850  -9.841  -18.051 1.00 83.44 ? 151 BME A S2  1 
HETATM 1202 C  C1  . BME F 4 .   ? -13.972 11.775  12.236  1.00 86.48 ? 152 BME A C1  1 
HETATM 1203 C  C2  . BME F 4 .   ? -12.879 12.828  12.236  1.00 86.35 ? 152 BME A C2  1 
HETATM 1204 O  O1  . BME F 4 .   ? -14.447 11.499  13.540  1.00 86.77 ? 152 BME A O1  1 
HETATM 1205 S  S2  . BME F 4 .   ? -11.457 12.246  13.183  1.00 86.12 ? 152 BME A S2  1 
HETATM 1206 O  O   . HOH G 5 .   ? -8.652  0.827   14.553  1.00 42.31 ? 153 HOH A O   1 
HETATM 1207 O  O   . HOH G 5 .   ? 6.330   -3.785  1.917   1.00 42.18 ? 154 HOH A O   1 
HETATM 1208 O  O   . HOH G 5 .   ? -8.826  -3.272  -18.427 1.00 68.21 ? 155 HOH A O   1 
HETATM 1209 O  O   . HOH G 5 .   ? -4.935  -13.694 1.975   1.00 43.04 ? 156 HOH A O   1 
HETATM 1210 O  O   . HOH G 5 .   ? -12.838 -20.619 -2.533  1.00 37.05 ? 157 HOH A O   1 
HETATM 1211 O  O   . HOH G 5 .   ? 2.792   -12.722 6.256   1.00 38.95 ? 158 HOH A O   1 
HETATM 1212 O  O   . HOH G 5 .   ? -3.300  -12.037 3.307   1.00 38.83 ? 159 HOH A O   1 
HETATM 1213 O  O   . HOH G 5 .   ? 3.163   -6.950  4.136   1.00 41.60 ? 160 HOH A O   1 
HETATM 1214 O  O   . HOH G 5 .   ? -0.568  -1.831  1.045   1.00 55.50 ? 161 HOH A O   1 
HETATM 1215 O  O   . HOH G 5 .   ? -1.480  -8.810  0.820   1.00 43.26 ? 162 HOH A O   1 
HETATM 1216 O  O   . HOH G 5 .   ? 1.831   -1.092  -19.660 1.00 44.25 ? 163 HOH A O   1 
HETATM 1217 O  O   . HOH G 5 .   ? 10.698  -10.916 -1.187  1.00 60.72 ? 164 HOH A O   1 
HETATM 1218 O  O   . HOH G 5 .   ? -13.590 -25.534 -8.154  1.00 56.08 ? 165 HOH A O   1 
HETATM 1219 O  O   . HOH G 5 .   ? -22.339 -23.219 -10.640 1.00 49.90 ? 166 HOH A O   1 
HETATM 1220 O  O   . HOH G 5 .   ? 11.371  -15.818 -11.678 1.00 59.69 ? 167 HOH A O   1 
HETATM 1221 O  O   . HOH G 5 .   ? 13.389  14.721  7.169   1.00 49.13 ? 168 HOH A O   1 
HETATM 1222 O  O   . HOH G 5 .   ? 1.087   -14.177 4.640   1.00 37.60 ? 169 HOH A O   1 
HETATM 1223 O  O   . HOH G 5 .   ? -11.834 -24.580 -3.999  1.00 64.09 ? 170 HOH A O   1 
HETATM 1224 O  O   . HOH G 5 .   ? -10.817 -0.155  -0.547  1.00 55.38 ? 171 HOH A O   1 
HETATM 1225 O  O   . HOH G 5 .   ? -5.362  15.801  11.628  1.00 49.26 ? 172 HOH A O   1 
HETATM 1226 O  O   . HOH G 5 .   ? -3.617  -13.034 5.794   1.00 51.04 ? 173 HOH A O   1 
HETATM 1227 O  O   . HOH G 5 .   ? -4.982  8.276   20.262  1.00 58.41 ? 174 HOH A O   1 
HETATM 1228 O  O   . HOH G 5 .   ? 10.430  -8.283  -24.017 1.00 55.29 ? 175 HOH A O   1 
HETATM 1229 O  O   . HOH G 5 .   ? -3.683  -3.076  -22.959 1.00 55.50 ? 176 HOH A O   1 
HETATM 1230 O  O   . HOH G 5 .   ? 5.857   -12.497 8.720   1.00 51.46 ? 177 HOH A O   1 
HETATM 1231 O  O   . HOH G 5 .   ? 7.453   -15.838 -1.664  1.00 70.17 ? 178 HOH A O   1 
HETATM 1232 O  O   . HOH G 5 .   ? -4.574  14.148  15.937  1.00 53.32 ? 179 HOH A O   1 
HETATM 1233 O  O   . HOH G 5 .   ? 7.543   -15.367 0.700   1.00 64.97 ? 180 HOH A O   1 
HETATM 1234 O  O   . HOH G 5 .   ? -20.585 -25.571 -12.019 1.00 63.29 ? 181 HOH A O   1 
HETATM 1235 O  O   . HOH G 5 .   ? 17.897  -5.287  -2.314  1.00 77.72 ? 182 HOH A O   1 
HETATM 1236 O  O   . HOH G 5 .   ? 4.380   12.854  18.755  1.00 67.71 ? 183 HOH A O   1 
HETATM 1237 O  O   . HOH G 5 .   ? -2.376  0.461   0.362   1.00 55.39 ? 184 HOH A O   1 
HETATM 1238 O  O   . HOH G 5 .   ? -1.463  -14.327 6.024   1.00 55.74 ? 185 HOH A O   1 
HETATM 1239 O  O   . HOH G 5 .   ? -0.849  -6.099  5.839   1.00 61.99 ? 186 HOH A O   1 
HETATM 1240 O  O   . HOH G 5 .   ? -2.418  -3.696  -20.572 1.00 52.44 ? 187 HOH A O   1 
HETATM 1241 O  O   . HOH G 5 .   ? -4.761  -0.125  6.608   1.00 60.33 ? 188 HOH A O   1 
HETATM 1242 O  O   . HOH G 5 .   ? 8.437   -11.795 -25.007 1.00 56.94 ? 189 HOH A O   1 
HETATM 1243 O  O   . HOH G 5 .   ? -7.217  -2.018  8.057   1.00 49.69 ? 190 HOH A O   1 
HETATM 1244 O  O   . HOH G 5 .   ? -12.377 -22.941 -1.475  1.00 53.09 ? 191 HOH A O   1 
HETATM 1245 O  O   . HOH G 5 .   ? 14.563  -5.426  1.597   1.00 53.93 ? 192 HOH A O   1 
HETATM 1246 O  O   . HOH G 5 .   ? -0.200  -18.425 0.196   1.00 59.43 ? 193 HOH A O   1 
HETATM 1247 O  O   . HOH G 5 .   ? 18.373  -5.974  -5.168  1.00 71.93 ? 194 HOH A O   1 
HETATM 1248 O  O   . HOH G 5 .   ? 10.369  -0.756  12.953  1.00 57.35 ? 195 HOH A O   1 
HETATM 1249 O  O   . HOH G 5 .   ? 0.648   1.143   -18.116 1.00 64.55 ? 196 HOH A O   1 
HETATM 1250 O  O   . HOH G 5 .   ? 0.231   8.024   20.869  1.00 64.80 ? 197 HOH A O   1 
HETATM 1251 O  O   . HOH G 5 .   ? -5.830  0.659   18.397  1.00 67.65 ? 198 HOH A O   1 
HETATM 1252 O  O   . HOH G 5 .   ? -5.438  13.324  -3.893  1.00 66.67 ? 199 HOH A O   1 
HETATM 1253 O  O   . HOH G 5 .   ? -24.925 -19.844 -10.210 1.00 60.06 ? 200 HOH A O   1 
HETATM 1254 O  O   . HOH G 5 .   ? 19.161  -5.373  6.690   1.00 69.15 ? 201 HOH A O   1 
HETATM 1255 O  O   . HOH G 5 .   ? 15.958  -6.830  -6.306  1.00 76.28 ? 202 HOH A O   1 
HETATM 1256 O  O   . HOH G 5 .   ? -18.624 -6.147  -11.807 1.00 54.13 ? 203 HOH A O   1 
HETATM 1257 O  O   . HOH G 5 .   ? 4.754   2.659   19.516  1.00 71.47 ? 204 HOH A O   1 
HETATM 1258 O  O   . HOH G 5 .   ? 2.575   14.544  2.540   1.00 60.04 ? 205 HOH A O   1 
HETATM 1259 O  O   . HOH G 5 .   ? -25.040 -15.520 -8.113  1.00 69.33 ? 206 HOH A O   1 
HETATM 1260 O  O   . HOH G 5 .   ? -8.996  3.269   0.810   1.00 47.42 ? 207 HOH A O   1 
HETATM 1261 O  O   . HOH G 5 .   ? 18.888  -4.987  -7.736  1.00 64.07 ? 208 HOH A O   1 
HETATM 1262 O  O   . HOH G 5 .   ? -6.671  2.506   19.744  1.00 56.26 ? 209 HOH A O   1 
HETATM 1263 O  O   . HOH G 5 .   ? 4.136   -11.976 -26.815 1.00 47.72 ? 210 HOH A O   1 
HETATM 1264 O  O   . HOH G 5 .   ? 2.049   6.441   19.623  1.00 62.88 ? 211 HOH A O   1 
HETATM 1265 O  O   . HOH G 5 .   ? 1.713   24.643  10.978  1.00 66.54 ? 212 HOH A O   1 
HETATM 1266 O  O   . HOH G 5 .   ? 1.251   14.300  -3.728  1.00 66.57 ? 213 HOH A O   1 
HETATM 1267 O  O   . HOH G 5 .   ? 8.648   -10.119 -18.959 1.00 69.74 ? 214 HOH A O   1 
HETATM 1268 O  O   . HOH G 5 .   ? -4.850  1.066   3.054   1.00 61.90 ? 215 HOH A O   1 
HETATM 1269 O  O   . HOH G 5 .   ? -10.346 -14.038 -2.061  1.00 48.04 ? 216 HOH A O   1 
HETATM 1270 O  O   . HOH G 5 .   ? -5.895  16.913  3.028   1.00 51.96 ? 217 HOH A O   1 
HETATM 1271 O  O   . HOH G 5 .   ? -11.438 4.652   1.944   1.00 52.51 ? 218 HOH A O   1 
HETATM 1272 O  O   . HOH G 5 .   ? -12.132 10.875  4.552   1.00 52.96 ? 219 HOH A O   1 
HETATM 1273 O  O   . HOH G 5 .   ? 8.428   15.006  12.810  1.00 56.82 ? 220 HOH A O   1 
HETATM 1274 O  O   . HOH G 5 .   ? 13.175  14.042  9.649   1.00 60.51 ? 221 HOH A O   1 
HETATM 1275 O  O   . HOH G 5 .   ? -10.026 9.502   3.133   1.00 51.99 ? 222 HOH A O   1 
HETATM 1276 O  O   . HOH G 5 .   ? -13.561 -5.337  -20.382 1.00 62.90 ? 223 HOH A O   1 
HETATM 1277 O  O   . HOH G 5 .   ? -25.347 -14.693 -10.386 1.00 79.46 ? 224 HOH A O   1 
HETATM 1278 O  O   . HOH G 5 .   ? 15.928  11.485  11.817  1.00 67.34 ? 225 HOH A O   1 
HETATM 1279 O  O   . HOH G 5 .   ? -24.982 -15.738 -5.356  1.00 80.61 ? 226 HOH A O   1 
HETATM 1280 O  O   . HOH G 5 .   ? 18.079  9.460   11.816  1.00 73.50 ? 227 HOH A O   1 
HETATM 1281 O  O   . HOH G 5 .   ? 11.966  -15.674 -19.846 1.00 71.27 ? 228 HOH A O   1 
HETATM 1282 O  O   . HOH G 5 .   ? 0.686   33.589  5.979   1.00 63.09 ? 229 HOH A O   1 
HETATM 1283 O  O   . HOH G 5 .   ? 6.542   -12.243 -26.417 1.00 64.94 ? 230 HOH A O   1 
# 
